data_1R9V
# 
_entry.id   1R9V 
# 
_audit_conform.dict_name       mmcif_pdbx.dic 
_audit_conform.dict_version    5.381 
_audit_conform.dict_location   http://mmcif.pdb.org/dictionaries/ascii/mmcif_pdbx.dic 
# 
loop_
_database_2.database_id 
_database_2.database_code 
_database_2.pdbx_database_accession 
_database_2.pdbx_DOI 
PDB   1R9V         pdb_00001r9v 10.2210/pdb1r9v/pdb 
RCSB  RCSB020617   ?            ?                   
WWPDB D_1000020617 ?            ?                   
# 
_pdbx_database_status.status_code                     REL 
_pdbx_database_status.entry_id                        1R9V 
_pdbx_database_status.recvd_initial_deposition_date   2003-10-31 
_pdbx_database_status.deposit_site                    RCSB 
_pdbx_database_status.process_site                    RCSB 
_pdbx_database_status.status_code_mr                  REL 
_pdbx_database_status.SG_entry                        . 
_pdbx_database_status.status_code_sf                  ? 
_pdbx_database_status.status_code_cs                  ? 
_pdbx_database_status.methods_development_category    ? 
_pdbx_database_status.pdb_format_compatible           Y 
_pdbx_database_status.status_code_nmr_data            ? 
# 
loop_
_audit_author.name 
_audit_author.pdbx_ordinal 
'Navarro, E.' 1 
'Celda, B.'   2 
# 
_citation.id                        primary 
_citation.title                     'Solution NMR Structure of a D,L-Alternating Oligonorleucine as a Model of Beta-Helix' 
_citation.journal_abbrev            Biopolymers 
_citation.journal_volume            59 
_citation.page_first                110 
_citation.page_last                 119 
_citation.year                      2001 
_citation.journal_id_ASTM           BIPMAA 
_citation.country                   US 
_citation.journal_id_ISSN           0006-3525 
_citation.journal_id_CSD            0161 
_citation.book_publisher            ? 
_citation.pdbx_database_id_PubMed   11373724 
_citation.pdbx_database_id_DOI      '10.1002/1097-0282(200108)59:2<110::AID-BIP1010>3.3.CO;2-J' 
# 
loop_
_citation_author.citation_id 
_citation_author.name 
_citation_author.ordinal 
_citation_author.identifier_ORCID 
primary 'Navarro, E.' 1 ? 
primary 'Tejero, R.'  2 ? 
primary 'Fenude, E.'  3 ? 
primary 'Celda, B.'   4 ? 
# 
_cell.entry_id           1R9V 
_cell.length_a           1.000 
_cell.length_b           1.000 
_cell.length_c           1.000 
_cell.angle_alpha        90.00 
_cell.angle_beta         90.00 
_cell.angle_gamma        90.00 
_cell.Z_PDB              1 
_cell.pdbx_unique_axis   ? 
# 
_symmetry.entry_id                         1R9V 
_symmetry.space_group_name_H-M             'P 1' 
_symmetry.pdbx_full_space_group_name_H-M   ? 
_symmetry.cell_setting                     ? 
_symmetry.Int_Tables_number                1 
# 
_entity.id                         1 
_entity.type                       polymer 
_entity.src_method                 syn 
_entity.pdbx_description           'BOC-(D-NLE-L-NLE)4-D-NLE(METHYL)-L-NLE-D-NLE-L-NLE METHYL ESTER' 
_entity.formula_weight             1504.076 
_entity.pdbx_number_of_molecules   1 
_entity.pdbx_ec                    ? 
_entity.pdbx_mutation              ? 
_entity.pdbx_fragment              ? 
_entity.details                    ? 
# 
_entity_poly.entity_id                      1 
_entity_poly.type                           'polypeptide(L)' 
_entity_poly.nstd_linkage                   no 
_entity_poly.nstd_monomer                   yes 
_entity_poly.pdbx_seq_one_letter_code       '(BOC)(DNE)(NLE)(DNE)(NLE)(DNE)(NLE)(DNE)(NLE)(DNM)(NLE)(DNE)(NLO)' 
_entity_poly.pdbx_seq_one_letter_code_can   XLLLLLLLLXLLL 
_entity_poly.pdbx_strand_id                 A 
_entity_poly.pdbx_target_identifier         ? 
# 
loop_
_entity_poly_seq.entity_id 
_entity_poly_seq.num 
_entity_poly_seq.mon_id 
_entity_poly_seq.hetero 
1 1  BOC n 
1 2  DNE n 
1 3  NLE n 
1 4  DNE n 
1 5  NLE n 
1 6  DNE n 
1 7  NLE n 
1 8  DNE n 
1 9  NLE n 
1 10 DNM n 
1 11 NLE n 
1 12 DNE n 
1 13 NLO n 
# 
_pdbx_entity_src_syn.entity_id              1 
_pdbx_entity_src_syn.pdbx_src_id            1 
_pdbx_entity_src_syn.pdbx_alt_source_flag   sample 
_pdbx_entity_src_syn.pdbx_beg_seq_num       ? 
_pdbx_entity_src_syn.pdbx_end_seq_num       ? 
_pdbx_entity_src_syn.organism_scientific    ? 
_pdbx_entity_src_syn.organism_common_name   ? 
_pdbx_entity_src_syn.ncbi_taxonomy_id       ? 
_pdbx_entity_src_syn.details                'D,L-Alternating sequence as in Gramicidin A' 
# 
_struct_ref.id                         1 
_struct_ref.entity_id                  1 
_struct_ref.db_name                    PDB 
_struct_ref.db_code                    1R9V 
_struct_ref.pdbx_db_accession          ? 
_struct_ref.pdbx_align_begin           ? 
_struct_ref.pdbx_seq_one_letter_code   ? 
_struct_ref.pdbx_db_isoform            ? 
# 
_struct_ref_seq.align_id                      1 
_struct_ref_seq.ref_id                        1 
_struct_ref_seq.pdbx_PDB_id_code              1R9V 
_struct_ref_seq.pdbx_strand_id                A 
_struct_ref_seq.seq_align_beg                 2 
_struct_ref_seq.pdbx_seq_align_beg_ins_code   ? 
_struct_ref_seq.seq_align_end                 13 
_struct_ref_seq.pdbx_seq_align_end_ins_code   ? 
_struct_ref_seq.pdbx_db_accession             ? 
_struct_ref_seq.db_align_beg                  1 
_struct_ref_seq.pdbx_db_align_beg_ins_code    ? 
_struct_ref_seq.db_align_end                  13 
_struct_ref_seq.pdbx_db_align_end_ins_code    ? 
_struct_ref_seq.pdbx_auth_seq_align_beg       1 
_struct_ref_seq.pdbx_auth_seq_align_end       12 
# 
loop_
_chem_comp.id 
_chem_comp.type 
_chem_comp.mon_nstd_flag 
_chem_comp.name 
_chem_comp.pdbx_synonyms 
_chem_comp.formula 
_chem_comp.formula_weight 
BOC non-polymer         . 'TERT-BUTYL HYDROGEN CARBONATE' ? 'C5 H10 O3'   118.131 
DNE 'D-peptide linking' . D-NORLEUCINE                    ? 'C6 H13 N O2' 131.173 
DNM 'D-peptide linking' . N-methyl-D-norleucine           ? 'C7 H15 N O2' 145.199 
NLE 'L-peptide linking' n NORLEUCINE                      ? 'C6 H13 N O2' 131.173 
NLO 'L-peptide linking' n O-METHYL-L-NORLEUCINE           ? 'C7 H15 N O2' 145.199 
# 
loop_
_pdbx_nmr_exptl.experiment_id 
_pdbx_nmr_exptl.solution_id 
_pdbx_nmr_exptl.conditions_id 
_pdbx_nmr_exptl.type 
1 1 1 DQF-COSY   
2 1 1 '2D TOCSY' 
3 1 1 '2D ROESY' 
# 
_pdbx_nmr_exptl_sample_conditions.conditions_id       1 
_pdbx_nmr_exptl_sample_conditions.temperature         298 
_pdbx_nmr_exptl_sample_conditions.pressure            ambient 
_pdbx_nmr_exptl_sample_conditions.pH                  ? 
_pdbx_nmr_exptl_sample_conditions.ionic_strength      ? 
_pdbx_nmr_exptl_sample_conditions.pressure_units      ? 
_pdbx_nmr_exptl_sample_conditions.temperature_units   K 
# 
_pdbx_nmr_sample_details.solution_id      1 
_pdbx_nmr_sample_details.contents         '5.5 mM ; chloroform-d' 
_pdbx_nmr_sample_details.solvent_system   chloroform-d 
# 
_pdbx_nmr_spectrometer.spectrometer_id   1 
_pdbx_nmr_spectrometer.type              ? 
_pdbx_nmr_spectrometer.manufacturer      Varian 
_pdbx_nmr_spectrometer.model             UNITY 
_pdbx_nmr_spectrometer.field_strength    400 
# 
_pdbx_nmr_refine.entry_id           1R9V 
_pdbx_nmr_refine.method             'molecular dynamics' 
_pdbx_nmr_refine.details            
'Structures based in 38 distance restraints deduced from NOE NMR data, 16 are backbone restraints.' 
_pdbx_nmr_refine.software_ordinal   1 
# 
_pdbx_nmr_ensemble.entry_id                                      1R9V 
_pdbx_nmr_ensemble.conformers_calculated_total_number            25 
_pdbx_nmr_ensemble.conformers_submitted_total_number             5 
_pdbx_nmr_ensemble.conformer_selection_criteria                  'structures with the lowest energy' 
_pdbx_nmr_ensemble.average_constraints_per_residue               ? 
_pdbx_nmr_ensemble.average_constraint_violations_per_residue     ? 
_pdbx_nmr_ensemble.maximum_distance_constraint_violation         ? 
_pdbx_nmr_ensemble.average_distance_constraint_violation         ? 
_pdbx_nmr_ensemble.maximum_upper_distance_constraint_violation   ? 
_pdbx_nmr_ensemble.maximum_lower_distance_constraint_violation   ? 
_pdbx_nmr_ensemble.distance_constraint_violation_method          ? 
_pdbx_nmr_ensemble.maximum_torsion_angle_constraint_violation    ? 
_pdbx_nmr_ensemble.average_torsion_angle_constraint_violation    ? 
_pdbx_nmr_ensemble.torsion_angle_constraint_violation_method     ? 
# 
_pdbx_nmr_representative.entry_id             1R9V 
_pdbx_nmr_representative.conformer_id         1 
_pdbx_nmr_representative.selection_criteria   'lowest energy' 
# 
loop_
_pdbx_nmr_software.name 
_pdbx_nmr_software.version 
_pdbx_nmr_software.classification 
_pdbx_nmr_software.authors 
_pdbx_nmr_software.ordinal 
Discover 2.9.7 'structure solution' BIOSYM 1 
Discover 2.9.7 refinement           BIOSYM 2 
# 
_exptl.entry_id          1R9V 
_exptl.method            'SOLUTION NMR' 
_exptl.crystals_number   ? 
# 
_exptl_crystal.id                    1 
_exptl_crystal.density_meas          ? 
_exptl_crystal.density_percent_sol   ? 
_exptl_crystal.description           ? 
_exptl_crystal.density_Matthews      ? 
# 
_diffrn.id                     1 
_diffrn.ambient_temp           ? 
_diffrn.ambient_temp_details   ? 
_diffrn.crystal_id             1 
# 
_diffrn_radiation.diffrn_id                        1 
_diffrn_radiation.wavelength_id                    1 
_diffrn_radiation.pdbx_monochromatic_or_laue_m_l   M 
_diffrn_radiation.monochromator                    ? 
_diffrn_radiation.pdbx_diffrn_protocol             'SINGLE WAVELENGTH' 
_diffrn_radiation.pdbx_scattering_type             x-ray 
# 
_diffrn_radiation_wavelength.id           1 
_diffrn_radiation_wavelength.wavelength   . 
_diffrn_radiation_wavelength.wt           1.0 
# 
_struct.entry_id                  1R9V 
_struct.title                     'NMR Structure of a D,L-Alternating Dodecamer of Norleucine' 
_struct.pdbx_model_details        ? 
_struct.pdbx_CASP_flag            ? 
_struct.pdbx_model_type_details   ? 
# 
_struct_keywords.entry_id        1R9V 
_struct_keywords.pdbx_keywords   'DE NOVO PROTEIN' 
_struct_keywords.text            'BETA HELIX, ION CHANNEL, DE NOVO PROTEIN' 
# 
_struct_asym.id                            A 
_struct_asym.pdbx_blank_PDB_chainid_flag   N 
_struct_asym.pdbx_modified                 N 
_struct_asym.entity_id                     1 
_struct_asym.details                       ? 
# 
_struct_biol.id        1 
_struct_biol.details   ? 
# 
loop_
_struct_conn.id 
_struct_conn.conn_type_id 
_struct_conn.pdbx_leaving_atom_flag 
_struct_conn.pdbx_PDB_id 
_struct_conn.ptnr1_label_asym_id 
_struct_conn.ptnr1_label_comp_id 
_struct_conn.ptnr1_label_seq_id 
_struct_conn.ptnr1_label_atom_id 
_struct_conn.pdbx_ptnr1_label_alt_id 
_struct_conn.pdbx_ptnr1_PDB_ins_code 
_struct_conn.pdbx_ptnr1_standard_comp_id 
_struct_conn.ptnr1_symmetry 
_struct_conn.ptnr2_label_asym_id 
_struct_conn.ptnr2_label_comp_id 
_struct_conn.ptnr2_label_seq_id 
_struct_conn.ptnr2_label_atom_id 
_struct_conn.pdbx_ptnr2_label_alt_id 
_struct_conn.pdbx_ptnr2_PDB_ins_code 
_struct_conn.ptnr1_auth_asym_id 
_struct_conn.ptnr1_auth_comp_id 
_struct_conn.ptnr1_auth_seq_id 
_struct_conn.ptnr2_auth_asym_id 
_struct_conn.ptnr2_auth_comp_id 
_struct_conn.ptnr2_auth_seq_id 
_struct_conn.ptnr2_symmetry 
_struct_conn.pdbx_ptnr3_label_atom_id 
_struct_conn.pdbx_ptnr3_label_seq_id 
_struct_conn.pdbx_ptnr3_label_comp_id 
_struct_conn.pdbx_ptnr3_label_asym_id 
_struct_conn.pdbx_ptnr3_label_alt_id 
_struct_conn.pdbx_ptnr3_PDB_ins_code 
_struct_conn.details 
_struct_conn.pdbx_dist_value 
_struct_conn.pdbx_value_order 
_struct_conn.pdbx_role 
covale1  covale both ? A DNE 2  C ? ? ? 1_555 A NLE 3  N ? ? A DNE 1  A NLE 2  1_555 ? ? ? ? ? ? ? 1.337 sing ? 
covale2  covale both ? A NLE 3  C ? ? ? 1_555 A DNE 4  N ? ? A NLE 2  A DNE 3  1_555 ? ? ? ? ? ? ? 1.335 sing ? 
covale3  covale both ? A DNE 4  C ? ? ? 1_555 A NLE 5  N ? ? A DNE 3  A NLE 4  1_555 ? ? ? ? ? ? ? 1.332 sing ? 
covale4  covale both ? A NLE 5  C ? ? ? 1_555 A DNE 6  N ? ? A NLE 4  A DNE 5  1_555 ? ? ? ? ? ? ? 1.333 sing ? 
covale5  covale both ? A DNE 6  C ? ? ? 1_555 A NLE 7  N ? ? A DNE 5  A NLE 6  1_555 ? ? ? ? ? ? ? 1.336 sing ? 
covale6  covale both ? A NLE 7  C ? ? ? 1_555 A DNE 8  N ? ? A NLE 6  A DNE 7  1_555 ? ? ? ? ? ? ? 1.333 sing ? 
covale7  covale both ? A DNE 8  C ? ? ? 1_555 A NLE 9  N ? ? A DNE 7  A NLE 8  1_555 ? ? ? ? ? ? ? 1.331 sing ? 
covale8  covale both ? A NLE 9  C ? ? ? 1_555 A DNM 10 N ? ? A NLE 8  A DNM 9  1_555 ? ? ? ? ? ? ? 1.344 sing ? 
covale9  covale both ? A DNM 10 C ? ? ? 1_555 A NLE 11 N ? ? A DNM 9  A NLE 10 1_555 ? ? ? ? ? ? ? 1.335 sing ? 
covale10 covale both ? A NLE 11 C ? ? ? 1_555 A DNE 12 N ? ? A NLE 10 A DNE 11 1_555 ? ? ? ? ? ? ? 1.332 sing ? 
covale11 covale both ? A DNE 12 C ? ? ? 1_555 A NLO 13 N ? ? A DNE 11 A NLO 12 1_555 ? ? ? ? ? ? ? 1.338 sing ? 
# 
_struct_conn_type.id          covale 
_struct_conn_type.criteria    ? 
_struct_conn_type.reference   ? 
# 
_struct_sheet.id               A 
_struct_sheet.type             ? 
_struct_sheet.number_strands   2 
_struct_sheet.details          ? 
# 
_struct_sheet_order.sheet_id     A 
_struct_sheet_order.range_id_1   1 
_struct_sheet_order.range_id_2   2 
_struct_sheet_order.offset       ? 
_struct_sheet_order.sense        parallel 
# 
loop_
_struct_sheet_range.sheet_id 
_struct_sheet_range.id 
_struct_sheet_range.beg_label_comp_id 
_struct_sheet_range.beg_label_asym_id 
_struct_sheet_range.beg_label_seq_id 
_struct_sheet_range.pdbx_beg_PDB_ins_code 
_struct_sheet_range.end_label_comp_id 
_struct_sheet_range.end_label_asym_id 
_struct_sheet_range.end_label_seq_id 
_struct_sheet_range.pdbx_end_PDB_ins_code 
_struct_sheet_range.beg_auth_comp_id 
_struct_sheet_range.beg_auth_asym_id 
_struct_sheet_range.beg_auth_seq_id 
_struct_sheet_range.end_auth_comp_id 
_struct_sheet_range.end_auth_asym_id 
_struct_sheet_range.end_auth_seq_id 
A 1 DNE A 4 ? NLE A 5 ? DNE A 3 NLE A 4 
A 2 DNE A 8 ? NLE A 9 ? DNE A 7 NLE A 8 
# 
_pdbx_struct_sheet_hbond.sheet_id                A 
_pdbx_struct_sheet_hbond.range_id_1              1 
_pdbx_struct_sheet_hbond.range_id_2              2 
_pdbx_struct_sheet_hbond.range_1_label_atom_id   O 
_pdbx_struct_sheet_hbond.range_1_label_comp_id   DNE 
_pdbx_struct_sheet_hbond.range_1_label_asym_id   A 
_pdbx_struct_sheet_hbond.range_1_label_seq_id    4 
_pdbx_struct_sheet_hbond.range_1_PDB_ins_code    ? 
_pdbx_struct_sheet_hbond.range_1_auth_atom_id    O 
_pdbx_struct_sheet_hbond.range_1_auth_comp_id    DNE 
_pdbx_struct_sheet_hbond.range_1_auth_asym_id    A 
_pdbx_struct_sheet_hbond.range_1_auth_seq_id     3 
_pdbx_struct_sheet_hbond.range_2_label_atom_id   N 
_pdbx_struct_sheet_hbond.range_2_label_comp_id   NLE 
_pdbx_struct_sheet_hbond.range_2_label_asym_id   A 
_pdbx_struct_sheet_hbond.range_2_label_seq_id    9 
_pdbx_struct_sheet_hbond.range_2_PDB_ins_code    ? 
_pdbx_struct_sheet_hbond.range_2_auth_atom_id    N 
_pdbx_struct_sheet_hbond.range_2_auth_comp_id    NLE 
_pdbx_struct_sheet_hbond.range_2_auth_asym_id    A 
_pdbx_struct_sheet_hbond.range_2_auth_seq_id     8 
# 
_atom_sites.entry_id                    1R9V 
_atom_sites.fract_transf_matrix[1][1]   1.000000 
_atom_sites.fract_transf_matrix[1][2]   0.000000 
_atom_sites.fract_transf_matrix[1][3]   0.000000 
_atom_sites.fract_transf_matrix[2][1]   0.000000 
_atom_sites.fract_transf_matrix[2][2]   1.000000 
_atom_sites.fract_transf_matrix[2][3]   0.000000 
_atom_sites.fract_transf_matrix[3][1]   0.000000 
_atom_sites.fract_transf_matrix[3][2]   0.000000 
_atom_sites.fract_transf_matrix[3][3]   1.000000 
_atom_sites.fract_transf_vector[1]      0.00000 
_atom_sites.fract_transf_vector[2]      0.00000 
_atom_sites.fract_transf_vector[3]      0.00000 
# 
loop_
_atom_type.symbol 
C 
H 
N 
O 
# 
loop_
_atom_site.group_PDB 
_atom_site.id 
_atom_site.type_symbol 
_atom_site.label_atom_id 
_atom_site.label_alt_id 
_atom_site.label_comp_id 
_atom_site.label_asym_id 
_atom_site.label_entity_id 
_atom_site.label_seq_id 
_atom_site.pdbx_PDB_ins_code 
_atom_site.Cartn_x 
_atom_site.Cartn_y 
_atom_site.Cartn_z 
_atom_site.occupancy 
_atom_site.B_iso_or_equiv 
_atom_site.pdbx_formal_charge 
_atom_site.auth_seq_id 
_atom_site.auth_comp_id 
_atom_site.auth_asym_id 
_atom_site.auth_atom_id 
_atom_site.pdbx_PDB_model_num 
HETATM 1    N N   . DNE A 1 2  ? -3.094 -3.588 -4.350 1.00 1.00 ? 1  DNE A N   1 
HETATM 2    C CA  . DNE A 1 2  ? -2.517 -4.751 -3.640 1.00 1.00 ? 1  DNE A CA  1 
HETATM 3    C C   . DNE A 1 2  ? -0.988 -4.838 -3.785 1.00 1.00 ? 1  DNE A C   1 
HETATM 4    O O   . DNE A 1 2  ? -0.373 -5.736 -3.212 1.00 1.00 ? 1  DNE A O   1 
HETATM 5    C CB  . DNE A 1 2  ? -2.923 -4.696 -2.161 1.00 1.00 ? 1  DNE A CB  1 
HETATM 6    C CG  . DNE A 1 2  ? -4.442 -4.810 -1.967 1.00 1.00 ? 1  DNE A CG  1 
HETATM 7    C CD  . DNE A 1 2  ? -4.846 -4.685 -0.492 1.00 1.00 ? 1  DNE A CD  1 
HETATM 8    C CE  . DNE A 1 2  ? -4.381 -5.876 0.351  1.00 1.00 ? 1  DNE A CE  1 
HETATM 9    H H1  . DNE A 1 2  ? -2.841 -3.606 -5.344 1.00 1.00 ? 1  DNE A H1  1 
HETATM 10   H H2  . DNE A 1 2  ? -2.708 -2.712 -3.966 1.00 1.00 ? 1  DNE A H2  1 
HETATM 11   H HA  . DNE A 1 2  ? -2.930 -5.662 -4.075 1.00 1.00 ? 1  DNE A HA  1 
HETATM 12   H HB2 . DNE A 1 2  ? -2.438 -5.522 -1.640 1.00 1.00 ? 1  DNE A HB2 1 
HETATM 13   H HB3 . DNE A 1 2  ? -2.574 -3.758 -1.732 1.00 1.00 ? 1  DNE A HB3 1 
HETATM 14   H HG2 . DNE A 1 2  ? -4.935 -4.009 -2.517 1.00 1.00 ? 1  DNE A HG2 1 
HETATM 15   H HG3 . DNE A 1 2  ? -4.793 -5.764 -2.362 1.00 1.00 ? 1  DNE A HG3 1 
HETATM 16   H HD2 . DNE A 1 2  ? -4.431 -3.767 -0.073 1.00 1.00 ? 1  DNE A HD2 1 
HETATM 17   H HD3 . DNE A 1 2  ? -5.934 -4.630 -0.437 1.00 1.00 ? 1  DNE A HD3 1 
HETATM 18   H HE1 . DNE A 1 2  ? -4.735 -6.808 -0.090 1.00 1.00 ? 1  DNE A HE1 1 
HETATM 19   H HE2 . DNE A 1 2  ? -3.294 -5.896 0.420  1.00 1.00 ? 1  DNE A HE2 1 
HETATM 20   H HE3 . DNE A 1 2  ? -4.789 -5.783 1.358  1.00 1.00 ? 1  DNE A HE3 1 
HETATM 21   N N   . NLE A 1 3  ? -0.367 -3.928 -4.541 1.00 1.00 ? 2  NLE A N   1 
HETATM 22   C CA  . NLE A 1 3  ? 1.069  -3.875 -4.775 1.00 1.00 ? 2  NLE A CA  1 
HETATM 23   C C   . NLE A 1 3  ? 1.439  -2.398 -4.864 1.00 1.00 ? 2  NLE A C   1 
HETATM 24   O O   . NLE A 1 3  ? 0.913  -1.690 -5.723 1.00 1.00 ? 2  NLE A O   1 
HETATM 25   C CB  . NLE A 1 3  ? 1.440  -4.604 -6.075 1.00 1.00 ? 2  NLE A CB  1 
HETATM 26   C CG  . NLE A 1 3  ? 1.128  -6.105 -6.015 1.00 1.00 ? 2  NLE A CG  1 
HETATM 27   C CD  . NLE A 1 3  ? 1.655  -6.809 -7.270 1.00 1.00 ? 2  NLE A CD  1 
HETATM 28   C CE  . NLE A 1 3  ? 1.333  -8.304 -7.218 1.00 1.00 ? 2  NLE A CE  1 
HETATM 29   H H   . NLE A 1 3  ? -0.918 -3.202 -4.978 1.00 1.00 ? 2  NLE A H   1 
HETATM 30   H HA  . NLE A 1 3  ? 1.604  -4.328 -3.938 1.00 1.00 ? 2  NLE A HA  1 
HETATM 31   H HB2 . NLE A 1 3  ? 0.899  -4.157 -6.913 1.00 1.00 ? 2  NLE A HB2 1 
HETATM 32   H HB3 . NLE A 1 3  ? 2.509  -4.475 -6.245 1.00 1.00 ? 2  NLE A HB3 1 
HETATM 33   H HG2 . NLE A 1 3  ? 1.600  -6.538 -5.131 1.00 1.00 ? 2  NLE A HG2 1 
HETATM 34   H HG3 . NLE A 1 3  ? 0.050  -6.256 -5.954 1.00 1.00 ? 2  NLE A HG3 1 
HETATM 35   H HD2 . NLE A 1 3  ? 1.188  -6.374 -8.155 1.00 1.00 ? 2  NLE A HD2 1 
HETATM 36   H HD3 . NLE A 1 3  ? 2.735  -6.679 -7.338 1.00 1.00 ? 2  NLE A HD3 1 
HETATM 37   H HE1 . NLE A 1 3  ? 1.802  -8.754 -6.342 1.00 1.00 ? 2  NLE A HE1 1 
HETATM 38   H HE2 . NLE A 1 3  ? 0.254  -8.452 -7.165 1.00 1.00 ? 2  NLE A HE2 1 
HETATM 39   H HE3 . NLE A 1 3  ? 1.715  -8.790 -8.116 1.00 1.00 ? 2  NLE A HE3 1 
HETATM 40   N N   . DNE A 1 4  ? 2.304  -1.915 -3.969 1.00 1.00 ? 3  DNE A N   1 
HETATM 41   C CA  . DNE A 1 4  ? 2.569  -0.489 -3.864 1.00 1.00 ? 3  DNE A CA  1 
HETATM 42   C C   . DNE A 1 4  ? 1.329  0.154  -3.241 1.00 1.00 ? 3  DNE A C   1 
HETATM 43   O O   . DNE A 1 4  ? 1.279  0.394  -2.037 1.00 1.00 ? 3  DNE A O   1 
HETATM 44   C CB  . DNE A 1 4  ? 3.845  -0.223 -3.061 1.00 1.00 ? 3  DNE A CB  1 
HETATM 45   C CG  . DNE A 1 4  ? 5.053  -0.894 -3.724 1.00 1.00 ? 3  DNE A CG  1 
HETATM 46   C CD  . DNE A 1 4  ? 6.340  -0.333 -3.119 1.00 1.00 ? 3  DNE A CD  1 
HETATM 47   C CE  . DNE A 1 4  ? 7.567  -0.995 -3.749 1.00 1.00 ? 3  DNE A CE  1 
HETATM 48   H H   . DNE A 1 4  ? 2.761  -2.536 -3.319 1.00 1.00 ? 3  DNE A H   1 
HETATM 49   H HA  . DNE A 1 4  ? 2.737  -0.062 -4.855 1.00 1.00 ? 3  DNE A HA  1 
HETATM 50   H HB2 . DNE A 1 4  ? 4.002  0.856  -3.031 1.00 1.00 ? 3  DNE A HB2 1 
HETATM 51   H HB3 . DNE A 1 4  ? 3.744  -0.586 -2.040 1.00 1.00 ? 3  DNE A HB3 1 
HETATM 52   H HG2 . DNE A 1 4  ? 5.011  -1.973 -3.569 1.00 1.00 ? 3  DNE A HG2 1 
HETATM 53   H HG3 . DNE A 1 4  ? 5.049  -0.686 -4.795 1.00 1.00 ? 3  DNE A HG3 1 
HETATM 54   H HD2 . DNE A 1 4  ? 6.368  0.740  -3.312 1.00 1.00 ? 3  DNE A HD2 1 
HETATM 55   H HD3 . DNE A 1 4  ? 6.349  -0.508 -2.042 1.00 1.00 ? 3  DNE A HD3 1 
HETATM 56   H HE1 . DNE A 1 4  ? 8.473  -0.573 -3.312 1.00 1.00 ? 3  DNE A HE1 1 
HETATM 57   H HE2 . DNE A 1 4  ? 7.548  -2.069 -3.561 1.00 1.00 ? 3  DNE A HE2 1 
HETATM 58   H HE3 . DNE A 1 4  ? 7.576  -0.818 -4.825 1.00 1.00 ? 3  DNE A HE3 1 
HETATM 59   N N   . NLE A 1 5  ? 0.316  0.396  -4.071 1.00 1.00 ? 4  NLE A N   1 
HETATM 60   C CA  . NLE A 1 5  ? -0.957 0.960  -3.658 1.00 1.00 ? 4  NLE A CA  1 
HETATM 61   C C   . NLE A 1 5  ? -1.632 -0.031 -2.714 1.00 1.00 ? 4  NLE A C   1 
HETATM 62   O O   . NLE A 1 5  ? -1.898 -1.169 -3.099 1.00 1.00 ? 4  NLE A O   1 
HETATM 63   C CB  . NLE A 1 5  ? -1.834 1.247  -4.882 1.00 1.00 ? 4  NLE A CB  1 
HETATM 64   C CG  . NLE A 1 5  ? -1.214 2.335  -5.768 1.00 1.00 ? 4  NLE A CG  1 
HETATM 65   C CD  . NLE A 1 5  ? -2.061 2.623  -7.014 1.00 1.00 ? 4  NLE A CD  1 
HETATM 66   C CE  . NLE A 1 5  ? -3.422 3.241  -6.672 1.00 1.00 ? 4  NLE A CE  1 
HETATM 67   H H   . NLE A 1 5  ? 0.435  0.117  -5.040 1.00 1.00 ? 4  NLE A H   1 
HETATM 68   H HA  . NLE A 1 5  ? -0.787 1.900  -3.133 1.00 1.00 ? 4  NLE A HA  1 
HETATM 69   H HB2 . NLE A 1 5  ? -1.971 0.330  -5.458 1.00 1.00 ? 4  NLE A HB2 1 
HETATM 70   H HB3 . NLE A 1 5  ? -2.807 1.582  -4.522 1.00 1.00 ? 4  NLE A HB3 1 
HETATM 71   H HG2 . NLE A 1 5  ? -1.095 3.254  -5.192 1.00 1.00 ? 4  NLE A HG2 1 
HETATM 72   H HG3 . NLE A 1 5  ? -0.228 2.010  -6.104 1.00 1.00 ? 4  NLE A HG3 1 
HETATM 73   H HD2 . NLE A 1 5  ? -1.515 3.329  -7.643 1.00 1.00 ? 4  NLE A HD2 1 
HETATM 74   H HD3 . NLE A 1 5  ? -2.211 1.703  -7.578 1.00 1.00 ? 4  NLE A HD3 1 
HETATM 75   H HE1 . NLE A 1 5  ? -3.921 3.537  -7.596 1.00 1.00 ? 4  NLE A HE1 1 
HETATM 76   H HE2 . NLE A 1 5  ? -4.053 2.521  -6.154 1.00 1.00 ? 4  NLE A HE2 1 
HETATM 77   H HE3 . NLE A 1 5  ? -3.286 4.124  -6.047 1.00 1.00 ? 4  NLE A HE3 1 
HETATM 78   N N   . DNE A 1 6  ? -1.886 0.402  -1.479 1.00 1.00 ? 5  DNE A N   1 
HETATM 79   C CA  . DNE A 1 6  ? -2.517 -0.387 -0.434 1.00 1.00 ? 5  DNE A CA  1 
HETATM 80   C C   . DNE A 1 6  ? -1.641 -1.566 0.008  1.00 1.00 ? 5  DNE A C   1 
HETATM 81   O O   . DNE A 1 6  ? -2.139 -2.504 0.625  1.00 1.00 ? 5  DNE A O   1 
HETATM 82   C CB  . DNE A 1 6  ? -3.946 -0.806 -0.816 1.00 1.00 ? 5  DNE A CB  1 
HETATM 83   C CG  . DNE A 1 6  ? -4.780 0.393  -1.292 1.00 1.00 ? 5  DNE A CG  1 
HETATM 84   C CD  . DNE A 1 6  ? -6.279 0.074  -1.347 1.00 1.00 ? 5  DNE A CD  1 
HETATM 85   C CE  . DNE A 1 6  ? -6.595 -1.056 -2.331 1.00 1.00 ? 5  DNE A CE  1 
HETATM 86   H H   . DNE A 1 6  ? -1.598 1.339  -1.208 1.00 1.00 ? 5  DNE A H   1 
HETATM 87   H HA  . DNE A 1 6  ? -2.589 0.274  0.424  1.00 1.00 ? 5  DNE A HA  1 
HETATM 88   H HB2 . DNE A 1 6  ? -3.913 -1.566 -1.597 1.00 1.00 ? 5  DNE A HB2 1 
HETATM 89   H HB3 . DNE A 1 6  ? -4.421 -1.240 0.064  1.00 1.00 ? 5  DNE A HB3 1 
HETATM 90   H HG2 . DNE A 1 6  ? -4.637 1.225  -0.603 1.00 1.00 ? 5  DNE A HG2 1 
HETATM 91   H HG3 . DNE A 1 6  ? -4.447 0.700  -2.283 1.00 1.00 ? 5  DNE A HG3 1 
HETATM 92   H HD2 . DNE A 1 6  ? -6.634 -0.203 -0.353 1.00 1.00 ? 5  DNE A HD2 1 
HETATM 93   H HD3 . DNE A 1 6  ? -6.810 0.972  -1.666 1.00 1.00 ? 5  DNE A HD3 1 
HETATM 94   H HE1 . DNE A 1 6  ? -6.184 -1.998 -1.970 1.00 1.00 ? 5  DNE A HE1 1 
HETATM 95   H HE2 . DNE A 1 6  ? -7.676 -1.162 -2.422 1.00 1.00 ? 5  DNE A HE2 1 
HETATM 96   H HE3 . DNE A 1 6  ? -6.175 -0.828 -3.311 1.00 1.00 ? 5  DNE A HE3 1 
HETATM 97   N N   . NLE A 1 7  ? -0.339 -1.513 -0.286 1.00 1.00 ? 6  NLE A N   1 
HETATM 98   C CA  . NLE A 1 7  ? 0.639  -2.493 0.166  1.00 1.00 ? 6  NLE A CA  1 
HETATM 99   C C   . NLE A 1 7  ? 1.960  -1.743 0.317  1.00 1.00 ? 6  NLE A C   1 
HETATM 100  O O   . NLE A 1 7  ? 2.981  -2.110 -0.260 1.00 1.00 ? 6  NLE A O   1 
HETATM 101  C CB  . NLE A 1 7  ? 0.693  -3.662 -0.831 1.00 1.00 ? 6  NLE A CB  1 
HETATM 102  C CG  . NLE A 1 7  ? 1.560  -4.856 -0.397 1.00 1.00 ? 6  NLE A CG  1 
HETATM 103  C CD  . NLE A 1 7  ? 1.189  -5.456 0.968  1.00 1.00 ? 6  NLE A CD  1 
HETATM 104  C CE  . NLE A 1 7  ? -0.281 -5.877 1.041  1.00 1.00 ? 6  NLE A CE  1 
HETATM 105  H H   . NLE A 1 7  ? 0.011  -0.731 -0.832 1.00 1.00 ? 6  NLE A H   1 
HETATM 106  H HA  . NLE A 1 7  ? 0.337  -2.858 1.148  1.00 1.00 ? 6  NLE A HA  1 
HETATM 107  H HB2 . NLE A 1 7  ? -0.320 -4.027 -0.991 1.00 1.00 ? 6  NLE A HB2 1 
HETATM 108  H HB3 . NLE A 1 7  ? 1.064  -3.289 -1.784 1.00 1.00 ? 6  NLE A HB3 1 
HETATM 109  H HG2 . NLE A 1 7  ? 1.455  -5.635 -1.153 1.00 1.00 ? 6  NLE A HG2 1 
HETATM 110  H HG3 . NLE A 1 7  ? 2.609  -4.565 -0.371 1.00 1.00 ? 6  NLE A HG3 1 
HETATM 111  H HD2 . NLE A 1 7  ? 1.807  -6.340 1.124  1.00 1.00 ? 6  NLE A HD2 1 
HETATM 112  H HD3 . NLE A 1 7  ? 1.408  -4.748 1.767  1.00 1.00 ? 6  NLE A HD3 1 
HETATM 113  H HE1 . NLE A 1 7  ? -0.933 -5.003 1.015  1.00 1.00 ? 6  NLE A HE1 1 
HETATM 114  H HE2 . NLE A 1 7  ? -0.522 -6.535 0.205  1.00 1.00 ? 6  NLE A HE2 1 
HETATM 115  H HE3 . NLE A 1 7  ? -0.457 -6.412 1.975  1.00 1.00 ? 6  NLE A HE3 1 
HETATM 116  N N   . DNE A 1 8  ? 1.904  -0.649 1.076  1.00 1.00 ? 7  DNE A N   1 
HETATM 117  C CA  . DNE A 1 8  ? 2.967  0.332  1.208  1.00 1.00 ? 7  DNE A CA  1 
HETATM 118  C C   . DNE A 1 8  ? 2.285  1.691  1.116  1.00 1.00 ? 7  DNE A C   1 
HETATM 119  O O   . DNE A 1 8  ? 1.924  2.277  2.132  1.00 1.00 ? 7  DNE A O   1 
HETATM 120  C CB  . DNE A 1 8  ? 3.770  0.155  2.507  1.00 1.00 ? 7  DNE A CB  1 
HETATM 121  C CG  . DNE A 1 8  ? 4.272  -1.282 2.694  1.00 1.00 ? 7  DNE A CG  1 
HETATM 122  C CD  . DNE A 1 8  ? 5.143  -1.379 3.951  1.00 1.00 ? 7  DNE A CD  1 
HETATM 123  C CE  . DNE A 1 8  ? 5.621  -2.818 4.157  1.00 1.00 ? 7  DNE A CE  1 
HETATM 124  H H   . DNE A 1 8  ? 1.028  -0.457 1.557  1.00 1.00 ? 7  DNE A H   1 
HETATM 125  H HA  . DNE A 1 8  ? 3.668  0.262  0.379  1.00 1.00 ? 7  DNE A HA  1 
HETATM 126  H HB2 . DNE A 1 8  ? 4.628  0.827  2.465  1.00 1.00 ? 7  DNE A HB2 1 
HETATM 127  H HB3 . DNE A 1 8  ? 3.175  0.438  3.369  1.00 1.00 ? 7  DNE A HB3 1 
HETATM 128  H HG2 . DNE A 1 8  ? 3.423  -1.959 2.803  1.00 1.00 ? 7  DNE A HG2 1 
HETATM 129  H HG3 . DNE A 1 8  ? 4.855  -1.579 1.821  1.00 1.00 ? 7  DNE A HG3 1 
HETATM 130  H HD2 . DNE A 1 8  ? 6.010  -0.725 3.848  1.00 1.00 ? 7  DNE A HD2 1 
HETATM 131  H HD3 . DNE A 1 8  ? 4.565  -1.068 4.822  1.00 1.00 ? 7  DNE A HD3 1 
HETATM 132  H HE1 . DNE A 1 8  ? 6.242  -2.870 5.052  1.00 1.00 ? 7  DNE A HE1 1 
HETATM 133  H HE2 . DNE A 1 8  ? 4.765  -3.481 4.278  1.00 1.00 ? 7  DNE A HE2 1 
HETATM 134  H HE3 . DNE A 1 8  ? 6.208  -3.141 3.297  1.00 1.00 ? 7  DNE A HE3 1 
HETATM 135  N N   . NLE A 1 9  ? 2.075  2.181  -0.104 1.00 1.00 ? 8  NLE A N   1 
HETATM 136  C CA  . NLE A 1 9  ? 1.446  3.472  -0.322 1.00 1.00 ? 8  NLE A CA  1 
HETATM 137  C C   . NLE A 1 9  ? 0.000  3.368  0.181  1.00 1.00 ? 8  NLE A C   1 
HETATM 138  O O   . NLE A 1 9  ? -0.611 2.317  -0.002 1.00 1.00 ? 8  NLE A O   1 
HETATM 139  C CB  . NLE A 1 9  ? 1.495  3.827  -1.814 1.00 1.00 ? 8  NLE A CB  1 
HETATM 140  C CG  . NLE A 1 9  ? 2.933  4.021  -2.312 1.00 1.00 ? 8  NLE A CG  1 
HETATM 141  C CD  . NLE A 1 9  ? 3.000  4.126  -3.841 1.00 1.00 ? 8  NLE A CD  1 
HETATM 142  C CE  . NLE A 1 9  ? 2.225  5.330  -4.384 1.00 1.00 ? 8  NLE A CE  1 
HETATM 143  H H   . NLE A 1 9  ? 2.313  1.611  -0.906 1.00 1.00 ? 8  NLE A H   1 
HETATM 144  H HA  . NLE A 1 9  ? 2.006  4.216  0.245  1.00 1.00 ? 8  NLE A HA  1 
HETATM 145  H HB2 . NLE A 1 9  ? 1.023  3.030  -2.385 1.00 1.00 ? 8  NLE A HB2 1 
HETATM 146  H HB3 . NLE A 1 9  ? 0.931  4.746  -1.976 1.00 1.00 ? 8  NLE A HB3 1 
HETATM 147  H HG2 . NLE A 1 9  ? 3.354  4.922  -1.863 1.00 1.00 ? 8  NLE A HG2 1 
HETATM 148  H HG3 . NLE A 1 9  ? 3.547  3.171  -2.012 1.00 1.00 ? 8  NLE A HG3 1 
HETATM 149  H HD2 . NLE A 1 9  ? 4.047  4.229  -4.133 1.00 1.00 ? 8  NLE A HD2 1 
HETATM 150  H HD3 . NLE A 1 9  ? 2.606  3.213  -4.290 1.00 1.00 ? 8  NLE A HD3 1 
HETATM 151  H HE1 . NLE A 1 9  ? 2.405  5.419  -5.455 1.00 1.00 ? 8  NLE A HE1 1 
HETATM 152  H HE2 . NLE A 1 9  ? 1.155  5.201  -4.223 1.00 1.00 ? 8  NLE A HE2 1 
HETATM 153  H HE3 . NLE A 1 9  ? 2.560  6.243  -3.891 1.00 1.00 ? 8  NLE A HE3 1 
HETATM 154  C C   . DNM A 1 10 ? -1.774 3.111  2.543  1.00 1.00 ? 9  DNM A C   1 
HETATM 155  N N   . DNM A 1 10 ? -0.568 4.410  0.811  1.00 1.00 ? 9  DNM A N   1 
HETATM 156  O O   . DNM A 1 10 ? -1.028 3.239  3.514  1.00 1.00 ? 9  DNM A O   1 
HETATM 157  C C1  . DNM A 1 10 ? 0.076  5.718  0.929  1.00 1.00 ? 9  DNM A C1  1 
HETATM 158  C CA  . DNM A 1 10 ? -1.854 4.231  1.495  1.00 1.00 ? 9  DNM A CA  1 
HETATM 159  C CB  . DNM A 1 10 ? -3.012 4.084  0.486  1.00 1.00 ? 9  DNM A CB  1 
HETATM 160  C CD  . DNM A 1 10 ? -4.243 5.168  -1.465 1.00 1.00 ? 9  DNM A CD  1 
HETATM 161  C CE  . DNM A 1 10 ? -3.931 4.134  -2.553 1.00 1.00 ? 9  DNM A CE  1 
HETATM 162  C CG  . DNM A 1 10 ? -3.106 5.302  -0.444 1.00 1.00 ? 9  DNM A CG  1 
HETATM 163  H HA  . DNM A 1 10 ? -2.056 5.108  2.096  1.00 1.00 ? 9  DNM A HA  1 
HETATM 164  H HB  . DNM A 1 10 ? -3.950 3.993  1.036  1.00 1.00 ? 9  DNM A HB  1 
HETATM 165  H HBA . DNM A 1 10 ? -2.882 3.185  -0.113 1.00 1.00 ? 9  DNM A HBA 1 
HETATM 166  H H1  . DNM A 1 10 ? 0.522  6.015  -0.020 1.00 1.00 ? 9  DNM A H1  1 
HETATM 167  H H1A . DNM A 1 10 ? 0.851  5.683  1.695  1.00 1.00 ? 9  DNM A H1A 1 
HETATM 168  H H1B . DNM A 1 10 ? -0.642 6.492  1.200  1.00 1.00 ? 9  DNM A H1B 1 
HETATM 169  H HD  . DNM A 1 10 ? -4.383 6.135  -1.950 1.00 1.00 ? 9  DNM A HD  1 
HETATM 170  H HDA . DNM A 1 10 ? -5.170 4.900  -0.956 1.00 1.00 ? 9  DNM A HDA 1 
HETATM 171  H HE  . DNM A 1 10 ? -3.858 3.134  -2.130 1.00 1.00 ? 9  DNM A HE  1 
HETATM 172  H HEA . DNM A 1 10 ? -4.732 4.139  -3.293 1.00 1.00 ? 9  DNM A HEA 1 
HETATM 173  H HEB . DNM A 1 10 ? -2.993 4.385  -3.049 1.00 1.00 ? 9  DNM A HEB 1 
HETATM 174  H HG  . DNM A 1 10 ? -2.169 5.443  -0.984 1.00 1.00 ? 9  DNM A HG  1 
HETATM 175  H HGA . DNM A 1 10 ? -3.291 6.188  0.165  1.00 1.00 ? 9  DNM A HGA 1 
HETATM 176  N N   . NLE A 1 11 ? -2.541 2.029  2.392  1.00 1.00 ? 10 NLE A N   1 
HETATM 177  C CA  . NLE A 1 11 ? -2.534 0.963  3.383  1.00 1.00 ? 10 NLE A CA  1 
HETATM 178  C C   . NLE A 1 11 ? -1.134 0.348  3.458  1.00 1.00 ? 10 NLE A C   1 
HETATM 179  O O   . NLE A 1 11 ? -0.514 0.061  2.433  1.00 1.00 ? 10 NLE A O   1 
HETATM 180  C CB  . NLE A 1 11 ? -3.632 -0.076 3.120  1.00 1.00 ? 10 NLE A CB  1 
HETATM 181  C CG  . NLE A 1 11 ? -4.978 0.605  2.829  1.00 1.00 ? 10 NLE A CG  1 
HETATM 182  C CD  . NLE A 1 11 ? -6.155 -0.377 2.863  1.00 1.00 ? 10 NLE A CD  1 
HETATM 183  C CE  . NLE A 1 11 ? -6.486 -0.859 4.279  1.00 1.00 ? 10 NLE A CE  1 
HETATM 184  H H   . NLE A 1 11 ? -3.123 1.946  1.577  1.00 1.00 ? 10 NLE A H   1 
HETATM 185  H HA  . NLE A 1 11 ? -2.764 1.423  4.346  1.00 1.00 ? 10 NLE A HA  1 
HETATM 186  H HB2 . NLE A 1 11 ? -3.361 -0.728 2.291  1.00 1.00 ? 10 NLE A HB2 1 
HETATM 187  H HB3 . NLE A 1 11 ? -3.709 -0.693 4.014  1.00 1.00 ? 10 NLE A HB3 1 
HETATM 188  H HG2 . NLE A 1 11 ? -5.143 1.417  3.540  1.00 1.00 ? 10 NLE A HG2 1 
HETATM 189  H HG3 . NLE A 1 11 ? -4.948 1.036  1.828  1.00 1.00 ? 10 NLE A HG3 1 
HETATM 190  H HD2 . NLE A 1 11 ? -7.035 0.134  2.468  1.00 1.00 ? 10 NLE A HD2 1 
HETATM 191  H HD3 . NLE A 1 11 ? -5.940 -1.235 2.225  1.00 1.00 ? 10 NLE A HD3 1 
HETATM 192  H HE1 . NLE A 1 11 ? -5.685 -1.481 4.677  1.00 1.00 ? 10 NLE A HE1 1 
HETATM 193  H HE2 . NLE A 1 11 ? -6.645 -0.005 4.938  1.00 1.00 ? 10 NLE A HE2 1 
HETATM 194  H HE3 . NLE A 1 11 ? -7.400 -1.455 4.248  1.00 1.00 ? 10 NLE A HE3 1 
HETATM 195  N N   . DNE A 1 12 ? -0.628 0.188  4.679  1.00 1.00 ? 11 DNE A N   1 
HETATM 196  C CA  . DNE A 1 12 ? 0.753  -0.173 4.952  1.00 1.00 ? 11 DNE A CA  1 
HETATM 197  C C   . DNE A 1 12 ? 1.406  1.049  5.606  1.00 1.00 ? 11 DNE A C   1 
HETATM 198  O O   . DNE A 1 12 ? 1.786  1.007  6.772  1.00 1.00 ? 11 DNE A O   1 
HETATM 199  C CB  . DNE A 1 12 ? 0.802  -1.423 5.840  1.00 1.00 ? 11 DNE A CB  1 
HETATM 200  C CG  . DNE A 1 12 ? 0.182  -2.626 5.116  1.00 1.00 ? 11 DNE A CG  1 
HETATM 201  C CD  . DNE A 1 12 ? 0.411  -3.942 5.870  1.00 1.00 ? 11 DNE A CD  1 
HETATM 202  C CE  . DNE A 1 12 ? -0.279 -3.958 7.237  1.00 1.00 ? 11 DNE A CE  1 
HETATM 203  H H   . DNE A 1 12 ? -1.221 0.367  5.475  1.00 1.00 ? 11 DNE A H   1 
HETATM 204  H HA  . DNE A 1 12 ? 1.283  -0.403 4.030  1.00 1.00 ? 11 DNE A HA  1 
HETATM 205  H HB2 . DNE A 1 12 ? 1.846  -1.645 6.071  1.00 1.00 ? 11 DNE A HB2 1 
HETATM 206  H HB3 . DNE A 1 12 ? 0.271  -1.227 6.772  1.00 1.00 ? 11 DNE A HB3 1 
HETATM 207  H HG2 . DNE A 1 12 ? -0.890 -2.470 4.985  1.00 1.00 ? 11 DNE A HG2 1 
HETATM 208  H HG3 . DNE A 1 12 ? 0.639  -2.720 4.130  1.00 1.00 ? 11 DNE A HG3 1 
HETATM 209  H HD2 . DNE A 1 12 ? 0.005  -4.757 5.269  1.00 1.00 ? 11 DNE A HD2 1 
HETATM 210  H HD3 . DNE A 1 12 ? 1.481  -4.110 6.002  1.00 1.00 ? 11 DNE A HD3 1 
HETATM 211  H HE1 . DNE A 1 12 ? -1.340 -3.733 7.123  1.00 1.00 ? 11 DNE A HE1 1 
HETATM 212  H HE2 . DNE A 1 12 ? -0.174 -4.949 7.681  1.00 1.00 ? 11 DNE A HE2 1 
HETATM 213  H HE3 . DNE A 1 12 ? 0.178  -3.230 7.906  1.00 1.00 ? 11 DNE A HE3 1 
HETATM 214  N N   . NLO A 1 13 ? 1.496  2.157  4.862  1.00 1.00 ? 12 NLO A N   1 
HETATM 215  C CA  . NLO A 1 13 ? 1.932  3.441  5.397  1.00 1.00 ? 12 NLO A CA  1 
HETATM 216  C C   . NLO A 1 13 ? 0.943  3.888  6.474  1.00 1.00 ? 12 NLO A C   1 
HETATM 217  O O   . NLO A 1 13 ? 1.359  4.320  7.545  1.00 1.00 ? 12 NLO A O   1 
HETATM 218  C CB  . NLO A 1 13 ? 2.012  4.471  4.256  1.00 1.00 ? 12 NLO A CB  1 
HETATM 219  C CG  . NLO A 1 13 ? 2.484  5.865  4.691  1.00 1.00 ? 12 NLO A CG  1 
HETATM 220  C CD  . NLO A 1 13 ? 3.923  5.855  5.220  1.00 1.00 ? 12 NLO A CD  1 
HETATM 221  C CE  . NLO A 1 13 ? 4.402  7.285  5.478  1.00 1.00 ? 12 NLO A CE  1 
HETATM 222  O OXT . NLO A 1 13 ? -0.374 3.767  6.141  1.00 1.00 ? 12 NLO A OXT 1 
HETATM 223  H H   . NLO A 1 13 ? 1.238  2.118  3.878  1.00 1.00 ? 12 NLO A H   1 
HETATM 224  H HA  . NLO A 1 13 ? 2.917  3.309  5.844  1.00 1.00 ? 12 NLO A HA  1 
HETATM 225  H HB2 . NLO A 1 13 ? 2.679  4.106  3.473  1.00 1.00 ? 12 NLO A HB2 1 
HETATM 226  H HB3 . NLO A 1 13 ? 1.023  4.589  3.817  1.00 1.00 ? 12 NLO A HB3 1 
HETATM 227  H HG2 . NLO A 1 13 ? 2.432  6.516  3.817  1.00 1.00 ? 12 NLO A HG2 1 
HETATM 228  H HG3 . NLO A 1 13 ? 1.818  6.270  5.454  1.00 1.00 ? 12 NLO A HG3 1 
HETATM 229  H HD2 . NLO A 1 13 ? 3.973  5.301  6.157  1.00 1.00 ? 12 NLO A HD2 1 
HETATM 230  H HD3 . NLO A 1 13 ? 4.581  5.386  4.488  1.00 1.00 ? 12 NLO A HD3 1 
HETATM 231  H HE1 . NLO A 1 13 ? 4.385  7.860  4.552  1.00 1.00 ? 12 NLO A HE1 1 
HETATM 232  H HE2 . NLO A 1 13 ? 3.758  7.766  6.214  1.00 1.00 ? 12 NLO A HE2 1 
HETATM 233  H HE3 . NLO A 1 13 ? 5.423  7.262  5.862  1.00 1.00 ? 12 NLO A HE3 1 
HETATM 234  H HXT . NLO A 1 13 ? -0.471 3.477  5.226  1.00 1.00 ? 12 NLO A HXT 1 
HETATM 235  N N   . DNE A 1 2  ? -3.192 -3.334 -4.523 1.00 1.00 ? 1  DNE A N   2 
HETATM 236  C CA  . DNE A 1 2  ? -2.692 -4.536 -3.822 1.00 1.00 ? 1  DNE A CA  2 
HETATM 237  C C   . DNE A 1 2  ? -1.163 -4.693 -3.948 1.00 1.00 ? 1  DNE A C   2 
HETATM 238  O O   . DNE A 1 2  ? -0.601 -5.673 -3.467 1.00 1.00 ? 1  DNE A O   2 
HETATM 239  C CB  . DNE A 1 2  ? -3.179 -4.459 -2.365 1.00 1.00 ? 1  DNE A CB  2 
HETATM 240  C CG  . DNE A 1 2  ? -3.041 -5.784 -1.602 1.00 1.00 ? 1  DNE A CG  2 
HETATM 241  C CD  . DNE A 1 2  ? -3.684 -5.674 -0.216 1.00 1.00 ? 1  DNE A CD  2 
HETATM 242  C CE  . DNE A 1 2  ? -3.559 -6.998 0.541  1.00 1.00 ? 1  DNE A CE  2 
HETATM 243  H H1  . DNE A 1 2  ? -2.903 -3.344 -5.507 1.00 1.00 ? 1  DNE A H1  2 
HETATM 244  H H2  . DNE A 1 2  ? -2.780 -2.486 -4.107 1.00 1.00 ? 1  DNE A H2  2 
HETATM 245  H HA  . DNE A 1 2  ? -3.147 -5.411 -4.289 1.00 1.00 ? 1  DNE A HA  2 
HETATM 246  H HB2 . DNE A 1 2  ? -2.635 -3.672 -1.844 1.00 1.00 ? 1  DNE A HB2 2 
HETATM 247  H HB3 . DNE A 1 2  ? -4.238 -4.194 -2.374 1.00 1.00 ? 1  DNE A HB3 2 
HETATM 248  H HG2 . DNE A 1 2  ? -3.536 -6.579 -2.163 1.00 1.00 ? 1  DNE A HG2 2 
HETATM 249  H HG3 . DNE A 1 2  ? -1.991 -6.042 -1.473 1.00 1.00 ? 1  DNE A HG3 2 
HETATM 250  H HD2 . DNE A 1 2  ? -3.185 -4.891 0.356  1.00 1.00 ? 1  DNE A HD2 2 
HETATM 251  H HD3 . DNE A 1 2  ? -4.740 -5.420 -0.318 1.00 1.00 ? 1  DNE A HD3 2 
HETATM 252  H HE1 . DNE A 1 2  ? -4.068 -7.791 -0.009 1.00 1.00 ? 1  DNE A HE1 2 
HETATM 253  H HE2 . DNE A 1 2  ? -2.507 -7.261 0.661  1.00 1.00 ? 1  DNE A HE2 2 
HETATM 254  H HE3 . DNE A 1 2  ? -4.015 -6.898 1.526  1.00 1.00 ? 1  DNE A HE3 2 
HETATM 255  N N   . NLE A 1 3  ? -0.483 -3.750 -4.609 1.00 1.00 ? 2  NLE A N   2 
HETATM 256  C CA  . NLE A 1 3  ? 0.954  -3.769 -4.854 1.00 1.00 ? 2  NLE A CA  2 
HETATM 257  C C   . NLE A 1 3  ? 1.408  -2.314 -4.885 1.00 1.00 ? 2  NLE A C   2 
HETATM 258  O O   . NLE A 1 3  ? 0.946  -1.552 -5.733 1.00 1.00 ? 2  NLE A O   2 
HETATM 259  C CB  . NLE A 1 3  ? 1.275  -4.454 -6.191 1.00 1.00 ? 2  NLE A CB  2 
HETATM 260  C CG  . NLE A 1 3  ? 0.898  -5.941 -6.206 1.00 1.00 ? 2  NLE A CG  2 
HETATM 261  C CD  . NLE A 1 3  ? 1.397  -6.603 -7.494 1.00 1.00 ? 2  NLE A CD  2 
HETATM 262  C CE  . NLE A 1 3  ? 1.009  -8.084 -7.518 1.00 1.00 ? 2  NLE A CE  2 
HETATM 263  H H   . NLE A 1 3  ? -0.985 -2.947 -4.962 1.00 1.00 ? 2  NLE A H   2 
HETATM 264  H HA  . NLE A 1 3  ? 1.467  -4.290 -4.043 1.00 1.00 ? 2  NLE A HA  2 
HETATM 265  H HB2 . NLE A 1 3  ? 0.752  -3.942 -7.000 1.00 1.00 ? 2  NLE A HB2 2 
HETATM 266  H HB3 . NLE A 1 3  ? 2.349  -4.366 -6.366 1.00 1.00 ? 2  NLE A HB3 2 
HETATM 267  H HG2 . NLE A 1 3  ? 1.347  -6.439 -5.346 1.00 1.00 ? 2  NLE A HG2 2 
HETATM 268  H HG3 . NLE A 1 3  ? -0.185 -6.046 -6.155 1.00 1.00 ? 2  NLE A HG3 2 
HETATM 269  H HD2 . NLE A 1 3  ? 0.954  -6.103 -8.357 1.00 1.00 ? 2  NLE A HD2 2 
HETATM 270  H HD3 . NLE A 1 3  ? 2.483  -6.520 -7.554 1.00 1.00 ? 2  NLE A HD3 2 
HETATM 271  H HE1 . NLE A 1 3  ? 1.372  -8.540 -8.440 1.00 1.00 ? 2  NLE A HE1 2 
HETATM 272  H HE2 . NLE A 1 3  ? 1.453  -8.598 -6.666 1.00 1.00 ? 2  NLE A HE2 2 
HETATM 273  H HE3 . NLE A 1 3  ? -0.076 -8.185 -7.475 1.00 1.00 ? 2  NLE A HE3 2 
HETATM 274  N N   . DNE A 1 4  ? 2.275  -1.907 -3.955 1.00 1.00 ? 3  DNE A N   2 
HETATM 275  C CA  . DNE A 1 4  ? 2.614  -0.500 -3.796 1.00 1.00 ? 3  DNE A CA  2 
HETATM 276  C C   . DNE A 1 4  ? 1.390  0.176  -3.177 1.00 1.00 ? 3  DNE A C   2 
HETATM 277  O O   . DNE A 1 4  ? 1.319  0.374  -1.966 1.00 1.00 ? 3  DNE A O   2 
HETATM 278  C CB  . DNE A 1 4  ? 3.883  -0.329 -2.948 1.00 1.00 ? 3  DNE A CB  2 
HETATM 279  C CG  . DNE A 1 4  ? 5.097  -1.101 -3.485 1.00 1.00 ? 3  DNE A CG  2 
HETATM 280  C CD  . DNE A 1 4  ? 5.489  -0.671 -4.903 1.00 1.00 ? 3  DNE A CD  2 
HETATM 281  C CE  . DNE A 1 4  ? 6.797  -1.348 -5.321 1.00 1.00 ? 3  DNE A CE  2 
HETATM 282  H H   . DNE A 1 4  ? 2.682  -2.572 -3.315 1.00 1.00 ? 3  DNE A H   2 
HETATM 283  H HA  . DNE A 1 4  ? 2.797  -0.046 -4.771 1.00 1.00 ? 3  DNE A HA  2 
HETATM 284  H HB2 . DNE A 1 4  ? 4.131  0.733  -2.903 1.00 1.00 ? 3  DNE A HB2 2 
HETATM 285  H HB3 . DNE A 1 4  ? 3.692  -0.670 -1.932 1.00 1.00 ? 3  DNE A HB3 2 
HETATM 286  H HG2 . DNE A 1 4  ? 5.937  -0.908 -2.816 1.00 1.00 ? 3  DNE A HG2 2 
HETATM 287  H HG3 . DNE A 1 4  ? 4.895  -2.173 -3.472 1.00 1.00 ? 3  DNE A HG3 2 
HETATM 288  H HD2 . DNE A 1 4  ? 4.712  -0.960 -5.610 1.00 1.00 ? 3  DNE A HD2 2 
HETATM 289  H HD3 . DNE A 1 4  ? 5.622  0.411  -4.936 1.00 1.00 ? 3  DNE A HD3 2 
HETATM 290  H HE1 . DNE A 1 4  ? 7.058  -1.040 -6.335 1.00 1.00 ? 3  DNE A HE1 2 
HETATM 291  H HE2 . DNE A 1 4  ? 7.601  -1.058 -4.644 1.00 1.00 ? 3  DNE A HE2 2 
HETATM 292  H HE3 . DNE A 1 4  ? 6.679  -2.432 -5.298 1.00 1.00 ? 3  DNE A HE3 2 
HETATM 293  N N   . NLE A 1 5  ? 0.409  0.492  -4.021 1.00 1.00 ? 4  NLE A N   2 
HETATM 294  C CA  . NLE A 1 5  ? -0.855 1.079  -3.617 1.00 1.00 ? 4  NLE A CA  2 
HETATM 295  C C   . NLE A 1 5  ? -1.582 0.070  -2.731 1.00 1.00 ? 4  NLE A C   2 
HETATM 296  O O   . NLE A 1 5  ? -1.858 -1.047 -3.165 1.00 1.00 ? 4  NLE A O   2 
HETATM 297  C CB  . NLE A 1 5  ? -1.694 1.438  -4.849 1.00 1.00 ? 4  NLE A CB  2 
HETATM 298  C CG  . NLE A 1 5  ? -1.023 2.544  -5.675 1.00 1.00 ? 4  NLE A CG  2 
HETATM 299  C CD  . NLE A 1 5  ? -1.826 2.898  -6.933 1.00 1.00 ? 4  NLE A CD  2 
HETATM 300  C CE  . NLE A 1 5  ? -3.185 3.525  -6.609 1.00 1.00 ? 4  NLE A CE  2 
HETATM 301  H H   . NLE A 1 5  ? 0.544  0.253  -4.997 1.00 1.00 ? 4  NLE A H   2 
HETATM 302  H HA  . NLE A 1 5  ? -0.674 1.992  -3.051 1.00 1.00 ? 4  NLE A HA  2 
HETATM 303  H HB2 . NLE A 1 5  ? -1.839 0.549  -5.465 1.00 1.00 ? 4  NLE A HB2 2 
HETATM 304  H HB3 . NLE A 1 5  ? -2.666 1.785  -4.501 1.00 1.00 ? 4  NLE A HB3 2 
HETATM 305  H HG2 . NLE A 1 5  ? -0.901 3.437  -5.062 1.00 1.00 ? 4  NLE A HG2 2 
HETATM 306  H HG3 . NLE A 1 5  ? -0.035 2.208  -5.995 1.00 1.00 ? 4  NLE A HG3 2 
HETATM 307  H HD2 . NLE A 1 5  ? -1.248 3.618  -7.516 1.00 1.00 ? 4  NLE A HD2 2 
HETATM 308  H HD3 . NLE A 1 5  ? -1.973 2.003  -7.541 1.00 1.00 ? 4  NLE A HD3 2 
HETATM 309  H HE1 . NLE A 1 5  ? -3.055 4.377  -5.940 1.00 1.00 ? 4  NLE A HE1 2 
HETATM 310  H HE2 . NLE A 1 5  ? -3.649 3.870  -7.534 1.00 1.00 ? 4  NLE A HE2 2 
HETATM 311  H HE3 . NLE A 1 5  ? -3.846 2.795  -6.144 1.00 1.00 ? 4  NLE A HE3 2 
HETATM 312  N N   . DNE A 1 6  ? -1.865 0.465  -1.491 1.00 1.00 ? 5  DNE A N   2 
HETATM 313  C CA  . DNE A 1 6  ? -2.547 -0.340 -0.491 1.00 1.00 ? 5  DNE A CA  2 
HETATM 314  C C   . DNE A 1 6  ? -1.707 -1.543 -0.048 1.00 1.00 ? 5  DNE A C   2 
HETATM 315  O O   . DNE A 1 6  ? -2.241 -2.475 0.547  1.00 1.00 ? 5  DNE A O   2 
HETATM 316  C CB  . DNE A 1 6  ? -3.964 -0.735 -0.940 1.00 1.00 ? 5  DNE A CB  2 
HETATM 317  C CG  . DNE A 1 6  ? -4.780 0.485  -1.388 1.00 1.00 ? 5  DNE A CG  2 
HETATM 318  C CD  . DNE A 1 6  ? -6.234 0.087  -1.654 1.00 1.00 ? 5  DNE A CD  2 
HETATM 319  C CE  . DNE A 1 6  ? -7.042 1.304  -2.110 1.00 1.00 ? 5  DNE A CE  2 
HETATM 320  H H   . DNE A 1 6  ? -1.563 1.385  -1.177 1.00 1.00 ? 5  DNE A H   2 
HETATM 321  H HA  . DNE A 1 6  ? -2.646 0.304  0.378  1.00 1.00 ? 5  DNE A HA  2 
HETATM 322  H HB2 . DNE A 1 6  ? -3.918 -1.459 -1.753 1.00 1.00 ? 5  DNE A HB2 2 
HETATM 323  H HB3 . DNE A 1 6  ? -4.472 -1.207 -0.097 1.00 1.00 ? 5  DNE A HB3 2 
HETATM 324  H HG2 . DNE A 1 6  ? -4.752 1.248  -0.612 1.00 1.00 ? 5  DNE A HG2 2 
HETATM 325  H HG3 . DNE A 1 6  ? -4.355 0.891  -2.306 1.00 1.00 ? 5  DNE A HG3 2 
HETATM 326  H HD2 . DNE A 1 6  ? -6.267 -0.677 -2.432 1.00 1.00 ? 5  DNE A HD2 2 
HETATM 327  H HD3 . DNE A 1 6  ? -6.679 -0.314 -0.742 1.00 1.00 ? 5  DNE A HD3 2 
HETATM 328  H HE1 . DNE A 1 6  ? -8.075 1.007  -2.295 1.00 1.00 ? 5  DNE A HE1 2 
HETATM 329  H HE2 . DNE A 1 6  ? -7.026 2.074  -1.337 1.00 1.00 ? 5  DNE A HE2 2 
HETATM 330  H HE3 . DNE A 1 6  ? -6.619 1.710  -3.030 1.00 1.00 ? 5  DNE A HE3 2 
HETATM 331  N N   . NLE A 1 7  ? -0.398 -1.524 -0.314 1.00 1.00 ? 6  NLE A N   2 
HETATM 332  C CA  . NLE A 1 7  ? 0.532  -2.552 0.131  1.00 1.00 ? 6  NLE A CA  2 
HETATM 333  C C   . NLE A 1 7  ? 1.875  -1.857 0.343  1.00 1.00 ? 6  NLE A C   2 
HETATM 334  O O   . NLE A 1 7  ? 2.899  -2.247 -0.213 1.00 1.00 ? 6  NLE A O   2 
HETATM 335  C CB  . NLE A 1 7  ? 0.571  -3.689 -0.904 1.00 1.00 ? 6  NLE A CB  2 
HETATM 336  C CG  . NLE A 1 7  ? 1.349  -4.941 -0.473 1.00 1.00 ? 6  NLE A CG  2 
HETATM 337  C CD  . NLE A 1 7  ? 0.754  -5.596 0.780  1.00 1.00 ? 6  NLE A CD  2 
HETATM 338  C CE  . NLE A 1 7  ? 1.405  -6.959 1.028  1.00 1.00 ? 6  NLE A CE  2 
HETATM 339  H H   . NLE A 1 7  ? -0.011 -0.740 -0.832 1.00 1.00 ? 6  NLE A H   2 
HETATM 340  H HA  . NLE A 1 7  ? 0.197  -2.937 1.093  1.00 1.00 ? 6  NLE A HA  2 
HETATM 341  H HB2 . NLE A 1 7  ? -0.452 -4.001 -1.108 1.00 1.00 ? 6  NLE A HB2 2 
HETATM 342  H HB3 . NLE A 1 7  ? 0.999  -3.306 -1.829 1.00 1.00 ? 6  NLE A HB3 2 
HETATM 343  H HG2 . NLE A 1 7  ? 1.298  -5.655 -1.296 1.00 1.00 ? 6  NLE A HG2 2 
HETATM 344  H HG3 . NLE A 1 7  ? 2.399  -4.703 -0.295 1.00 1.00 ? 6  NLE A HG3 2 
HETATM 345  H HD2 . NLE A 1 7  ? 0.932  -4.968 1.653  1.00 1.00 ? 6  NLE A HD2 2 
HETATM 346  H HD3 . NLE A 1 7  ? -0.320 -5.734 0.649  1.00 1.00 ? 6  NLE A HD3 2 
HETATM 347  H HE1 . NLE A 1 7  ? 0.981  -7.406 1.927  1.00 1.00 ? 6  NLE A HE1 2 
HETATM 348  H HE2 . NLE A 1 7  ? 1.219  -7.621 0.181  1.00 1.00 ? 6  NLE A HE2 2 
HETATM 349  H HE3 . NLE A 1 7  ? 2.481  -6.839 1.163  1.00 1.00 ? 6  NLE A HE3 2 
HETATM 350  N N   . DNE A 1 8  ? 1.834  -0.786 1.134  1.00 1.00 ? 7  DNE A N   2 
HETATM 351  C CA  . DNE A 1 8  ? 2.925  0.153  1.331  1.00 1.00 ? 7  DNE A CA  2 
HETATM 352  C C   . DNE A 1 8  ? 2.287  1.535  1.265  1.00 1.00 ? 7  DNE A C   2 
HETATM 353  O O   . DNE A 1 8  ? 1.931  2.107  2.289  1.00 1.00 ? 7  DNE A O   2 
HETATM 354  C CB  . DNE A 1 8  ? 3.682  -0.094 2.645  1.00 1.00 ? 7  DNE A CB  2 
HETATM 355  C CG  . DNE A 1 8  ? 4.115  -1.556 2.807  1.00 1.00 ? 7  DNE A CG  2 
HETATM 356  C CD  . DNE A 1 8  ? 4.941  -1.726 4.086  1.00 1.00 ? 7  DNE A CD  2 
HETATM 357  C CE  . DNE A 1 8  ? 5.345  -3.190 4.268  1.00 1.00 ? 7  DNE A CE  2 
HETATM 358  H H   . DNE A 1 8  ? 0.950  -0.576 1.593  1.00 1.00 ? 7  DNE A H   2 
HETATM 359  H HA  . DNE A 1 8  ? 3.647  0.088  0.520  1.00 1.00 ? 7  DNE A HA  2 
HETATM 360  H HB2 . DNE A 1 8  ? 4.569  0.541  2.646  1.00 1.00 ? 7  DNE A HB2 2 
HETATM 361  H HB3 . DNE A 1 8  ? 3.076  0.193  3.500  1.00 1.00 ? 7  DNE A HB3 2 
HETATM 362  H HG2 . DNE A 1 8  ? 3.234  -2.197 2.874  1.00 1.00 ? 7  DNE A HG2 2 
HETATM 363  H HG3 . DNE A 1 8  ? 4.710  -1.857 1.944  1.00 1.00 ? 7  DNE A HG3 2 
HETATM 364  H HD2 . DNE A 1 8  ? 5.840  -1.111 4.026  1.00 1.00 ? 7  DNE A HD2 2 
HETATM 365  H HD3 . DNE A 1 8  ? 4.352  -1.409 4.948  1.00 1.00 ? 7  DNE A HD3 2 
HETATM 366  H HE1 . DNE A 1 8  ? 5.935  -3.293 5.180  1.00 1.00 ? 7  DNE A HE1 2 
HETATM 367  H HE2 . DNE A 1 8  ? 4.455  -3.814 4.349  1.00 1.00 ? 7  DNE A HE2 2 
HETATM 368  H HE3 . DNE A 1 8  ? 5.942  -3.520 3.418  1.00 1.00 ? 7  DNE A HE3 2 
HETATM 369  N N   . NLE A 1 9  ? 2.112  2.061  0.056  1.00 1.00 ? 8  NLE A N   2 
HETATM 370  C CA  . NLE A 1 9  ? 1.527  3.377  -0.139 1.00 1.00 ? 8  NLE A CA  2 
HETATM 371  C C   . NLE A 1 9  ? 0.066  3.301  0.326  1.00 1.00 ? 8  NLE A C   2 
HETATM 372  O O   . NLE A 1 9  ? -0.575 2.278  0.093  1.00 1.00 ? 8  NLE A O   2 
HETATM 373  C CB  . NLE A 1 9  ? 1.626  3.778  -1.617 1.00 1.00 ? 8  NLE A CB  2 
HETATM 374  C CG  . NLE A 1 9  ? 3.083  3.934  -2.074 1.00 1.00 ? 8  NLE A CG  2 
HETATM 375  C CD  . NLE A 1 9  ? 3.192  4.089  -3.596 1.00 1.00 ? 8  NLE A CD  2 
HETATM 376  C CE  . NLE A 1 9  ? 2.477  5.341  -4.113 1.00 1.00 ? 8  NLE A CE  2 
HETATM 377  H H   . NLE A 1 9  ? 2.344  1.505  -0.760 1.00 1.00 ? 8  NLE A H   2 
HETATM 378  H HA  . NLE A 1 9  ? 2.095  4.085  0.465  1.00 1.00 ? 8  NLE A HA  2 
HETATM 379  H HB2 . NLE A 1 9  ? 1.142  3.017  -2.224 1.00 1.00 ? 8  NLE A HB2 2 
HETATM 380  H HB3 . NLE A 1 9  ? 1.101  4.721  -1.762 1.00 1.00 ? 8  NLE A HB3 2 
HETATM 381  H HG2 . NLE A 1 9  ? 3.526  4.803  -1.584 1.00 1.00 ? 8  NLE A HG2 2 
HETATM 382  H HG3 . NLE A 1 9  ? 3.657  3.052  -1.791 1.00 1.00 ? 8  NLE A HG3 2 
HETATM 383  H HD2 . NLE A 1 9  ? 4.248  4.161  -3.859 1.00 1.00 ? 8  NLE A HD2 2 
HETATM 384  H HD3 . NLE A 1 9  ? 2.774  3.209  -4.087 1.00 1.00 ? 8  NLE A HD3 2 
HETATM 385  H HE1 . NLE A 1 9  ? 2.687  5.459  -5.177 1.00 1.00 ? 8  NLE A HE1 2 
HETATM 386  H HE2 . NLE A 1 9  ? 1.399  5.249  -3.983 1.00 1.00 ? 8  NLE A HE2 2 
HETATM 387  H HE3 . NLE A 1 9  ? 2.836  6.223  -3.582 1.00 1.00 ? 8  NLE A HE3 2 
HETATM 388  C C   . DNM A 1 10 ? -1.778 3.024  2.638  1.00 1.00 ? 9  DNM A C   2 
HETATM 389  N N   . DNM A 1 10 ? -0.485 4.340  0.976  1.00 1.00 ? 9  DNM A N   2 
HETATM 390  O O   . DNM A 1 10 ? -1.042 3.087  3.624  1.00 1.00 ? 9  DNM A O   2 
HETATM 391  C C1  . DNM A 1 10 ? 0.198  5.623  1.151  1.00 1.00 ? 9  DNM A C1  2 
HETATM 392  C CA  . DNM A 1 10 ? -1.790 4.182  1.628  1.00 1.00 ? 9  DNM A CA  2 
HETATM 393  C CB  . DNM A 1 10 ? -2.933 4.114  0.594  1.00 1.00 ? 9  DNM A CB  2 
HETATM 394  C CD  . DNM A 1 10 ? -4.117 5.342  -1.301 1.00 1.00 ? 9  DNM A CD  2 
HETATM 395  C CE  . DNM A 1 10 ? -3.916 4.292  -2.400 1.00 1.00 ? 9  DNM A CE  2 
HETATM 396  C CG  . DNM A 1 10 ? -2.959 5.366  -0.295 1.00 1.00 ? 9  DNM A CG  2 
HETATM 397  H HA  . DNM A 1 10 ? -1.963 5.053  2.250  1.00 1.00 ? 9  DNM A HA  2 
HETATM 398  H HB  . DNM A 1 10 ? -3.883 4.043  1.124  1.00 1.00 ? 9  DNM A HB  2 
HETATM 399  H HBA . DNM A 1 10 ? -2.824 3.232  -0.034 1.00 1.00 ? 9  DNM A HBA 2 
HETATM 400  H H1  . DNM A 1 10 ? -0.501 6.414  1.420  1.00 1.00 ? 9  DNM A H1  2 
HETATM 401  H H1A . DNM A 1 10 ? 0.685  5.930  0.225  1.00 1.00 ? 9  DNM A H1A 2 
HETATM 402  H H1B . DNM A 1 10 ? 0.947  5.540  1.939  1.00 1.00 ? 9  DNM A H1B 2 
HETATM 403  H HD  . DNM A 1 10 ? -4.175 6.322  -1.779 1.00 1.00 ? 9  DNM A HD  2 
HETATM 404  H HDA . DNM A 1 10 ? -5.058 5.156  -0.782 1.00 1.00 ? 9  DNM A HDA 2 
HETATM 405  H HE  . DNM A 1 10 ? -4.716 4.384  -3.135 1.00 1.00 ? 9  DNM A HE  2 
HETATM 406  H HEA . DNM A 1 10 ? -2.960 4.449  -2.898 1.00 1.00 ? 9  DNM A HEA 2 
HETATM 407  H HEB . DNM A 1 10 ? -3.945 3.288  -1.981 1.00 1.00 ? 9  DNM A HEB 2 
HETATM 408  H HG  . DNM A 1 10 ? -2.021 5.461  -0.843 1.00 1.00 ? 9  DNM A HG  2 
HETATM 409  H HGA . DNM A 1 10 ? -3.078 6.242  0.343  1.00 1.00 ? 9  DNM A HGA 2 
HETATM 410  N N   . NLE A 1 11 ? -2.586 1.978  2.441  1.00 1.00 ? 10 NLE A N   2 
HETATM 411  C CA  . NLE A 1 11 ? -2.627 0.869  3.387  1.00 1.00 ? 10 NLE A CA  2 
HETATM 412  C C   . NLE A 1 11 ? -1.238 0.225  3.465  1.00 1.00 ? 10 NLE A C   2 
HETATM 413  O O   . NLE A 1 11 ? -0.595 -0.014 2.444  1.00 1.00 ? 10 NLE A O   2 
HETATM 414  C CB  . NLE A 1 11 ? -3.724 -0.151 3.042  1.00 1.00 ? 10 NLE A CB  2 
HETATM 415  C CG  . NLE A 1 11 ? -5.093 0.478  2.741  1.00 1.00 ? 10 NLE A CG  2 
HETATM 416  C CD  . NLE A 1 11 ? -5.634 1.293  3.921  1.00 1.00 ? 10 NLE A CD  2 
HETATM 417  C CE  . NLE A 1 11 ? -7.050 1.788  3.616  1.00 1.00 ? 10 NLE A CE  2 
HETATM 418  H H   . NLE A 1 11 ? -3.167 1.950  1.621  1.00 1.00 ? 10 NLE A H   2 
HETATM 419  H HA  . NLE A 1 11 ? -2.864 1.286  4.367  1.00 1.00 ? 10 NLE A HA  2 
HETATM 420  H HB2 . NLE A 1 11 ? -3.417 -0.747 2.186  1.00 1.00 ? 10 NLE A HB2 2 
HETATM 421  H HB3 . NLE A 1 11 ? -3.831 -0.833 3.887  1.00 1.00 ? 10 NLE A HB3 2 
HETATM 422  H HG2 . NLE A 1 11 ? -5.032 1.116  1.859  1.00 1.00 ? 10 NLE A HG2 2 
HETATM 423  H HG3 . NLE A 1 11 ? -5.792 -0.331 2.524  1.00 1.00 ? 10 NLE A HG3 2 
HETATM 424  H HD2 . NLE A 1 11 ? -5.659 0.672  4.817  1.00 1.00 ? 10 NLE A HD2 2 
HETATM 425  H HD3 . NLE A 1 11 ? -4.997 2.159  4.103  1.00 1.00 ? 10 NLE A HD3 2 
HETATM 426  H HE1 . NLE A 1 11 ? -7.421 2.371  4.460  1.00 1.00 ? 10 NLE A HE1 2 
HETATM 427  H HE2 . NLE A 1 11 ? -7.042 2.418  2.726  1.00 1.00 ? 10 NLE A HE2 2 
HETATM 428  H HE3 . NLE A 1 11 ? -7.716 0.940  3.452  1.00 1.00 ? 10 NLE A HE3 2 
HETATM 429  N N   . DNE A 1 12 ? -0.771 -0.015 4.690  1.00 1.00 ? 11 DNE A N   2 
HETATM 430  C CA  . DNE A 1 12 ? 0.596  -0.420 4.975  1.00 1.00 ? 11 DNE A CA  2 
HETATM 431  C C   . DNE A 1 12 ? 1.260  0.756  5.697  1.00 1.00 ? 11 DNE A C   2 
HETATM 432  O O   . DNE A 1 12 ? 1.598  0.659  6.873  1.00 1.00 ? 11 DNE A O   2 
HETATM 433  C CB  . DNE A 1 12 ? 0.599  -1.711 5.805  1.00 1.00 ? 11 DNE A CB  2 
HETATM 434  C CG  . DNE A 1 12 ? -0.001 -2.874 5.002  1.00 1.00 ? 11 DNE A CG  2 
HETATM 435  C CD  . DNE A 1 12 ? 0.083  -4.177 5.802  1.00 1.00 ? 11 DNE A CD  2 
HETATM 436  C CE  . DNE A 1 12 ? -0.509 -5.335 4.996  1.00 1.00 ? 11 DNE A CE  2 
HETATM 437  H H   . DNE A 1 12 ? -1.382 0.129  5.478  1.00 1.00 ? 11 DNE A H   2 
HETATM 438  H HA  . DNE A 1 12 ? 1.140  -0.621 4.055  1.00 1.00 ? 11 DNE A HA  2 
HETATM 439  H HB2 . DNE A 1 12 ? 1.631  -1.955 6.065  1.00 1.00 ? 11 DNE A HB2 2 
HETATM 440  H HB3 . DNE A 1 12 ? 0.032  -1.565 6.726  1.00 1.00 ? 11 DNE A HB3 2 
HETATM 441  H HG2 . DNE A 1 12 ? -1.046 -2.664 4.770  1.00 1.00 ? 11 DNE A HG2 2 
HETATM 442  H HG3 . DNE A 1 12 ? 0.551  -2.990 4.067  1.00 1.00 ? 11 DNE A HG3 2 
HETATM 443  H HD2 . DNE A 1 12 ? 1.125  -4.399 6.033  1.00 1.00 ? 11 DNE A HD2 2 
HETATM 444  H HD3 . DNE A 1 12 ? -0.473 -4.068 6.734  1.00 1.00 ? 11 DNE A HD3 2 
HETATM 445  H HE1 . DNE A 1 12 ? -0.448 -6.254 5.581  1.00 1.00 ? 11 DNE A HE1 2 
HETATM 446  H HE2 . DNE A 1 12 ? -1.554 -5.131 4.761  1.00 1.00 ? 11 DNE A HE2 2 
HETATM 447  H HE3 . DNE A 1 12 ? 0.048  -5.468 4.068  1.00 1.00 ? 11 DNE A HE3 2 
HETATM 448  N N   . NLO A 1 13 ? 1.407  1.887  5.000  1.00 1.00 ? 12 NLO A N   2 
HETATM 449  C CA  . NLO A 1 13 ? 1.864  3.136  5.596  1.00 1.00 ? 12 NLO A CA  2 
HETATM 450  C C   . NLO A 1 13 ? 0.856  3.572  6.660  1.00 1.00 ? 12 NLO A C   2 
HETATM 451  O O   . NLO A 1 13 ? 1.251  3.952  7.759  1.00 1.00 ? 12 NLO A O   2 
HETATM 452  C CB  . NLO A 1 13 ? 2.012  4.206  4.500  1.00 1.00 ? 12 NLO A CB  2 
HETATM 453  C CG  . NLO A 1 13 ? 2.510  5.568  5.004  1.00 1.00 ? 12 NLO A CG  2 
HETATM 454  C CD  . NLO A 1 13 ? 3.927  5.493  5.585  1.00 1.00 ? 12 NLO A CD  2 
HETATM 455  C CE  . NLO A 1 13 ? 4.438  6.897  5.915  1.00 1.00 ? 12 NLO A CE  2 
HETATM 456  O OXT . NLO A 1 13 ? -0.452 3.504  6.285  1.00 1.00 ? 12 NLO A OXT 2 
HETATM 457  H H   . NLO A 1 13 ? 1.180  1.895  4.007  1.00 1.00 ? 12 NLO A H   2 
HETATM 458  H HA  . NLO A 1 13 ? 2.831  2.957  6.069  1.00 1.00 ? 12 NLO A HA  2 
HETATM 459  H HB2 . NLO A 1 13 ? 2.695  3.851  3.727  1.00 1.00 ? 12 NLO A HB2 2 
HETATM 460  H HB3 . NLO A 1 13 ? 1.043  4.370  4.034  1.00 1.00 ? 12 NLO A HB3 2 
HETATM 461  H HG2 . NLO A 1 13 ? 2.511  6.251  4.154  1.00 1.00 ? 12 NLO A HG2 2 
HETATM 462  H HG3 . NLO A 1 13 ? 1.828  5.966  5.758  1.00 1.00 ? 12 NLO A HG3 2 
HETATM 463  H HD2 . NLO A 1 13 ? 3.925  4.903  6.503  1.00 1.00 ? 12 NLO A HD2 2 
HETATM 464  H HD3 . NLO A 1 13 ? 4.598  5.030  4.861  1.00 1.00 ? 12 NLO A HD3 2 
HETATM 465  H HE1 . NLO A 1 13 ? 4.473  7.506  5.010  1.00 1.00 ? 12 NLO A HE1 2 
HETATM 466  H HE2 . NLO A 1 13 ? 3.780  7.370  6.645  1.00 1.00 ? 12 NLO A HE2 2 
HETATM 467  H HE3 . NLO A 1 13 ? 5.443  6.828  6.334  1.00 1.00 ? 12 NLO A HE3 2 
HETATM 468  H HXT . NLO A 1 13 ? -0.530 3.248  5.358  1.00 1.00 ? 12 NLO A HXT 2 
HETATM 469  N N   . DNE A 1 2  ? -2.513 -4.967 -5.027 1.00 1.00 ? 1  DNE A N   3 
HETATM 470  C CA  . DNE A 1 2  ? -1.895 -5.520 -3.803 1.00 1.00 ? 1  DNE A CA  3 
HETATM 471  C C   . DNE A 1 2  ? -0.383 -5.265 -3.769 1.00 1.00 ? 1  DNE A C   3 
HETATM 472  O O   . DNE A 1 2  ? 0.354  -6.040 -3.165 1.00 1.00 ? 1  DNE A O   3 
HETATM 473  C CB  . DNE A 1 2  ? -2.543 -4.913 -2.553 1.00 1.00 ? 1  DNE A CB  3 
HETATM 474  C CG  . DNE A 1 2  ? -4.026 -5.267 -2.395 1.00 1.00 ? 1  DNE A CG  3 
HETATM 475  C CD  . DNE A 1 2  ? -4.540 -4.688 -1.073 1.00 1.00 ? 1  DNE A CD  3 
HETATM 476  C CE  . DNE A 1 2  ? -5.981 -5.130 -0.813 1.00 1.00 ? 1  DNE A CE  3 
HETATM 477  H H1  . DNE A 1 2  ? -3.511 -5.201 -5.059 1.00 1.00 ? 1  DNE A H1  3 
HETATM 478  H H2  . DNE A 1 2  ? -2.098 -5.402 -5.859 1.00 1.00 ? 1  DNE A H2  3 
HETATM 479  H HA  . DNE A 1 2  ? -2.050 -6.599 -3.788 1.00 1.00 ? 1  DNE A HA  3 
HETATM 480  H HB2 . DNE A 1 2  ? -2.018 -5.317 -1.687 1.00 1.00 ? 1  DNE A HB2 3 
HETATM 481  H HB3 . DNE A 1 2  ? -2.422 -3.828 -2.566 1.00 1.00 ? 1  DNE A HB3 3 
HETATM 482  H HG2 . DNE A 1 2  ? -4.604 -4.848 -3.221 1.00 1.00 ? 1  DNE A HG2 3 
HETATM 483  H HG3 . DNE A 1 2  ? -4.138 -6.351 -2.388 1.00 1.00 ? 1  DNE A HG3 3 
HETATM 484  H HD2 . DNE A 1 2  ? -3.903 -5.015 -0.248 1.00 1.00 ? 1  DNE A HD2 3 
HETATM 485  H HD3 . DNE A 1 2  ? -4.507 -3.601 -1.120 1.00 1.00 ? 1  DNE A HD3 3 
HETATM 486  H HE1 . DNE A 1 2  ? -6.031 -6.217 -0.740 1.00 1.00 ? 1  DNE A HE1 3 
HETATM 487  H HE2 . DNE A 1 2  ? -6.332 -4.695 0.123  1.00 1.00 ? 1  DNE A HE2 3 
HETATM 488  H HE3 . DNE A 1 2  ? -6.626 -4.794 -1.626 1.00 1.00 ? 1  DNE A HE3 3 
HETATM 489  N N   . NLE A 1 3  ? 0.073  -4.179 -4.398 1.00 1.00 ? 2  NLE A N   3 
HETATM 490  C CA  . NLE A 1 3  ? 1.458  -3.728 -4.401 1.00 1.00 ? 2  NLE A CA  3 
HETATM 491  C C   . NLE A 1 3  ? 1.436  -2.206 -4.525 1.00 1.00 ? 2  NLE A C   3 
HETATM 492  O O   . NLE A 1 3  ? 0.801  -1.684 -5.441 1.00 1.00 ? 2  NLE A O   3 
HETATM 493  C CB  . NLE A 1 3  ? 2.232  -4.332 -5.584 1.00 1.00 ? 2  NLE A CB  3 
HETATM 494  C CG  . NLE A 1 3  ? 2.360  -5.858 -5.508 1.00 1.00 ? 2  NLE A CG  3 
HETATM 495  C CD  . NLE A 1 3  ? 3.289  -6.369 -6.614 1.00 1.00 ? 2  NLE A CD  3 
HETATM 496  C CE  . NLE A 1 3  ? 3.407  -7.893 -6.549 1.00 1.00 ? 2  NLE A CE  3 
HETATM 497  H H   . NLE A 1 3  ? -0.595 -3.604 -4.897 1.00 1.00 ? 2  NLE A H   3 
HETATM 498  H HA  . NLE A 1 3  ? 1.946  -4.006 -3.465 1.00 1.00 ? 2  NLE A HA  3 
HETATM 499  H HB2 . NLE A 1 3  ? 1.739  -4.059 -6.519 1.00 1.00 ? 2  NLE A HB2 3 
HETATM 500  H HB3 . NLE A 1 3  ? 3.234  -3.899 -5.583 1.00 1.00 ? 2  NLE A HB3 3 
HETATM 501  H HG2 . NLE A 1 3  ? 2.764  -6.141 -4.536 1.00 1.00 ? 2  NLE A HG2 3 
HETATM 502  H HG3 . NLE A 1 3  ? 1.379  -6.316 -5.636 1.00 1.00 ? 2  NLE A HG3 3 
HETATM 503  H HD2 . NLE A 1 3  ? 2.890  -6.082 -7.587 1.00 1.00 ? 2  NLE A HD2 3 
HETATM 504  H HD3 . NLE A 1 3  ? 4.281  -5.930 -6.492 1.00 1.00 ? 2  NLE A HD3 3 
HETATM 505  H HE1 . NLE A 1 3  ? 4.072  -8.241 -7.340 1.00 1.00 ? 2  NLE A HE1 3 
HETATM 506  H HE2 . NLE A 1 3  ? 3.814  -8.194 -5.583 1.00 1.00 ? 2  NLE A HE2 3 
HETATM 507  H HE3 . NLE A 1 3  ? 2.426  -8.349 -6.684 1.00 1.00 ? 2  NLE A HE3 3 
HETATM 508  N N   . DNE A 1 4  ? 2.110  -1.484 -3.629 1.00 1.00 ? 3  DNE A N   3 
HETATM 509  C CA  . DNE A 1 4  ? 2.167  -0.035 -3.729 1.00 1.00 ? 3  DNE A CA  3 
HETATM 510  C C   . DNE A 1 4  ? 0.855  0.509  -3.171 1.00 1.00 ? 3  DNE A C   3 
HETATM 511  O O   . DNE A 1 4  ? 0.697  0.649  -1.958 1.00 1.00 ? 3  DNE A O   3 
HETATM 512  C CB  . DNE A 1 4  ? 3.396  0.522  -2.999 1.00 1.00 ? 3  DNE A CB  3 
HETATM 513  C CG  . DNE A 1 4  ? 4.720  -0.145 -3.405 1.00 1.00 ? 3  DNE A CG  3 
HETATM 514  C CD  . DNE A 1 4  ? 5.023  -0.091 -4.909 1.00 1.00 ? 3  DNE A CD  3 
HETATM 515  C CE  . DNE A 1 4  ? 5.117  1.343  -5.438 1.00 1.00 ? 3  DNE A CE  3 
HETATM 516  H H   . DNE A 1 4  ? 2.578  -1.924 -2.843 1.00 1.00 ? 3  DNE A H   3 
HETATM 517  H HA  . DNE A 1 4  ? 2.251  0.262  -4.775 1.00 1.00 ? 3  DNE A HA  3 
HETATM 518  H HB2 . DNE A 1 4  ? 3.458  1.592  -3.192 1.00 1.00 ? 3  DNE A HB2 3 
HETATM 519  H HB3 . DNE A 1 4  ? 3.266  0.388  -1.929 1.00 1.00 ? 3  DNE A HB3 3 
HETATM 520  H HG2 . DNE A 1 4  ? 5.530  0.351  -2.868 1.00 1.00 ? 3  DNE A HG2 3 
HETATM 521  H HG3 . DNE A 1 4  ? 4.706  -1.189 -3.091 1.00 1.00 ? 3  DNE A HG3 3 
HETATM 522  H HD2 . DNE A 1 4  ? 5.984  -0.580 -5.077 1.00 1.00 ? 3  DNE A HD2 3 
HETATM 523  H HD3 . DNE A 1 4  ? 4.266  -0.641 -5.468 1.00 1.00 ? 3  DNE A HD3 3 
HETATM 524  H HE1 . DNE A 1 4  ? 5.434  1.320  -6.481 1.00 1.00 ? 3  DNE A HE1 3 
HETATM 525  H HE2 . DNE A 1 4  ? 4.149  1.840  -5.382 1.00 1.00 ? 3  DNE A HE2 3 
HETATM 526  H HE3 . DNE A 1 4  ? 5.848  1.906  -4.858 1.00 1.00 ? 3  DNE A HE3 3 
HETATM 527  N N   . NLE A 1 5  ? -0.099 0.792  -4.057 1.00 1.00 ? 4  NLE A N   3 
HETATM 528  C CA  . NLE A 1 5  ? -1.402 1.307  -3.674 1.00 1.00 ? 4  NLE A CA  3 
HETATM 529  C C   . NLE A 1 5  ? -2.086 0.273  -2.779 1.00 1.00 ? 4  NLE A C   3 
HETATM 530  O O   . NLE A 1 5  ? -2.409 -0.821 -3.234 1.00 1.00 ? 4  NLE A O   3 
HETATM 531  C CB  . NLE A 1 5  ? -2.245 1.610  -4.918 1.00 1.00 ? 4  NLE A CB  3 
HETATM 532  C CG  . NLE A 1 5  ? -1.631 2.748  -5.746 1.00 1.00 ? 4  NLE A CG  3 
HETATM 533  C CD  . NLE A 1 5  ? -2.436 3.040  -7.019 1.00 1.00 ? 4  NLE A CD  3 
HETATM 534  C CE  . NLE A 1 5  ? -3.838 3.583  -6.720 1.00 1.00 ? 4  NLE A CE  3 
HETATM 535  H H   . NLE A 1 5  ? 0.085  0.606  -5.033 1.00 1.00 ? 4  NLE A H   3 
HETATM 536  H HA  . NLE A 1 5  ? -1.268 2.236  -3.116 1.00 1.00 ? 4  NLE A HA  3 
HETATM 537  H HB2 . NLE A 1 5  ? -2.331 0.709  -5.530 1.00 1.00 ? 4  NLE A HB2 3 
HETATM 538  H HB3 . NLE A 1 5  ? -3.240 1.900  -4.584 1.00 1.00 ? 4  NLE A HB3 3 
HETATM 539  H HG2 . NLE A 1 5  ? -1.576 3.653  -5.139 1.00 1.00 ? 4  NLE A HG2 3 
HETATM 540  H HG3 . NLE A 1 5  ? -0.620 2.473  -6.048 1.00 1.00 ? 4  NLE A HG3 3 
HETATM 541  H HD2 . NLE A 1 5  ? -1.897 3.789  -7.601 1.00 1.00 ? 4  NLE A HD2 3 
HETATM 542  H HD3 . NLE A 1 5  ? -2.519 2.132  -7.618 1.00 1.00 ? 4  NLE A HD3 3 
HETATM 543  H HE1 . NLE A 1 5  ? -4.310 3.888  -7.654 1.00 1.00 ? 4  NLE A HE1 3 
HETATM 544  H HE2 . NLE A 1 5  ? -4.457 2.817  -6.254 1.00 1.00 ? 4  NLE A HE2 3 
HETATM 545  H HE3 . NLE A 1 5  ? -3.771 4.449  -6.060 1.00 1.00 ? 4  NLE A HE3 3 
HETATM 546  N N   . DNE A 1 6  ? -2.281 0.618  -1.507 1.00 1.00 ? 5  DNE A N   3 
HETATM 547  C CA  . DNE A 1 6  ? -2.896 -0.235 -0.502 1.00 1.00 ? 5  DNE A CA  3 
HETATM 548  C C   . DNE A 1 6  ? -1.986 -1.408 -0.123 1.00 1.00 ? 5  DNE A C   3 
HETATM 549  O O   . DNE A 1 6  ? -2.463 -2.417 0.390  1.00 1.00 ? 5  DNE A O   3 
HETATM 550  C CB  . DNE A 1 6  ? -4.324 -0.660 -0.882 1.00 1.00 ? 5  DNE A CB  3 
HETATM 551  C CG  . DNE A 1 6  ? -5.206 0.546  -1.228 1.00 1.00 ? 5  DNE A CG  3 
HETATM 552  C CD  . DNE A 1 6  ? -6.663 0.108  -1.405 1.00 1.00 ? 5  DNE A CD  3 
HETATM 553  C CE  . DNE A 1 6  ? -7.538 1.312  -1.762 1.00 1.00 ? 5  DNE A CE  3 
HETATM 554  H H   . DNE A 1 6  ? -1.947 1.520  -1.178 1.00 1.00 ? 5  DNE A H   3 
HETATM 555  H HA  . DNE A 1 6  ? -2.975 0.375  0.391  1.00 1.00 ? 5  DNE A HA  3 
HETATM 556  H HB2 . DNE A 1 6  ? -4.307 -1.347 -1.728 1.00 1.00 ? 5  DNE A HB2 3 
HETATM 557  H HB3 . DNE A 1 6  ? -4.762 -1.182 -0.030 1.00 1.00 ? 5  DNE A HB3 3 
HETATM 558  H HG2 . DNE A 1 6  ? -5.147 1.285  -0.429 1.00 1.00 ? 5  DNE A HG2 3 
HETATM 559  H HG3 . DNE A 1 6  ? -4.859 0.994  -2.159 1.00 1.00 ? 5  DNE A HG3 3 
HETATM 560  H HD2 . DNE A 1 6  ? -6.727 -0.632 -2.205 1.00 1.00 ? 5  DNE A HD2 3 
HETATM 561  H HD3 . DNE A 1 6  ? -7.028 -0.337 -0.478 1.00 1.00 ? 5  DNE A HD3 3 
HETATM 562  H HE1 . DNE A 1 6  ? -8.571 0.985  -1.885 1.00 1.00 ? 5  DNE A HE1 3 
HETATM 563  H HE2 . DNE A 1 6  ? -7.492 2.056  -0.967 1.00 1.00 ? 5  DNE A HE2 3 
HETATM 564  H HE3 . DNE A 1 6  ? -7.194 1.760  -2.695 1.00 1.00 ? 5  DNE A HE3 3 
HETATM 565  N N   . NLE A 1 7  ? -0.676 -1.261 -0.338 1.00 1.00 ? 6  NLE A N   3 
HETATM 566  C CA  . NLE A 1 7  ? 0.344  -2.190 0.123  1.00 1.00 ? 6  NLE A CA  3 
HETATM 567  C C   . NLE A 1 7  ? 1.697  -1.487 0.011  1.00 1.00 ? 6  NLE A C   3 
HETATM 568  O O   . NLE A 1 7  ? 2.527  -1.840 -0.829 1.00 1.00 ? 6  NLE A O   3 
HETATM 569  C CB  . NLE A 1 7  ? 0.282  -3.514 -0.657 1.00 1.00 ? 6  NLE A CB  3 
HETATM 570  C CG  . NLE A 1 7  ? 1.298  -4.578 -0.208 1.00 1.00 ? 6  NLE A CG  3 
HETATM 571  C CD  . NLE A 1 7  ? 1.229  -4.867 1.297  1.00 1.00 ? 6  NLE A CD  3 
HETATM 572  C CE  . NLE A 1 7  ? 2.108  -6.069 1.651  1.00 1.00 ? 6  NLE A CE  3 
HETATM 573  H H   . NLE A 1 7  ? -0.359 -0.430 -0.828 1.00 1.00 ? 6  NLE A H   3 
HETATM 574  H HA  . NLE A 1 7  ? 0.138  -2.404 1.172  1.00 1.00 ? 6  NLE A HA  3 
HETATM 575  H HB2 . NLE A 1 7  ? -0.706 -3.944 -0.518 1.00 1.00 ? 6  NLE A HB2 3 
HETATM 576  H HB3 . NLE A 1 7  ? 0.423  -3.307 -1.716 1.00 1.00 ? 6  NLE A HB3 3 
HETATM 577  H HG2 . NLE A 1 7  ? 1.073  -5.499 -0.745 1.00 1.00 ? 6  NLE A HG2 3 
HETATM 578  H HG3 . NLE A 1 7  ? 2.313  -4.281 -0.471 1.00 1.00 ? 6  NLE A HG3 3 
HETATM 579  H HD2 . NLE A 1 7  ? 1.591  -4.007 1.858  1.00 1.00 ? 6  NLE A HD2 3 
HETATM 580  H HD3 . NLE A 1 7  ? 0.198  -5.081 1.584  1.00 1.00 ? 6  NLE A HD3 3 
HETATM 581  H HE1 . NLE A 1 7  ? 1.759  -6.955 1.122  1.00 1.00 ? 6  NLE A HE1 3 
HETATM 582  H HE2 . NLE A 1 7  ? 3.143  -5.866 1.374  1.00 1.00 ? 6  NLE A HE2 3 
HETATM 583  H HE3 . NLE A 1 7  ? 2.056  -6.253 2.725  1.00 1.00 ? 6  NLE A HE3 3 
HETATM 584  N N   . DNE A 1 8  ? 1.900  -0.480 0.865  1.00 1.00 ? 7  DNE A N   3 
HETATM 585  C CA  . DNE A 1 8  ? 3.154  0.269  0.962  1.00 1.00 ? 7  DNE A CA  3 
HETATM 586  C C   . DNE A 1 8  ? 2.893  1.769  0.793  1.00 1.00 ? 7  DNE A C   3 
HETATM 587  O O   . DNE A 1 8  ? 3.663  2.595  1.275  1.00 1.00 ? 7  DNE A O   3 
HETATM 588  C CB  . DNE A 1 8  ? 3.828  -0.029 2.311  1.00 1.00 ? 7  DNE A CB  3 
HETATM 589  C CG  . DNE A 1 8  ? 4.031  -1.532 2.545  1.00 1.00 ? 7  DNE A CG  3 
HETATM 590  C CD  . DNE A 1 8  ? 4.726  -1.771 3.888  1.00 1.00 ? 7  DNE A CD  3 
HETATM 591  C CE  . DNE A 1 8  ? 4.875  -3.271 4.150  1.00 1.00 ? 7  DNE A CE  3 
HETATM 592  H H   . DNE A 1 8  ? 1.133  -0.213 1.477  1.00 1.00 ? 7  DNE A H   3 
HETATM 593  H HA  . DNE A 1 8  ? 3.850  -0.034 0.182  1.00 1.00 ? 7  DNE A HA  3 
HETATM 594  H HB2 . DNE A 1 8  ? 4.801  0.465  2.332  1.00 1.00 ? 7  DNE A HB2 3 
HETATM 595  H HB3 . DNE A 1 8  ? 3.222  0.384  3.114  1.00 1.00 ? 7  DNE A HB3 3 
HETATM 596  H HG2 . DNE A 1 8  ? 3.070  -2.044 2.559  1.00 1.00 ? 7  DNE A HG2 3 
HETATM 597  H HG3 . DNE A 1 8  ? 4.639  -1.945 1.739  1.00 1.00 ? 7  DNE A HG3 3 
HETATM 598  H HD2 . DNE A 1 8  ? 5.715  -1.308 3.877  1.00 1.00 ? 7  DNE A HD2 3 
HETATM 599  H HD3 . DNE A 1 8  ? 4.138  -1.326 4.692  1.00 1.00 ? 7  DNE A HD3 3 
HETATM 600  H HE1 . DNE A 1 8  ? 5.470  -3.730 3.360  1.00 1.00 ? 7  DNE A HE1 3 
HETATM 601  H HE2 . DNE A 1 8  ? 5.373  -3.425 5.108  1.00 1.00 ? 7  DNE A HE2 3 
HETATM 602  H HE3 . DNE A 1 8  ? 3.892  -3.743 4.181  1.00 1.00 ? 7  DNE A HE3 3 
HETATM 603  N N   . NLE A 1 9  ? 1.789  2.117  0.130  1.00 1.00 ? 8  NLE A N   3 
HETATM 604  C CA  . NLE A 1 9  ? 1.229  3.457  0.034  1.00 1.00 ? 8  NLE A CA  3 
HETATM 605  C C   . NLE A 1 9  ? -0.243 3.336  0.451  1.00 1.00 ? 8  NLE A C   3 
HETATM 606  O O   . NLE A 1 9  ? -0.854 2.311  0.147  1.00 1.00 ? 8  NLE A O   3 
HETATM 607  C CB  . NLE A 1 9  ? 1.363  3.978  -1.404 1.00 1.00 ? 8  NLE A CB  3 
HETATM 608  C CG  . NLE A 1 9  ? 2.831  4.234  -1.764 1.00 1.00 ? 8  NLE A CG  3 
HETATM 609  C CD  . NLE A 1 9  ? 2.949  4.684  -3.224 1.00 1.00 ? 8  NLE A CD  3 
HETATM 610  C CE  . NLE A 1 9  ? 4.415  4.912  -3.595 1.00 1.00 ? 8  NLE A CE  3 
HETATM 611  H H   . NLE A 1 9  ? 1.251  1.384  -0.327 1.00 1.00 ? 8  NLE A H   3 
HETATM 612  H HA  . NLE A 1 9  ? 1.759  4.120  0.717  1.00 1.00 ? 8  NLE A HA  3 
HETATM 613  H HB2 . NLE A 1 9  ? 0.935  3.254  -2.095 1.00 1.00 ? 8  NLE A HB2 3 
HETATM 614  H HB3 . NLE A 1 9  ? 0.811  4.913  -1.509 1.00 1.00 ? 8  NLE A HB3 3 
HETATM 615  H HG2 . NLE A 1 9  ? 3.234  5.009  -1.111 1.00 1.00 ? 8  NLE A HG2 3 
HETATM 616  H HG3 . NLE A 1 9  ? 3.412  3.324  -1.622 1.00 1.00 ? 8  NLE A HG3 3 
HETATM 617  H HD2 . NLE A 1 9  ? 2.531  3.920  -3.880 1.00 1.00 ? 8  NLE A HD2 3 
HETATM 618  H HD3 . NLE A 1 9  ? 2.394  5.614  -3.367 1.00 1.00 ? 8  NLE A HD3 3 
HETATM 619  H HE1 . NLE A 1 9  ? 4.484  5.225  -4.637 1.00 1.00 ? 8  NLE A HE1 3 
HETATM 620  H HE2 . NLE A 1 9  ? 4.842  5.692  -2.962 1.00 1.00 ? 8  NLE A HE2 3 
HETATM 621  H HE3 . NLE A 1 9  ? 4.982  3.991  -3.461 1.00 1.00 ? 8  NLE A HE3 3 
HETATM 622  C C   . DNM A 1 10 ? -2.007 2.943  2.806  1.00 1.00 ? 9  DNM A C   3 
HETATM 623  N N   . DNM A 1 10 ? -0.831 4.334  1.138  1.00 1.00 ? 9  DNM A N   3 
HETATM 624  O O   . DNM A 1 10 ? -1.290 3.051  3.801  1.00 1.00 ? 9  DNM A O   3 
HETATM 625  C C1  . DNM A 1 10 ? -0.196 5.636  1.357  1.00 1.00 ? 9  DNM A C1  3 
HETATM 626  C CA  . DNM A 1 10 ? -2.116 4.113  1.814  1.00 1.00 ? 9  DNM A CA  3 
HETATM 627  C CB  . DNM A 1 10 ? -3.277 3.995  0.806  1.00 1.00 ? 9  DNM A CB  3 
HETATM 628  C CD  . DNM A 1 10 ? -4.503 5.129  -1.118 1.00 1.00 ? 9  DNM A CD  3 
HETATM 629  C CE  . DNM A 1 10 ? -4.118 4.199  -2.274 1.00 1.00 ? 9  DNM A CE  3 
HETATM 630  C CG  . DNM A 1 10 ? -3.385 5.249  -0.075 1.00 1.00 ? 9  DNM A CG  3 
HETATM 631  H HA  . DNM A 1 10 ? -2.335 4.974  2.442  1.00 1.00 ? 9  DNM A HA  3 
HETATM 632  H HB  . DNM A 1 10 ? -4.212 3.882  1.358  1.00 1.00 ? 9  DNM A HB  3 
HETATM 633  H HBA . DNM A 1 10 ? -3.148 3.120  0.173  1.00 1.00 ? 9  DNM A HBA 3 
HETATM 634  H H1  . DNM A 1 10 ? 0.356  5.959  0.476  1.00 1.00 ? 9  DNM A H1  3 
HETATM 635  H H1A . DNM A 1 10 ? 0.484  5.580  2.206  1.00 1.00 ? 9  DNM A H1A 3 
HETATM 636  H H1B . DNM A 1 10 ? -0.942 6.405  1.561  1.00 1.00 ? 9  DNM A H1B 3 
HETATM 637  H HD  . DNM A 1 10 ? -4.694 6.119  -1.534 1.00 1.00 ? 9  DNM A HD  3 
HETATM 638  H HDA . DNM A 1 10 ? -5.418 4.772  -0.644 1.00 1.00 ? 9  DNM A HDA 3 
HETATM 639  H HE  . DNM A 1 10 ? -3.950 3.186  -1.916 1.00 1.00 ? 9  DNM A HE  3 
HETATM 640  H HEA . DNM A 1 10 ? -4.926 4.181  -3.005 1.00 1.00 ? 9  DNM A HEA 3 
HETATM 641  H HEB . DNM A 1 10 ? -3.212 4.562  -2.759 1.00 1.00 ? 9  DNM A HEB 3 
HETATM 642  H HG  . DNM A 1 10 ? -2.445 5.437  -0.593 1.00 1.00 ? 9  DNM A HG  3 
HETATM 643  H HGA . DNM A 1 10 ? -3.602 6.103  0.568  1.00 1.00 ? 9  DNM A HGA 3 
HETATM 644  N N   . NLE A 1 11 ? -2.698 1.825  2.578  1.00 1.00 ? 10 NLE A N   3 
HETATM 645  C CA  . NLE A 1 11 ? -2.577 0.677  3.469  1.00 1.00 ? 10 NLE A CA  3 
HETATM 646  C C   . NLE A 1 11 ? -1.136 0.146  3.446  1.00 1.00 ? 10 NLE A C   3 
HETATM 647  O O   . NLE A 1 11 ? -0.356 0.413  2.527  1.00 1.00 ? 10 NLE A O   3 
HETATM 648  C CB  . NLE A 1 11 ? -3.616 -0.409 3.150  1.00 1.00 ? 10 NLE A CB  3 
HETATM 649  C CG  . NLE A 1 11 ? -5.046 0.125  2.974  1.00 1.00 ? 10 NLE A CG  3 
HETATM 650  C CD  . NLE A 1 11 ? -5.562 0.835  4.230  1.00 1.00 ? 10 NLE A CD  3 
HETATM 651  C CE  . NLE A 1 11 ? -7.028 1.233  4.049  1.00 1.00 ? 10 NLE A CE  3 
HETATM 652  H H   . NLE A 1 11 ? -3.295 1.771  1.770  1.00 1.00 ? 10 NLE A H   3 
HETATM 653  H HA  . NLE A 1 11 ? -2.773 1.025  4.483  1.00 1.00 ? 10 NLE A HA  3 
HETATM 654  H HB2 . NLE A 1 11 ? -3.330 -0.933 2.243  1.00 1.00 ? 10 NLE A HB2 3 
HETATM 655  H HB3 . NLE A 1 11 ? -3.613 -1.140 3.959  1.00 1.00 ? 10 NLE A HB3 3 
HETATM 656  H HG2 . NLE A 1 11 ? -5.095 0.808  2.127  1.00 1.00 ? 10 NLE A HG2 3 
HETATM 657  H HG3 . NLE A 1 11 ? -5.695 -0.725 2.762  1.00 1.00 ? 10 NLE A HG3 3 
HETATM 658  H HD2 . NLE A 1 11 ? -5.478 0.170  5.091  1.00 1.00 ? 10 NLE A HD2 3 
HETATM 659  H HD3 . NLE A 1 11 ? -4.980 1.739  4.418  1.00 1.00 ? 10 NLE A HD3 3 
HETATM 660  H HE1 . NLE A 1 11 ? -7.639 0.344  3.883  1.00 1.00 ? 10 NLE A HE1 3 
HETATM 661  H HE2 . NLE A 1 11 ? -7.382 1.742  4.947  1.00 1.00 ? 10 NLE A HE2 3 
HETATM 662  H HE3 . NLE A 1 11 ? -7.130 1.905  3.195  1.00 1.00 ? 10 NLE A HE3 3 
HETATM 663  N N   . DNE A 1 12 ? -0.744 -0.572 4.498  1.00 1.00 ? 11 DNE A N   3 
HETATM 664  C CA  . DNE A 1 12 ? 0.646  -0.958 4.701  1.00 1.00 ? 11 DNE A CA  3 
HETATM 665  C C   . DNE A 1 12 ? 1.391  0.228  5.327  1.00 1.00 ? 11 DNE A C   3 
HETATM 666  O O   . DNE A 1 12 ? 1.987  0.099  6.391  1.00 1.00 ? 11 DNE A O   3 
HETATM 667  C CB  . DNE A 1 12 ? 0.712  -2.220 5.574  1.00 1.00 ? 11 DNE A CB  3 
HETATM 668  C CG  . DNE A 1 12 ? -0.031 -3.389 4.913  1.00 1.00 ? 11 DNE A CG  3 
HETATM 669  C CD  . DNE A 1 12 ? 0.243  -4.723 5.618  1.00 1.00 ? 11 DNE A CD  3 
HETATM 670  C CE  . DNE A 1 12 ? -0.270 -4.736 7.061  1.00 1.00 ? 11 DNE A CE  3 
HETATM 671  H H   . DNE A 1 12 ? -1.420 -0.832 5.200  1.00 1.00 ? 11 DNE A H   3 
HETATM 672  H HA  . DNE A 1 12 ? 1.119  -1.191 3.747  1.00 1.00 ? 11 DNE A HA  3 
HETATM 673  H HB2 . DNE A 1 12 ? 1.760  -2.493 5.706  1.00 1.00 ? 11 DNE A HB2 3 
HETATM 674  H HB3 . DNE A 1 12 ? 0.280  -2.006 6.552  1.00 1.00 ? 11 DNE A HB3 3 
HETATM 675  H HG2 . DNE A 1 12 ? -1.105 -3.199 4.912  1.00 1.00 ? 11 DNE A HG2 3 
HETATM 676  H HG3 . DNE A 1 12 ? 0.303  -3.481 3.880  1.00 1.00 ? 11 DNE A HG3 3 
HETATM 677  H HD2 . DNE A 1 12 ? -0.262 -5.515 5.063  1.00 1.00 ? 11 DNE A HD2 3 
HETATM 678  H HD3 . DNE A 1 12 ? 1.315  -4.929 5.613  1.00 1.00 ? 11 DNE A HD3 3 
HETATM 679  H HE1 . DNE A 1 12 ? 0.291  -4.031 7.674  1.00 1.00 ? 11 DNE A HE1 3 
HETATM 680  H HE2 . DNE A 1 12 ? -1.329 -4.476 7.083  1.00 1.00 ? 11 DNE A HE2 3 
HETATM 681  H HE3 . DNE A 1 12 ? -0.143 -5.735 7.478  1.00 1.00 ? 11 DNE A HE3 3 
HETATM 682  N N   . NLO A 1 13 ? 1.339  1.395  4.672  1.00 1.00 ? 12 NLO A N   3 
HETATM 683  C CA  . NLO A 1 13 ? 1.936  2.615  5.202  1.00 1.00 ? 12 NLO A CA  3 
HETATM 684  C C   . NLO A 1 13 ? 1.172  3.045  6.455  1.00 1.00 ? 12 NLO A C   3 
HETATM 685  O O   . NLO A 1 13 ? 1.789  3.329  7.478  1.00 1.00 ? 12 NLO A O   3 
HETATM 686  C CB  . NLO A 1 13 ? 1.915  3.714  4.128  1.00 1.00 ? 12 NLO A CB  3 
HETATM 687  C CG  . NLO A 1 13 ? 2.685  4.985  4.507  1.00 1.00 ? 12 NLO A CG  3 
HETATM 688  C CD  . NLO A 1 13 ? 4.202  4.761  4.511  1.00 1.00 ? 12 NLO A CD  3 
HETATM 689  C CE  . NLO A 1 13 ? 4.932  6.086  4.746  1.00 1.00 ? 12 NLO A CE  3 
HETATM 690  O OXT . NLO A 1 13 ? -0.185 3.084  6.331  1.00 1.00 ? 12 NLO A OXT 3 
HETATM 691  H H   . NLO A 1 13 ? 0.855  1.424  3.782  1.00 1.00 ? 12 NLO A H   3 
HETATM 692  H HA  . NLO A 1 13 ? 2.969  2.397  5.474  1.00 1.00 ? 12 NLO A HA  3 
HETATM 693  H HB2 . NLO A 1 13 ? 2.326  3.323  3.203  1.00 1.00 ? 12 NLO A HB2 3 
HETATM 694  H HB3 . NLO A 1 13 ? 0.889  4.012  3.940  1.00 1.00 ? 12 NLO A HB3 3 
HETATM 695  H HG2 . NLO A 1 13 ? 2.443  5.744  3.762  1.00 1.00 ? 12 NLO A HG2 3 
HETATM 696  H HG3 . NLO A 1 13 ? 2.362  5.349  5.484  1.00 1.00 ? 12 NLO A HG3 3 
HETATM 697  H HD2 . NLO A 1 13 ? 4.480  4.068  5.305  1.00 1.00 ? 12 NLO A HD2 3 
HETATM 698  H HD3 . NLO A 1 13 ? 4.515  4.349  3.551  1.00 1.00 ? 12 NLO A HD3 3 
HETATM 699  H HE1 . NLO A 1 13 ? 4.635  6.509  5.707  1.00 1.00 ? 12 NLO A HE1 3 
HETATM 700  H HE2 . NLO A 1 13 ? 6.008  5.911  4.753  1.00 1.00 ? 12 NLO A HE2 3 
HETATM 701  H HE3 . NLO A 1 13 ? 4.691  6.792  3.951  1.00 1.00 ? 12 NLO A HE3 3 
HETATM 702  H HXT . NLO A 1 13 ? -0.460 2.938  5.419  1.00 1.00 ? 12 NLO A HXT 3 
HETATM 703  N N   . DNE A 1 2  ? -1.720 -5.729 -6.304 1.00 1.00 ? 1  DNE A N   4 
HETATM 704  C CA  . DNE A 1 2  ? -1.711 -5.919 -4.840 1.00 1.00 ? 1  DNE A CA  4 
HETATM 705  C C   . DNE A 1 2  ? -0.335 -5.563 -4.268 1.00 1.00 ? 1  DNE A C   4 
HETATM 706  O O   . DNE A 1 2  ? 0.181  -6.263 -3.400 1.00 1.00 ? 1  DNE A O   4 
HETATM 707  C CB  . DNE A 1 2  ? -2.814 -5.051 -4.216 1.00 1.00 ? 1  DNE A CB  4 
HETATM 708  C CG  . DNE A 1 2  ? -3.055 -5.417 -2.746 1.00 1.00 ? 1  DNE A CG  4 
HETATM 709  C CD  . DNE A 1 2  ? -4.047 -4.438 -2.113 1.00 1.00 ? 1  DNE A CD  4 
HETATM 710  C CE  . DNE A 1 2  ? -4.340 -4.831 -0.664 1.00 1.00 ? 1  DNE A CE  4 
HETATM 711  H H1  . DNE A 1 2  ? -2.617 -6.032 -6.698 1.00 1.00 ? 1  DNE A H1  4 
HETATM 712  H H2  . DNE A 1 2  ? -1.007 -6.325 -6.742 1.00 1.00 ? 1  DNE A H2  4 
HETATM 713  H HA  . DNE A 1 2  ? -1.918 -6.969 -4.625 1.00 1.00 ? 1  DNE A HA  4 
HETATM 714  H HB2 . DNE A 1 2  ? -2.533 -3.999 -4.290 1.00 1.00 ? 1  DNE A HB2 4 
HETATM 715  H HB3 . DNE A 1 2  ? -3.747 -5.202 -4.762 1.00 1.00 ? 1  DNE A HB3 4 
HETATM 716  H HG2 . DNE A 1 2  ? -3.454 -6.431 -2.688 1.00 1.00 ? 1  DNE A HG2 4 
HETATM 717  H HG3 . DNE A 1 2  ? -2.119 -5.375 -2.188 1.00 1.00 ? 1  DNE A HG3 4 
HETATM 718  H HD2 . DNE A 1 2  ? -3.618 -3.434 -2.130 1.00 1.00 ? 1  DNE A HD2 4 
HETATM 719  H HD3 . DNE A 1 2  ? -4.979 -4.435 -2.680 1.00 1.00 ? 1  DNE A HD3 4 
HETATM 720  H HE1 . DNE A 1 2  ? -3.416 -4.849 -0.087 1.00 1.00 ? 1  DNE A HE1 4 
HETATM 721  H HE2 . DNE A 1 2  ? -5.019 -4.102 -0.220 1.00 1.00 ? 1  DNE A HE2 4 
HETATM 722  H HE3 . DNE A 1 2  ? -4.804 -5.818 -0.632 1.00 1.00 ? 1  DNE A HE3 4 
HETATM 723  N N   . NLE A 1 3  ? 0.246  -4.466 -4.757 1.00 1.00 ? 2  NLE A N   4 
HETATM 724  C CA  . NLE A 1 3  ? 1.505  -3.893 -4.311 1.00 1.00 ? 2  NLE A CA  4 
HETATM 725  C C   . NLE A 1 3  ? 1.377  -2.380 -4.464 1.00 1.00 ? 2  NLE A C   4 
HETATM 726  O O   . NLE A 1 3  ? 0.722  -1.916 -5.400 1.00 1.00 ? 2  NLE A O   4 
HETATM 727  C CB  . NLE A 1 3  ? 2.673  -4.408 -5.166 1.00 1.00 ? 2  NLE A CB  4 
HETATM 728  C CG  . NLE A 1 3  ? 2.882  -5.922 -5.031 1.00 1.00 ? 2  NLE A CG  4 
HETATM 729  C CD  . NLE A 1 3  ? 4.151  -6.351 -5.772 1.00 1.00 ? 2  NLE A CD  4 
HETATM 730  C CE  . NLE A 1 3  ? 4.354  -7.863 -5.650 1.00 1.00 ? 2  NLE A CE  4 
HETATM 731  H H   . NLE A 1 3  ? -0.237 -3.960 -5.490 1.00 1.00 ? 2  NLE A H   4 
HETATM 732  H HA  . NLE A 1 3  ? 1.687  -4.142 -3.264 1.00 1.00 ? 2  NLE A HA  4 
HETATM 733  H HB2 . NLE A 1 3  ? 2.494  -4.160 -6.214 1.00 1.00 ? 2  NLE A HB2 4 
HETATM 734  H HB3 . NLE A 1 3  ? 3.581  -3.900 -4.841 1.00 1.00 ? 2  NLE A HB3 4 
HETATM 735  H HG2 . NLE A 1 3  ? 2.972  -6.183 -3.975 1.00 1.00 ? 2  NLE A HG2 4 
HETATM 736  H HG3 . NLE A 1 3  ? 2.029  -6.451 -5.457 1.00 1.00 ? 2  NLE A HG3 4 
HETATM 737  H HD2 . NLE A 1 3  ? 4.066  -6.087 -6.827 1.00 1.00 ? 2  NLE A HD2 4 
HETATM 738  H HD3 . NLE A 1 3  ? 5.016  -5.841 -5.346 1.00 1.00 ? 2  NLE A HD3 4 
HETATM 739  H HE1 . NLE A 1 3  ? 5.261  -8.153 -6.181 1.00 1.00 ? 2  NLE A HE1 4 
HETATM 740  H HE2 . NLE A 1 3  ? 4.451  -8.143 -4.600 1.00 1.00 ? 2  NLE A HE2 4 
HETATM 741  H HE3 . NLE A 1 3  ? 3.504  -8.390 -6.086 1.00 1.00 ? 2  NLE A HE3 4 
HETATM 742  N N   . DNE A 1 4  ? 1.985  -1.602 -3.571 1.00 1.00 ? 3  DNE A N   4 
HETATM 743  C CA  . DNE A 1 4  ? 1.973  -0.155 -3.697 1.00 1.00 ? 3  DNE A CA  4 
HETATM 744  C C   . DNE A 1 4  ? 0.651  0.358  -3.130 1.00 1.00 ? 3  DNE A C   4 
HETATM 745  O O   . DNE A 1 4  ? 0.518  0.558  -1.922 1.00 1.00 ? 3  DNE A O   4 
HETATM 746  C CB  . DNE A 1 4  ? 3.192  0.461  -2.999 1.00 1.00 ? 3  DNE A CB  4 
HETATM 747  C CG  . DNE A 1 4  ? 4.534  -0.155 -3.424 1.00 1.00 ? 3  DNE A CG  4 
HETATM 748  C CD  . DNE A 1 4  ? 4.803  -0.114 -4.935 1.00 1.00 ? 3  DNE A CD  4 
HETATM 749  C CE  . DNE A 1 4  ? 4.825  1.314  -5.488 1.00 1.00 ? 3  DNE A CE  4 
HETATM 750  H H   . DNE A 1 4  ? 2.456  -2.005 -2.765 1.00 1.00 ? 3  DNE A H   4 
HETATM 751  H HA  . DNE A 1 4  ? 2.029  0.128  -4.749 1.00 1.00 ? 3  DNE A HA  4 
HETATM 752  H HB2 . DNE A 1 4  ? 3.203  1.530  -3.203 1.00 1.00 ? 3  DNE A HB2 4 
HETATM 753  H HB3 . DNE A 1 4  ? 3.088  0.331  -1.926 1.00 1.00 ? 3  DNE A HB3 4 
HETATM 754  H HG2 . DNE A 1 4  ? 5.334  0.383  -2.913 1.00 1.00 ? 3  DNE A HG2 4 
HETATM 755  H HG3 . DNE A 1 4  ? 4.572  -1.194 -3.094 1.00 1.00 ? 3  DNE A HG3 4 
HETATM 756  H HD2 . DNE A 1 4  ? 5.779  -0.565 -5.116 1.00 1.00 ? 3  DNE A HD2 4 
HETATM 757  H HD3 . DNE A 1 4  ? 4.057  -0.703 -5.469 1.00 1.00 ? 3  DNE A HD3 4 
HETATM 758  H HE1 . DNE A 1 4  ? 5.116  1.287  -6.539 1.00 1.00 ? 3  DNE A HE1 4 
HETATM 759  H HE2 . DNE A 1 4  ? 3.841  1.774  -5.414 1.00 1.00 ? 3  DNE A HE2 4 
HETATM 760  H HE3 . DNE A 1 4  ? 5.550  1.914  -4.938 1.00 1.00 ? 3  DNE A HE3 4 
HETATM 761  N N   . NLE A 1 5  ? -0.335 0.561  -4.002 1.00 1.00 ? 4  NLE A N   4 
HETATM 762  C CA  . NLE A 1 5  ? -1.626 1.113  -3.625 1.00 1.00 ? 4  NLE A CA  4 
HETATM 763  C C   . NLE A 1 5  ? -2.309 0.163  -2.639 1.00 1.00 ? 4  NLE A C   4 
HETATM 764  O O   . NLE A 1 5  ? -2.684 -0.946 -3.010 1.00 1.00 ? 4  NLE A O   4 
HETATM 765  C CB  . NLE A 1 5  ? -2.490 1.337  -4.875 1.00 1.00 ? 4  NLE A CB  4 
HETATM 766  C CG  . NLE A 1 5  ? -1.838 2.245  -5.930 1.00 1.00 ? 4  NLE A CG  4 
HETATM 767  C CD  . NLE A 1 5  ? -1.510 3.642  -5.389 1.00 1.00 ? 4  NLE A CD  4 
HETATM 768  C CE  . NLE A 1 5  ? -1.016 4.547  -6.519 1.00 1.00 ? 4  NLE A CE  4 
HETATM 769  H H   . NLE A 1 5  ? -0.175 0.302  -4.966 1.00 1.00 ? 4  NLE A H   4 
HETATM 770  H HA  . NLE A 1 5  ? -1.472 2.071  -3.130 1.00 1.00 ? 4  NLE A HA  4 
HETATM 771  H HB2 . NLE A 1 5  ? -2.703 0.372  -5.338 1.00 1.00 ? 4  NLE A HB2 4 
HETATM 772  H HB3 . NLE A 1 5  ? -3.439 1.779  -4.567 1.00 1.00 ? 4  NLE A HB3 4 
HETATM 773  H HG2 . NLE A 1 5  ? -0.928 1.783  -6.314 1.00 1.00 ? 4  NLE A HG2 4 
HETATM 774  H HG3 . NLE A 1 5  ? -2.540 2.348  -6.759 1.00 1.00 ? 4  NLE A HG3 4 
HETATM 775  H HD2 . NLE A 1 5  ? -2.404 4.084  -4.946 1.00 1.00 ? 4  NLE A HD2 4 
HETATM 776  H HD3 . NLE A 1 5  ? -0.726 3.580  -4.634 1.00 1.00 ? 4  NLE A HD3 4 
HETATM 777  H HE1 . NLE A 1 5  ? -0.780 5.534  -6.119 1.00 1.00 ? 4  NLE A HE1 4 
HETATM 778  H HE2 . NLE A 1 5  ? -0.119 4.123  -6.971 1.00 1.00 ? 4  NLE A HE2 4 
HETATM 779  H HE3 . NLE A 1 5  ? -1.789 4.650  -7.283 1.00 1.00 ? 4  NLE A HE3 4 
HETATM 780  N N   . DNE A 1 6  ? -2.444 0.593  -1.382 1.00 1.00 ? 5  DNE A N   4 
HETATM 781  C CA  . DNE A 1 6  ? -3.028 -0.186 -0.301 1.00 1.00 ? 5  DNE A CA  4 
HETATM 782  C C   . DNE A 1 6  ? -2.134 -1.370 0.076  1.00 1.00 ? 5  DNE A C   4 
HETATM 783  O O   . DNE A 1 6  ? -2.609 -2.348 0.647  1.00 1.00 ? 5  DNE A O   4 
HETATM 784  C CB  . DNE A 1 6  ? -4.487 -0.586 -0.580 1.00 1.00 ? 5  DNE A CB  4 
HETATM 785  C CG  . DNE A 1 6  ? -5.351 0.626  -0.943 1.00 1.00 ? 5  DNE A CG  4 
HETATM 786  C CD  . DNE A 1 6  ? -6.826 0.226  -1.037 1.00 1.00 ? 5  DNE A CD  4 
HETATM 787  C CE  . DNE A 1 6  ? -7.683 1.437  -1.410 1.00 1.00 ? 5  DNE A CE  4 
HETATM 788  H H   . DNE A 1 6  ? -2.080 1.506  -1.117 1.00 1.00 ? 5  DNE A H   4 
HETATM 789  H HA  . DNE A 1 6  ? -3.035 0.466  0.563  1.00 1.00 ? 5  DNE A HA  4 
HETATM 790  H HB2 . DNE A 1 6  ? -4.538 -1.322 -1.382 1.00 1.00 ? 5  DNE A HB2 4 
HETATM 791  H HB3 . DNE A 1 6  ? -4.894 -1.047 0.322  1.00 1.00 ? 5  DNE A HB3 4 
HETATM 792  H HG2 . DNE A 1 6  ? -5.237 1.398  -0.181 1.00 1.00 ? 5  DNE A HG2 4 
HETATM 793  H HG3 . DNE A 1 6  ? -5.034 1.022  -1.908 1.00 1.00 ? 5  DNE A HG3 4 
HETATM 794  H HD2 . DNE A 1 6  ? -6.946 -0.547 -1.797 1.00 1.00 ? 5  DNE A HD2 4 
HETATM 795  H HD3 . DNE A 1 6  ? -7.162 -0.167 -0.075 1.00 1.00 ? 5  DNE A HD3 4 
HETATM 796  H HE1 . DNE A 1 6  ? -8.729 1.137  -1.472 1.00 1.00 ? 5  DNE A HE1 4 
HETATM 797  H HE2 . DNE A 1 6  ? -7.580 2.214  -0.652 1.00 1.00 ? 5  DNE A HE2 4 
HETATM 798  H HE3 . DNE A 1 6  ? -7.368 1.832  -2.376 1.00 1.00 ? 5  DNE A HE3 4 
HETATM 799  N N   . NLE A 1 7  ? -0.836 -1.272 -0.219 1.00 1.00 ? 6  NLE A N   4 
HETATM 800  C CA  . NLE A 1 7  ? 0.162  -2.264 0.145  1.00 1.00 ? 6  NLE A CA  4 
HETATM 801  C C   . NLE A 1 7  ? 1.538  -1.610 0.019  1.00 1.00 ? 6  NLE A C   4 
HETATM 802  O O   . NLE A 1 7  ? 2.355  -1.999 -0.816 1.00 1.00 ? 6  NLE A O   4 
HETATM 803  C CB  . NLE A 1 7  ? -0.008 -3.526 -0.719 1.00 1.00 ? 6  NLE A CB  4 
HETATM 804  C CG  . NLE A 1 7  ? 0.920  -4.694 -0.343 1.00 1.00 ? 6  NLE A CG  4 
HETATM 805  C CD  . NLE A 1 7  ? 0.858  -5.116 1.133  1.00 1.00 ? 6  NLE A CD  4 
HETATM 806  C CE  . NLE A 1 7  ? -0.560 -5.486 1.577  1.00 1.00 ? 6  NLE A CE  4 
HETATM 807  H H   . NLE A 1 7  ? -0.517 -0.445 -0.716 1.00 1.00 ? 6  NLE A H   4 
HETATM 808  H HA  . NLE A 1 7  ? 0.006  -2.522 1.193  1.00 1.00 ? 6  NLE A HA  4 
HETATM 809  H HB2 . NLE A 1 7  ? -1.033 -3.882 -0.635 1.00 1.00 ? 6  NLE A HB2 4 
HETATM 810  H HB3 . NLE A 1 7  ? 0.157  -3.260 -1.762 1.00 1.00 ? 6  NLE A HB3 4 
HETATM 811  H HG2 . NLE A 1 7  ? 0.640  -5.554 -0.952 1.00 1.00 ? 6  NLE A HG2 4 
HETATM 812  H HG3 . NLE A 1 7  ? 1.953  -4.446 -0.585 1.00 1.00 ? 6  NLE A HG3 4 
HETATM 813  H HD2 . NLE A 1 7  ? 1.495  -5.994 1.257  1.00 1.00 ? 6  NLE A HD2 4 
HETATM 814  H HD3 . NLE A 1 7  ? 1.253  -4.326 1.771  1.00 1.00 ? 6  NLE A HD3 4 
HETATM 815  H HE1 . NLE A 1 7  ? -1.208 -4.609 1.575  1.00 1.00 ? 6  NLE A HE1 4 
HETATM 816  H HE2 . NLE A 1 7  ? -0.974 -6.242 0.908  1.00 1.00 ? 6  NLE A HE2 4 
HETATM 817  H HE3 . NLE A 1 7  ? -0.526 -5.890 2.590  1.00 1.00 ? 6  NLE A HE3 4 
HETATM 818  N N   . DNE A 1 8  ? 1.777  -0.596 0.858  1.00 1.00 ? 7  DNE A N   4 
HETATM 819  C CA  . DNE A 1 8  ? 3.051  0.122  0.931  1.00 1.00 ? 7  DNE A CA  4 
HETATM 820  C C   . DNE A 1 8  ? 2.830  1.629  0.748  1.00 1.00 ? 7  DNE A C   4 
HETATM 821  O O   . DNE A 1 8  ? 3.643  2.437  1.188  1.00 1.00 ? 7  DNE A O   4 
HETATM 822  C CB  . DNE A 1 8  ? 3.741  -0.174 2.271  1.00 1.00 ? 7  DNE A CB  4 
HETATM 823  C CG  . DNE A 1 8  ? 3.954  -1.677 2.507  1.00 1.00 ? 7  DNE A CG  4 
HETATM 824  C CD  . DNE A 1 8  ? 4.587  -1.964 3.875  1.00 1.00 ? 7  DNE A CD  4 
HETATM 825  C CE  . DNE A 1 8  ? 6.011  -1.412 3.997  1.00 1.00 ? 7  DNE A CE  4 
HETATM 826  H H   . DNE A 1 8  ? 1.021  -0.305 1.476  1.00 1.00 ? 7  DNE A H   4 
HETATM 827  H HA  . DNE A 1 8  ? 3.725  -0.204 0.141  1.00 1.00 ? 7  DNE A HA  4 
HETATM 828  H HB2 . DNE A 1 8  ? 4.710  0.326  2.265  1.00 1.00 ? 7  DNE A HB2 4 
HETATM 829  H HB3 . DNE A 1 8  ? 3.147  0.242  3.081  1.00 1.00 ? 7  DNE A HB3 4 
HETATM 830  H HG2 . DNE A 1 8  ? 2.995  -2.194 2.479  1.00 1.00 ? 7  DNE A HG2 4 
HETATM 831  H HG3 . DNE A 1 8  ? 4.588  -2.084 1.717  1.00 1.00 ? 7  DNE A HG3 4 
HETATM 832  H HD2 . DNE A 1 8  ? 3.968  -1.539 4.666  1.00 1.00 ? 7  DNE A HD2 4 
HETATM 833  H HD3 . DNE A 1 8  ? 4.627  -3.046 4.012  1.00 1.00 ? 7  DNE A HD3 4 
HETATM 834  H HE1 . DNE A 1 8  ? 6.002  -0.323 4.003  1.00 1.00 ? 7  DNE A HE1 4 
HETATM 835  H HE2 . DNE A 1 8  ? 6.449  -1.758 4.933  1.00 1.00 ? 7  DNE A HE2 4 
HETATM 836  H HE3 . DNE A 1 8  ? 6.622  -1.767 3.168  1.00 1.00 ? 7  DNE A HE3 4 
HETATM 837  N N   . NLE A 1 9  ? 1.715  2.001  0.118  1.00 1.00 ? 8  NLE A N   4 
HETATM 838  C CA  . NLE A 1 9  ? 1.190  3.356  0.032  1.00 1.00 ? 8  NLE A CA  4 
HETATM 839  C C   . NLE A 1 9  ? -0.278 3.276  0.470  1.00 1.00 ? 8  NLE A C   4 
HETATM 840  O O   . NLE A 1 9  ? -0.917 2.260  0.196  1.00 1.00 ? 8  NLE A O   4 
HETATM 841  C CB  . NLE A 1 9  ? 1.319  3.883  -1.405 1.00 1.00 ? 8  NLE A CB  4 
HETATM 842  C CG  . NLE A 1 9  ? 2.784  4.154  -1.763 1.00 1.00 ? 8  NLE A CG  4 
HETATM 843  C CD  . NLE A 1 9  ? 2.895  4.626  -3.216 1.00 1.00 ? 8  NLE A CD  4 
HETATM 844  C CE  . NLE A 1 9  ? 4.360  4.874  -3.584 1.00 1.00 ? 8  NLE A CE  4 
HETATM 845  H H   . NLE A 1 9  ? 1.145  1.280  -0.315 1.00 1.00 ? 8  NLE A H   4 
HETATM 846  H HA  . NLE A 1 9  ? 1.744  3.998  0.717  1.00 1.00 ? 8  NLE A HA  4 
HETATM 847  H HB2 . NLE A 1 9  ? 0.895  3.156  -2.097 1.00 1.00 ? 8  NLE A HB2 4 
HETATM 848  H HB3 . NLE A 1 9  ? 0.758  4.813  -1.506 1.00 1.00 ? 8  NLE A HB3 4 
HETATM 849  H HG2 . NLE A 1 9  ? 3.181  4.923  -1.100 1.00 1.00 ? 8  NLE A HG2 4 
HETATM 850  H HG3 . NLE A 1 9  ? 3.373  3.246  -1.632 1.00 1.00 ? 8  NLE A HG3 4 
HETATM 851  H HD2 . NLE A 1 9  ? 2.483  3.868  -3.884 1.00 1.00 ? 8  NLE A HD2 4 
HETATM 852  H HD3 . NLE A 1 9  ? 2.333  5.552  -3.345 1.00 1.00 ? 8  NLE A HD3 4 
HETATM 853  H HE1 . NLE A 1 9  ? 4.425  5.198  -4.623 1.00 1.00 ? 8  NLE A HE1 4 
HETATM 854  H HE2 . NLE A 1 9  ? 4.778  5.650  -2.942 1.00 1.00 ? 8  NLE A HE2 4 
HETATM 855  H HE3 . NLE A 1 9  ? 4.935  3.957  -3.459 1.00 1.00 ? 8  NLE A HE3 4 
HETATM 856  C C   . DNM A 1 10 ? -1.959 2.923  2.872  1.00 1.00 ? 9  DNM A C   4 
HETATM 857  N N   . DNM A 1 10 ? -0.834 4.296  1.148  1.00 1.00 ? 9  DNM A N   4 
HETATM 858  O O   . DNM A 1 10 ? -1.145 2.987  3.792  1.00 1.00 ? 9  DNM A O   4 
HETATM 859  C C1  . DNM A 1 10 ? -0.212 5.610  1.319  1.00 1.00 ? 9  DNM A C1  4 
HETATM 860  C CA  . DNM A 1 10 ? -2.083 4.097  1.889  1.00 1.00 ? 9  DNM A CA  4 
HETATM 861  C CB  . DNM A 1 10 ? -3.300 4.020  0.946  1.00 1.00 ? 9  DNM A CB  4 
HETATM 862  C CD  . DNM A 1 10 ? -4.632 5.218  -0.865 1.00 1.00 ? 9  DNM A CD  4 
HETATM 863  C CE  . DNM A 1 10 ? -4.374 4.280  -2.049 1.00 1.00 ? 9  DNM A CE  4 
HETATM 864  C CG  . DNM A 1 10 ? -3.431 5.286  0.088  1.00 1.00 ? 9  DNM A CG  4 
HETATM 865  H HA  . DNM A 1 10 ? -2.214 4.954  2.542  1.00 1.00 ? 9  DNM A HA  4 
HETATM 866  H HB  . DNM A 1 10 ? -4.205 3.920  1.549  1.00 1.00 ? 9  DNM A HB  4 
HETATM 867  H HBA . DNM A 1 10 ? -3.219 3.150  0.298  1.00 1.00 ? 9  DNM A HBA 4 
HETATM 868  H H1  . DNM A 1 10 ? 0.273  5.659  2.294  1.00 1.00 ? 9  DNM A H1  4 
HETATM 869  H H1A . DNM A 1 10 ? -0.973 6.390  1.279  1.00 1.00 ? 9  DNM A H1A 4 
HETATM 870  H H1B . DNM A 1 10 ? 0.515  5.837  0.541  1.00 1.00 ? 9  DNM A H1B 4 
HETATM 871  H HD  . DNM A 1 10 ? -4.815 6.217  -1.260 1.00 1.00 ? 9  DNM A HD  4 
HETATM 872  H HDA . DNM A 1 10 ? -5.522 4.894  -0.322 1.00 1.00 ? 9  DNM A HDA 4 
HETATM 873  H HE  . DNM A 1 10 ? -3.493 4.611  -2.599 1.00 1.00 ? 9  DNM A HE  4 
HETATM 874  H HEA . DNM A 1 10 ? -4.220 3.259  -1.708 1.00 1.00 ? 9  DNM A HEA 4 
HETATM 875  H HEB . DNM A 1 10 ? -5.236 4.299  -2.716 1.00 1.00 ? 9  DNM A HEB 4 
HETATM 876  H HG  . DNM A 1 10 ? -2.528 5.445  -0.501 1.00 1.00 ? 9  DNM A HG  4 
HETATM 877  H HGA . DNM A 1 10 ? -3.568 6.141  0.752  1.00 1.00 ? 9  DNM A HGA 4 
HETATM 878  N N   . NLE A 1 11 ? -2.741 1.853  2.722  1.00 1.00 ? 10 NLE A N   4 
HETATM 879  C CA  . NLE A 1 11 ? -2.615 0.708  3.616  1.00 1.00 ? 10 NLE A CA  4 
HETATM 880  C C   . NLE A 1 11 ? -1.196 0.124  3.530  1.00 1.00 ? 10 NLE A C   4 
HETATM 881  O O   . NLE A 1 11 ? -0.470 0.313  2.551  1.00 1.00 ? 10 NLE A O   4 
HETATM 882  C CB  . NLE A 1 11 ? -3.714 -0.333 3.365  1.00 1.00 ? 10 NLE A CB  4 
HETATM 883  C CG  . NLE A 1 11 ? -5.131 0.261  3.333  1.00 1.00 ? 10 NLE A CG  4 
HETATM 884  C CD  . NLE A 1 11 ? -5.534 1.014  4.609  1.00 1.00 ? 10 NLE A CD  4 
HETATM 885  C CE  . NLE A 1 11 ? -5.475 0.130  5.858  1.00 1.00 ? 10 NLE A CE  4 
HETATM 886  H H   . NLE A 1 11 ? -3.415 1.833  1.976  1.00 1.00 ? 10 NLE A H   4 
HETATM 887  H HA  . NLE A 1 11 ? -2.742 1.076  4.635  1.00 1.00 ? 10 NLE A HA  4 
HETATM 888  H HB2 . NLE A 1 11 ? -3.533 -0.827 2.416  1.00 1.00 ? 10 NLE A HB2 4 
HETATM 889  H HB3 . NLE A 1 11 ? -3.659 -1.101 4.137  1.00 1.00 ? 10 NLE A HB3 4 
HETATM 890  H HG2 . NLE A 1 11 ? -5.223 0.946  2.489  1.00 1.00 ? 10 NLE A HG2 4 
HETATM 891  H HG3 . NLE A 1 11 ? -5.838 -0.555 3.175  1.00 1.00 ? 10 NLE A HG3 4 
HETATM 892  H HD2 . NLE A 1 11 ? -4.898 1.890  4.749  1.00 1.00 ? 10 NLE A HD2 4 
HETATM 893  H HD3 . NLE A 1 11 ? -6.561 1.362  4.484  1.00 1.00 ? 10 NLE A HD3 4 
HETATM 894  H HE1 . NLE A 1 11 ? -4.447 -0.146 6.089  1.00 1.00 ? 10 NLE A HE1 4 
HETATM 895  H HE2 . NLE A 1 11 ? -5.885 0.680  6.706  1.00 1.00 ? 10 NLE A HE2 4 
HETATM 896  H HE3 . NLE A 1 11 ? -6.069 -0.772 5.704  1.00 1.00 ? 10 NLE A HE3 4 
HETATM 897  N N   . DNE A 1 12 ? -0.763 -0.541 4.598  1.00 1.00 ? 11 DNE A N   4 
HETATM 898  C CA  . DNE A 1 12 ? 0.628  -0.942 4.756  1.00 1.00 ? 11 DNE A CA  4 
HETATM 899  C C   . DNE A 1 12 ? 1.407  0.247  5.332  1.00 1.00 ? 11 DNE A C   4 
HETATM 900  O O   . DNE A 1 12 ? 2.054  0.125  6.368  1.00 1.00 ? 11 DNE A O   4 
HETATM 901  C CB  . DNE A 1 12 ? 0.707  -2.187 5.652  1.00 1.00 ? 11 DNE A CB  4 
HETATM 902  C CG  . DNE A 1 12 ? -0.058 -3.364 5.028  1.00 1.00 ? 11 DNE A CG  4 
HETATM 903  C CD  . DNE A 1 12 ? 0.187  -4.678 5.780  1.00 1.00 ? 11 DNE A CD  4 
HETATM 904  C CE  . DNE A 1 12 ? -0.336 -4.634 7.219  1.00 1.00 ? 11 DNE A CE  4 
HETATM 905  H H   . DNE A 1 12 ? -1.405 -0.745 5.348  1.00 1.00 ? 11 DNE A H   4 
HETATM 906  H HA  . DNE A 1 12 ? 1.066  -1.199 3.791  1.00 1.00 ? 11 DNE A HA  4 
HETATM 907  H HB2 . DNE A 1 12 ? 1.756  -2.468 5.767  1.00 1.00 ? 11 DNE A HB2 4 
HETATM 908  H HB3 . DNE A 1 12 ? 0.298  -1.950 6.634  1.00 1.00 ? 11 DNE A HB3 4 
HETATM 909  H HG2 . DNE A 1 12 ? -1.128 -3.153 5.016  1.00 1.00 ? 11 DNE A HG2 4 
HETATM 910  H HG3 . DNE A 1 12 ? 0.278  -3.496 3.999  1.00 1.00 ? 11 DNE A HG3 4 
HETATM 911  H HD2 . DNE A 1 12 ? -0.331 -5.478 5.250  1.00 1.00 ? 11 DNE A HD2 4 
HETATM 912  H HD3 . DNE A 1 12 ? 1.254  -4.904 5.789  1.00 1.00 ? 11 DNE A HD3 4 
HETATM 913  H HE1 . DNE A 1 12 ? 0.237  -3.924 7.814  1.00 1.00 ? 11 DNE A HE1 4 
HETATM 914  H HE2 . DNE A 1 12 ? -1.389 -4.349 7.226  1.00 1.00 ? 11 DNE A HE2 4 
HETATM 915  H HE3 . DNE A 1 12 ? -0.235 -5.623 7.667  1.00 1.00 ? 11 DNE A HE3 4 
HETATM 916  N N   . NLO A 1 13 ? 1.330  1.410  4.672  1.00 1.00 ? 12 NLO A N   4 
HETATM 917  C CA  . NLO A 1 13 ? 1.974  2.626  5.158  1.00 1.00 ? 12 NLO A CA  4 
HETATM 918  C C   . NLO A 1 13 ? 1.252  3.128  6.409  1.00 1.00 ? 12 NLO A C   4 
HETATM 919  O O   . NLO A 1 13 ? 1.902  3.459  7.396  1.00 1.00 ? 12 NLO A O   4 
HETATM 920  C CB  . NLO A 1 13 ? 2.008  3.689  4.050  1.00 1.00 ? 12 NLO A CB  4 
HETATM 921  C CG  . NLO A 1 13 ? 2.779  4.941  4.482  1.00 1.00 ? 12 NLO A CG  4 
HETATM 922  C CD  . NLO A 1 13 ? 3.326  5.699  3.268  1.00 1.00 ? 12 NLO A CD  4 
HETATM 923  C CE  . NLO A 1 13 ? 4.073  6.958  3.718  1.00 1.00 ? 12 NLO A CE  4 
HETATM 924  O OXT . NLO A 1 13 ? -0.106 3.172  6.326  1.00 1.00 ? 12 NLO A OXT 4 
HETATM 925  H H   . NLO A 1 13 ? 0.797  1.444  3.811  1.00 1.00 ? 12 NLO A H   4 
HETATM 926  H HA  . NLO A 1 13 ? 3.005  2.385  5.427  1.00 1.00 ? 12 NLO A HA  4 
HETATM 927  H HB2 . NLO A 1 13 ? 2.476  3.258  3.172  1.00 1.00 ? 12 NLO A HB2 4 
HETATM 928  H HB3 . NLO A 1 13 ? 1.005  3.997  3.773  1.00 1.00 ? 12 NLO A HB3 4 
HETATM 929  H HG2 . NLO A 1 13 ? 2.098  5.586  5.042  1.00 1.00 ? 12 NLO A HG2 4 
HETATM 930  H HG3 . NLO A 1 13 ? 3.619  4.659  5.120  1.00 1.00 ? 12 NLO A HG3 4 
HETATM 931  H HD2 . NLO A 1 13 ? 4.016  5.057  2.717  1.00 1.00 ? 12 NLO A HD2 4 
HETATM 932  H HD3 . NLO A 1 13 ? 2.512  5.990  2.607  1.00 1.00 ? 12 NLO A HD3 4 
HETATM 933  H HE1 . NLO A 1 13 ? 4.907  6.684  4.366  1.00 1.00 ? 12 NLO A HE1 4 
HETATM 934  H HE2 . NLO A 1 13 ? 4.460  7.483  2.844  1.00 1.00 ? 12 NLO A HE2 4 
HETATM 935  H HE3 . NLO A 1 13 ? 3.396  7.618  4.261  1.00 1.00 ? 12 NLO A HE3 4 
HETATM 936  H HXT . NLO A 1 13 ? -0.401 2.969  5.431  1.00 1.00 ? 12 NLO A HXT 4 
HETATM 937  N N   . DNE A 1 2  ? -1.626 -5.737 -6.244 1.00 1.00 ? 1  DNE A N   5 
HETATM 938  C CA  . DNE A 1 2  ? -1.607 -5.913 -4.778 1.00 1.00 ? 1  DNE A CA  5 
HETATM 939  C C   . DNE A 1 2  ? -0.238 -5.517 -4.215 1.00 1.00 ? 1  DNE A C   5 
HETATM 940  O O   . DNE A 1 2  ? 0.302  -6.198 -3.346 1.00 1.00 ? 1  DNE A O   5 
HETATM 941  C CB  . DNE A 1 2  ? -2.728 -5.067 -4.157 1.00 1.00 ? 1  DNE A CB  5 
HETATM 942  C CG  . DNE A 1 2  ? -2.951 -5.421 -2.682 1.00 1.00 ? 1  DNE A CG  5 
HETATM 943  C CD  . DNE A 1 2  ? -3.962 -4.459 -2.054 1.00 1.00 ? 1  DNE A CD  5 
HETATM 944  C CE  . DNE A 1 2  ? -4.239 -4.844 -0.598 1.00 1.00 ? 1  DNE A CE  5 
HETATM 945  H H1  . DNE A 1 2  ? -2.518 -6.066 -6.631 1.00 1.00 ? 1  DNE A H1  5 
HETATM 946  H H2  . DNE A 1 2  ? -0.902 -6.319 -6.679 1.00 1.00 ? 1  DNE A H2  5 
HETATM 947  H HA  . DNE A 1 2  ? -1.787 -6.965 -4.551 1.00 1.00 ? 1  DNE A HA  5 
HETATM 948  H HB2 . DNE A 1 2  ? -2.475 -4.008 -4.246 1.00 1.00 ? 1  DNE A HB2 5 
HETATM 949  H HB3 . DNE A 1 2  ? -3.659 -5.247 -4.696 1.00 1.00 ? 1  DNE A HB3 5 
HETATM 950  H HG2 . DNE A 1 2  ? -3.325 -6.444 -2.609 1.00 1.00 ? 1  DNE A HG2 5 
HETATM 951  H HG3 . DNE A 1 2  ? -2.013 -5.350 -2.130 1.00 1.00 ? 1  DNE A HG3 5 
HETATM 952  H HD2 . DNE A 1 2  ? -3.557 -3.446 -2.083 1.00 1.00 ? 1  DNE A HD2 5 
HETATM 953  H HD3 . DNE A 1 2  ? -4.897 -4.485 -2.615 1.00 1.00 ? 1  DNE A HD3 5 
HETATM 954  H HE1 . DNE A 1 2  ? -3.311 -4.832 -0.026 1.00 1.00 ? 1  DNE A HE1 5 
HETATM 955  H HE2 . DNE A 1 2  ? -4.932 -4.126 -0.159 1.00 1.00 ? 1  DNE A HE2 5 
HETATM 956  H HE3 . DNE A 1 2  ? -4.678 -5.841 -0.553 1.00 1.00 ? 1  DNE A HE3 5 
HETATM 957  N N   . NLE A 1 3  ? 0.310  -4.407 -4.713 1.00 1.00 ? 2  NLE A N   5 
HETATM 958  C CA  . NLE A 1 3  ? 1.555  -3.796 -4.277 1.00 1.00 ? 2  NLE A CA  5 
HETATM 959  C C   . NLE A 1 3  ? 1.384  -2.289 -4.444 1.00 1.00 ? 2  NLE A C   5 
HETATM 960  O O   . NLE A 1 3  ? 0.713  -1.853 -5.380 1.00 1.00 ? 2  NLE A O   5 
HETATM 961  C CB  . NLE A 1 3  ? 2.735  -4.287 -5.129 1.00 1.00 ? 2  NLE A CB  5 
HETATM 962  C CG  . NLE A 1 3  ? 2.988  -5.792 -4.978 1.00 1.00 ? 2  NLE A CG  5 
HETATM 963  C CD  . NLE A 1 3  ? 4.269  -6.192 -5.718 1.00 1.00 ? 2  NLE A CD  5 
HETATM 964  C CE  . NLE A 1 3  ? 4.516  -7.695 -5.581 1.00 1.00 ? 2  NLE A CE  5 
HETATM 965  H H   . NLE A 1 3  ? -0.189 -3.920 -5.448 1.00 1.00 ? 2  NLE A H   5 
HETATM 966  H HA  . NLE A 1 3  ? 1.745  -4.030 -3.227 1.00 1.00 ? 2  NLE A HA  5 
HETATM 967  H HB2 . NLE A 1 3  ? 2.547  -4.054 -6.179 1.00 1.00 ? 2  NLE A HB2 5 
HETATM 968  H HB3 . NLE A 1 3  ? 3.629  -3.749 -4.811 1.00 1.00 ? 2  NLE A HB3 5 
HETATM 969  H HG2 . NLE A 1 3  ? 3.088  -6.039 -3.921 1.00 1.00 ? 2  NLE A HG2 5 
HETATM 970  H HG3 . NLE A 1 3  ? 2.151  -6.349 -5.399 1.00 1.00 ? 2  NLE A HG3 5 
HETATM 971  H HD2 . NLE A 1 3  ? 4.174  -5.940 -6.775 1.00 1.00 ? 2  NLE A HD2 5 
HETATM 972  H HD3 . NLE A 1 3  ? 5.119  -5.652 -5.299 1.00 1.00 ? 2  NLE A HD3 5 
HETATM 973  H HE1 . NLE A 1 3  ? 5.432  -7.963 -6.110 1.00 1.00 ? 2  NLE A HE1 5 
HETATM 974  H HE2 . NLE A 1 3  ? 4.623  -7.961 -4.529 1.00 1.00 ? 2  NLE A HE2 5 
HETATM 975  H HE3 . NLE A 1 3  ? 3.682  -8.251 -6.010 1.00 1.00 ? 2  NLE A HE3 5 
HETATM 976  N N   . DNE A 1 4  ? 1.975  -1.486 -3.560 1.00 1.00 ? 3  DNE A N   5 
HETATM 977  C CA  . DNE A 1 4  ? 1.927  -0.042 -3.702 1.00 1.00 ? 3  DNE A CA  5 
HETATM 978  C C   . DNE A 1 4  ? 0.596  0.445  -3.132 1.00 1.00 ? 3  DNE A C   5 
HETATM 979  O O   . DNE A 1 4  ? 0.465  0.653  -1.926 1.00 1.00 ? 3  DNE A O   5 
HETATM 980  C CB  . DNE A 1 4  ? 3.135  0.614  -3.023 1.00 1.00 ? 3  DNE A CB  5 
HETATM 981  C CG  . DNE A 1 4  ? 4.487  0.002  -3.422 1.00 1.00 ? 3  DNE A CG  5 
HETATM 982  C CD  . DNE A 1 4  ? 4.744  0.082  -4.931 1.00 1.00 ? 3  DNE A CD  5 
HETATM 983  C CE  . DNE A 1 4  ? 6.154  -0.415 -5.256 1.00 1.00 ? 3  DNE A CE  5 
HETATM 984  H H   . DNE A 1 4  ? 2.460  -1.867 -2.752 1.00 1.00 ? 3  DNE A H   5 
HETATM 985  H HA  . DNE A 1 4  ? 1.969  0.229  -4.758 1.00 1.00 ? 3  DNE A HA  5 
HETATM 986  H HB2 . DNE A 1 4  ? 3.139  1.671  -3.284 1.00 1.00 ? 3  DNE A HB2 5 
HETATM 987  H HB3 . DNE A 1 4  ? 3.030  0.528  -1.946 1.00 1.00 ? 3  DNE A HB3 5 
HETATM 988  H HG2 . DNE A 1 4  ? 5.270  0.556  -2.903 1.00 1.00 ? 3  DNE A HG2 5 
HETATM 989  H HG3 . DNE A 1 4  ? 4.538  -1.038 -3.097 1.00 1.00 ? 3  DNE A HG3 5 
HETATM 990  H HD2 . DNE A 1 4  ? 4.028  -0.542 -5.467 1.00 1.00 ? 3  DNE A HD2 5 
HETATM 991  H HD3 . DNE A 1 4  ? 4.642  1.114  -5.267 1.00 1.00 ? 3  DNE A HD3 5 
HETATM 992  H HE1 . DNE A 1 4  ? 6.320  -0.359 -6.333 1.00 1.00 ? 3  DNE A HE1 5 
HETATM 993  H HE2 . DNE A 1 4  ? 6.895  0.207  -4.751 1.00 1.00 ? 3  DNE A HE2 5 
HETATM 994  H HE3 . DNE A 1 4  ? 6.269  -1.449 -4.932 1.00 1.00 ? 3  DNE A HE3 5 
HETATM 995  N N   . NLE A 1 5  ? -0.399 0.616  -4.001 1.00 1.00 ? 4  NLE A N   5 
HETATM 996  C CA  . NLE A 1 5  ? -1.704 1.137  -3.621 1.00 1.00 ? 4  NLE A CA  5 
HETATM 997  C C   . NLE A 1 5  ? -2.353 0.179  -2.620 1.00 1.00 ? 4  NLE A C   5 
HETATM 998  O O   . NLE A 1 5  ? -2.700 -0.944 -2.977 1.00 1.00 ? 4  NLE A O   5 
HETATM 999  C CB  . NLE A 1 5  ? -2.581 1.325  -4.868 1.00 1.00 ? 4  NLE A CB  5 
HETATM 1000 C CG  . NLE A 1 5  ? -1.958 2.233  -5.939 1.00 1.00 ? 4  NLE A CG  5 
HETATM 1001 C CD  . NLE A 1 5  ? -1.662 3.646  -5.422 1.00 1.00 ? 4  NLE A CD  5 
HETATM 1002 C CE  . NLE A 1 5  ? -1.188 4.543  -6.567 1.00 1.00 ? 4  NLE A CE  5 
HETATM 1003 H H   . NLE A 1 5  ? -0.240 0.351  -4.963 1.00 1.00 ? 4  NLE A H   5 
HETATM 1004 H HA  . NLE A 1 5  ? -1.571 2.104  -3.137 1.00 1.00 ? 4  NLE A HA  5 
HETATM 1005 H HB2 . NLE A 1 5  ? -2.774 0.349  -5.316 1.00 1.00 ? 4  NLE A HB2 5 
HETATM 1006 H HB3 . NLE A 1 5  ? -3.538 1.748  -4.558 1.00 1.00 ? 4  NLE A HB3 5 
HETATM 1007 H HG2 . NLE A 1 5  ? -1.039 1.788  -6.323 1.00 1.00 ? 4  NLE A HG2 5 
HETATM 1008 H HG3 . NLE A 1 5  ? -2.667 2.305  -6.765 1.00 1.00 ? 4  NLE A HG3 5 
HETATM 1009 H HD2 . NLE A 1 5  ? -2.566 4.074  -4.987 1.00 1.00 ? 4  NLE A HD2 5 
HETATM 1010 H HD3 . NLE A 1 5  ? -0.877 3.614  -4.666 1.00 1.00 ? 4  NLE A HD3 5 
HETATM 1011 H HE1 . NLE A 1 5  ? -0.975 5.541  -6.183 1.00 1.00 ? 4  NLE A HE1 5 
HETATM 1012 H HE2 . NLE A 1 5  ? -0.281 4.132  -7.012 1.00 1.00 ? 4  NLE A HE2 5 
HETATM 1013 H HE3 . NLE A 1 5  ? -1.963 4.615  -7.332 1.00 1.00 ? 4  NLE A HE3 5 
HETATM 1014 N N   . DNE A 1 6  ? -2.495 0.619  -1.367 1.00 1.00 ? 5  DNE A N   5 
HETATM 1015 C CA  . DNE A 1 6  ? -3.052 -0.167 -0.276 1.00 1.00 ? 5  DNE A CA  5 
HETATM 1016 C C   . DNE A 1 6  ? -2.124 -1.323 0.108  1.00 1.00 ? 5  DNE A C   5 
HETATM 1017 O O   . DNE A 1 6  ? -2.568 -2.307 0.694  1.00 1.00 ? 5  DNE A O   5 
HETATM 1018 C CB  . DNE A 1 6  ? -4.501 -0.610 -0.543 1.00 1.00 ? 5  DNE A CB  5 
HETATM 1019 C CG  . DNE A 1 6  ? -5.400 0.576  -0.915 1.00 1.00 ? 5  DNE A CG  5 
HETATM 1020 C CD  . DNE A 1 6  ? -6.864 0.134  -0.991 1.00 1.00 ? 5  DNE A CD  5 
HETATM 1021 C CE  . DNE A 1 6  ? -7.756 1.317  -1.373 1.00 1.00 ? 5  DNE A CE  5 
HETATM 1022 H H   . DNE A 1 6  ? -2.158 1.544  -1.112 1.00 1.00 ? 5  DNE A H   5 
HETATM 1023 H HA  . DNE A 1 6  ? -3.073 0.493  0.582  1.00 1.00 ? 5  DNE A HA  5 
HETATM 1024 H HB2 . DNE A 1 6  ? -4.536 -1.355 -1.338 1.00 1.00 ? 5  DNE A HB2 5 
HETATM 1025 H HB3 . DNE A 1 6  ? -4.891 -1.072 0.364  1.00 1.00 ? 5  DNE A HB3 5 
HETATM 1026 H HG2 . DNE A 1 6  ? -5.301 1.360  -0.164 1.00 1.00 ? 5  DNE A HG2 5 
HETATM 1027 H HG3 . DNE A 1 6  ? -5.101 0.967  -1.887 1.00 1.00 ? 5  DNE A HG3 5 
HETATM 1028 H HD2 . DNE A 1 6  ? -6.969 -0.652 -1.742 1.00 1.00 ? 5  DNE A HD2 5 
HETATM 1029 H HD3 . DNE A 1 6  ? -7.183 -0.256 -0.023 1.00 1.00 ? 5  DNE A HD3 5 
HETATM 1030 H HE1 . DNE A 1 6  ? -8.794 0.987  -1.425 1.00 1.00 ? 5  DNE A HE1 5 
HETATM 1031 H HE2 . DNE A 1 6  ? -7.670 2.106  -0.626 1.00 1.00 ? 5  DNE A HE2 5 
HETATM 1032 H HE3 . DNE A 1 6  ? -7.460 1.708  -2.347 1.00 1.00 ? 5  DNE A HE3 5 
HETATM 1033 N N   . NLE A 1 7  ? -0.831 -1.192 -0.196 1.00 1.00 ? 6  NLE A N   5 
HETATM 1034 C CA  . NLE A 1 7  ? 0.195  -2.153 0.169  1.00 1.00 ? 6  NLE A CA  5 
HETATM 1035 C C   . NLE A 1 7  ? 1.552  -1.462 0.031  1.00 1.00 ? 6  NLE A C   5 
HETATM 1036 O O   . NLE A 1 7  ? 2.377  -1.835 -0.805 1.00 1.00 ? 6  NLE A O   5 
HETATM 1037 C CB  . NLE A 1 7  ? 0.056  -3.424 -0.689 1.00 1.00 ? 6  NLE A CB  5 
HETATM 1038 C CG  . NLE A 1 7  ? 1.018  -4.566 -0.314 1.00 1.00 ? 6  NLE A CG  5 
HETATM 1039 C CD  . NLE A 1 7  ? 0.967  -4.990 1.160  1.00 1.00 ? 6  NLE A CD  5 
HETATM 1040 C CE  . NLE A 1 7  ? -0.441 -5.400 1.604  1.00 1.00 ? 6  NLE A CE  5 
HETATM 1041 H H   . NLE A 1 7  ? -0.537 -0.362 -0.702 1.00 1.00 ? 6  NLE A H   5 
HETATM 1042 H HA  . NLE A 1 7  ? 0.053  -2.412 1.219  1.00 1.00 ? 6  NLE A HA  5 
HETATM 1043 H HB2 . NLE A 1 7  ? -0.959 -3.806 -0.600 1.00 1.00 ? 6  NLE A HB2 5 
HETATM 1044 H HB3 . NLE A 1 7  ? 0.207  -3.157 -1.733 1.00 1.00 ? 6  NLE A HB3 5 
HETATM 1045 H HG2 . NLE A 1 7  ? 0.762  -5.432 -0.924 1.00 1.00 ? 6  NLE A HG2 5 
HETATM 1046 H HG3 . NLE A 1 7  ? 2.043  -4.288 -0.556 1.00 1.00 ? 6  NLE A HG3 5 
HETATM 1047 H HD2 . NLE A 1 7  ? 1.628  -5.849 1.283  1.00 1.00 ? 6  NLE A HD2 5 
HETATM 1048 H HD3 . NLE A 1 7  ? 1.339  -4.190 1.799  1.00 1.00 ? 6  NLE A HD3 5 
HETATM 1049 H HE1 . NLE A 1 7  ? -0.395 -5.811 2.613  1.00 1.00 ? 6  NLE A HE1 5 
HETATM 1050 H HE2 . NLE A 1 7  ? -1.110 -4.541 1.608  1.00 1.00 ? 6  NLE A HE2 5 
HETATM 1051 H HE3 . NLE A 1 7  ? -0.834 -6.162 0.930  1.00 1.00 ? 6  NLE A HE3 5 
HETATM 1052 N N   . DNE A 1 8  ? 1.765  -0.433 0.859  1.00 1.00 ? 7  DNE A N   5 
HETATM 1053 C CA  . DNE A 1 8  ? 3.017  0.324  0.914  1.00 1.00 ? 7  DNE A CA  5 
HETATM 1054 C C   . DNE A 1 8  ? 2.745  1.822  0.728  1.00 1.00 ? 7  DNE A C   5 
HETATM 1055 O O   . DNE A 1 8  ? 3.531  2.658  1.167  1.00 1.00 ? 7  DNE A O   5 
HETATM 1056 C CB  . DNE A 1 8  ? 3.735  0.053  2.246  1.00 1.00 ? 7  DNE A CB  5 
HETATM 1057 C CG  . DNE A 1 8  ? 3.998  -1.442 2.483  1.00 1.00 ? 7  DNE A CG  5 
HETATM 1058 C CD  . DNE A 1 8  ? 4.645  -1.706 3.849  1.00 1.00 ? 7  DNE A CD  5 
HETATM 1059 C CE  . DNE A 1 8  ? 6.043  -1.094 3.971  1.00 1.00 ? 7  DNE A CE  5 
HETATM 1060 H H   . DNE A 1 8  ? 1.006  -0.157 1.479  1.00 1.00 ? 7  DNE A H   5 
HETATM 1061 H HA  . DNE A 1 8  ? 3.693  0.016  0.118  1.00 1.00 ? 7  DNE A HA  5 
HETATM 1062 H HB2 . DNE A 1 8  ? 4.687  0.583  2.226  1.00 1.00 ? 7  DNE A HB2 5 
HETATM 1063 H HB3 . DNE A 1 8  ? 3.139  0.451  3.063  1.00 1.00 ? 7  DNE A HB3 5 
HETATM 1064 H HG2 . DNE A 1 8  ? 3.057  -1.991 2.461  1.00 1.00 ? 7  DNE A HG2 5 
HETATM 1065 H HG3 . DNE A 1 8  ? 4.641  -1.828 1.691  1.00 1.00 ? 7  DNE A HG3 5 
HETATM 1066 H HD2 . DNE A 1 8  ? 4.009  -1.311 4.642  1.00 1.00 ? 7  DNE A HD2 5 
HETATM 1067 H HD3 . DNE A 1 8  ? 4.730  -2.785 3.983  1.00 1.00 ? 7  DNE A HD3 5 
HETATM 1068 H HE1 . DNE A 1 8  ? 6.668  -1.420 3.139  1.00 1.00 ? 7  DNE A HE1 5 
HETATM 1069 H HE2 . DNE A 1 8  ? 5.988  -0.006 3.981  1.00 1.00 ? 7  DNE A HE2 5 
HETATM 1070 H HE3 . DNE A 1 8  ? 6.497  -1.424 4.906  1.00 1.00 ? 7  DNE A HE3 5 
HETATM 1071 N N   . NLE A 1 9  ? 1.619  2.156  0.098  1.00 1.00 ? 8  NLE A N   5 
HETATM 1072 C CA  . NLE A 1 9  ? 1.050  3.493  0.001  1.00 1.00 ? 8  NLE A CA  5 
HETATM 1073 C C   . NLE A 1 9  ? -0.406 3.374  0.468  1.00 1.00 ? 8  NLE A C   5 
HETATM 1074 O O   . NLE A 1 9  ? -1.022 2.341  0.203  1.00 1.00 ? 8  NLE A O   5 
HETATM 1075 C CB  . NLE A 1 9  ? 1.132  3.995  -1.448 1.00 1.00 ? 8  NLE A CB  5 
HETATM 1076 C CG  . NLE A 1 9  ? 2.582  4.276  -1.855 1.00 1.00 ? 8  NLE A CG  5 
HETATM 1077 C CD  . NLE A 1 9  ? 2.645  4.713  -3.321 1.00 1.00 ? 8  NLE A CD  5 
HETATM 1078 C CE  . NLE A 1 9  ? 4.096  4.945  -3.748 1.00 1.00 ? 8  NLE A CE  5 
HETATM 1079 H H   . NLE A 1 9  ? 1.070  1.415  -0.328 1.00 1.00 ? 8  NLE A H   5 
HETATM 1080 H HA  . NLE A 1 9  ? 1.600  4.167  0.657  1.00 1.00 ? 8  NLE A HA  5 
HETATM 1081 H HB2 . NLE A 1 9  ? 0.698  3.250  -2.115 1.00 1.00 ? 8  NLE A HB2 5 
HETATM 1082 H HB3 . NLE A 1 9  ? 0.558  4.915  -1.550 1.00 1.00 ? 8  NLE A HB3 5 
HETATM 1083 H HG2 . NLE A 1 9  ? 2.988  5.067  -1.222 1.00 1.00 ? 8  NLE A HG2 5 
HETATM 1084 H HG3 . NLE A 1 9  ? 3.187  3.380  -1.717 1.00 1.00 ? 8  NLE A HG3 5 
HETATM 1085 H HD2 . NLE A 1 9  ? 2.207  3.941  -3.956 1.00 1.00 ? 8  NLE A HD2 5 
HETATM 1086 H HD3 . NLE A 1 9  ? 2.081  5.639  -3.452 1.00 1.00 ? 8  NLE A HD3 5 
HETATM 1087 H HE1 . NLE A 1 9  ? 4.123  5.260  -4.792 1.00 1.00 ? 8  NLE A HE1 5 
HETATM 1088 H HE2 . NLE A 1 9  ? 4.545  5.724  -3.131 1.00 1.00 ? 8  NLE A HE2 5 
HETATM 1089 H HE3 . NLE A 1 9  ? 4.669  4.024  -3.640 1.00 1.00 ? 8  NLE A HE3 5 
HETATM 1090 C C   . DNM A 1 10 ? -2.091 3.017  2.889  1.00 1.00 ? 9  DNM A C   5 
HETATM 1091 N N   . DNM A 1 10 ? -0.974 4.381  1.157  1.00 1.00 ? 9  DNM A N   5 
HETATM 1092 O O   . DNM A 1 10 ? -1.310 3.129  3.835  1.00 1.00 ? 9  DNM A O   5 
HETATM 1093 C C1  . DNM A 1 10 ? -0.337 5.687  1.336  1.00 1.00 ? 9  DNM A C1  5 
HETATM 1094 C CA  . DNM A 1 10 ? -2.236 4.167  1.879  1.00 1.00 ? 9  DNM A CA  5 
HETATM 1095 C CB  . DNM A 1 10 ? -3.431 4.032  0.914  1.00 1.00 ? 9  DNM A CB  5 
HETATM 1096 C CD  . DNM A 1 10 ? -4.739 5.148  -0.964 1.00 1.00 ? 9  DNM A CD  5 
HETATM 1097 C CE  . DNM A 1 10 ? -4.404 4.200  -2.121 1.00 1.00 ? 9  DNM A CE  5 
HETATM 1098 C CG  . DNM A 1 10 ? -3.575 5.276  0.028  1.00 1.00 ? 9  DNM A CG  5 
HETATM 1099 H HA  . DNM A 1 10 ? -2.433 5.037  2.498  1.00 1.00 ? 9  DNM A HA  5 
HETATM 1100 H HB  . DNM A 1 10 ? -4.344 3.921  1.501  1.00 1.00 ? 9  DNM A HB  5 
HETATM 1101 H HBA . DNM A 1 10 ? -3.318 3.150  0.288  1.00 1.00 ? 9  DNM A HBA 5 
HETATM 1102 H H1  . DNM A 1 10 ? 0.368  5.646  2.165  1.00 1.00 ? 9  DNM A H1  5 
HETATM 1103 H H1A . DNM A 1 10 ? -1.078 6.458  1.548  1.00 1.00 ? 9  DNM A H1A 5 
HETATM 1104 H H1B . DNM A 1 10 ? 0.191  5.997  0.434  1.00 1.00 ? 9  DNM A H1B 5 
HETATM 1105 H HD  . DNM A 1 10 ? -4.942 6.134  -1.385 1.00 1.00 ? 9  DNM A HD  5 
HETATM 1106 H HDA . DNM A 1 10 ? -5.634 4.801  -0.446 1.00 1.00 ? 9  DNM A HDA 5 
HETATM 1107 H HE  . DNM A 1 10 ? -5.240 4.180  -2.822 1.00 1.00 ? 9  DNM A HE  5 
HETATM 1108 H HEA . DNM A 1 10 ? -3.514 4.551  -2.643 1.00 1.00 ? 9  DNM A HEA 5 
HETATM 1109 H HEB . DNM A 1 10 ? -4.232 3.190  -1.757 1.00 1.00 ? 9  DNM A HEB 5 
HETATM 1110 H HG  . DNM A 1 10 ? -2.657 5.459  -0.532 1.00 1.00 ? 9  DNM A HG  5 
HETATM 1111 H HGA . DNM A 1 10 ? -3.764 6.137  0.672  1.00 1.00 ? 9  DNM A HGA 5 
HETATM 1112 N N   . NLE A 1 11 ? -2.818 1.910  2.731  1.00 1.00 ? 10 NLE A N   5 
HETATM 1113 C CA  . NLE A 1 11 ? -2.655 0.776  3.632  1.00 1.00 ? 10 NLE A CA  5 
HETATM 1114 C C   . NLE A 1 11 ? -1.222 0.227  3.541  1.00 1.00 ? 10 NLE A C   5 
HETATM 1115 O O   . NLE A 1 11 ? -0.488 0.472  2.579  1.00 1.00 ? 10 NLE A O   5 
HETATM 1116 C CB  . NLE A 1 11 ? -3.726 -0.298 3.395  1.00 1.00 ? 10 NLE A CB  5 
HETATM 1117 C CG  . NLE A 1 11 ? -5.160 0.253  3.361  1.00 1.00 ? 10 NLE A CG  5 
HETATM 1118 C CD  . NLE A 1 11 ? -5.577 1.018  4.624  1.00 1.00 ? 10 NLE A CD  5 
HETATM 1119 C CE  . NLE A 1 11 ? -5.491 0.159  5.888  1.00 1.00 ? 10 NLE A CE  5 
HETATM 1120 H H   . NLE A 1 11 ? -3.473 1.853  1.970  1.00 1.00 ? 10 NLE A H   5 
HETATM 1121 H HA  . NLE A 1 11 ? -2.785 1.145  4.651  1.00 1.00 ? 10 NLE A HA  5 
HETATM 1122 H HB2 . NLE A 1 11 ? -3.534 -0.797 2.450  1.00 1.00 ? 10 NLE A HB2 5 
HETATM 1123 H HB3 . NLE A 1 11 ? -3.649 -1.055 4.175  1.00 1.00 ? 10 NLE A HB3 5 
HETATM 1124 H HG2 . NLE A 1 11 ? -5.277 0.917  2.503  1.00 1.00 ? 10 NLE A HG2 5 
HETATM 1125 H HG3 . NLE A 1 11 ? -5.844 -0.587 3.223  1.00 1.00 ? 10 NLE A HG3 5 
HETATM 1126 H HD2 . NLE A 1 11 ? -4.965 1.912  4.746  1.00 1.00 ? 10 NLE A HD2 5 
HETATM 1127 H HD3 . NLE A 1 11 ? -6.613 1.337  4.499  1.00 1.00 ? 10 NLE A HD3 5 
HETATM 1128 H HE1 . NLE A 1 11 ? -4.455 -0.088 6.118  1.00 1.00 ? 10 NLE A HE1 5 
HETATM 1129 H HE2 . NLE A 1 11 ? -5.909 0.715  6.729  1.00 1.00 ? 10 NLE A HE2 5 
HETATM 1130 H HE3 . NLE A 1 11 ? -6.062 -0.761 5.753  1.00 1.00 ? 10 NLE A HE3 5 
HETATM 1131 N N   . DNE A 1 12 ? -0.787 -0.479 4.582  1.00 1.00 ? 11 DNE A N   5 
HETATM 1132 C CA  . DNE A 1 12 ? 0.609  -0.872 4.728  1.00 1.00 ? 11 DNE A CA  5 
HETATM 1133 C C   . DNE A 1 12 ? 1.385  0.317  5.310  1.00 1.00 ? 11 DNE A C   5 
HETATM 1134 O O   . DNE A 1 12 ? 2.028  0.195  6.347  1.00 1.00 ? 11 DNE A O   5 
HETATM 1135 C CB  . DNE A 1 12 ? 0.701  -2.121 5.616  1.00 1.00 ? 11 DNE A CB  5 
HETATM 1136 C CG  . DNE A 1 12 ? -0.069 -3.298 4.999  1.00 1.00 ? 11 DNE A CG  5 
HETATM 1137 C CD  . DNE A 1 12 ? 0.190  -4.614 5.742  1.00 1.00 ? 11 DNE A CD  5 
HETATM 1138 C CE  . DNE A 1 12 ? -0.309 -4.576 7.189  1.00 1.00 ? 11 DNE A CE  5 
HETATM 1139 H H   . DNE A 1 12 ? -1.430 -0.723 5.318  1.00 1.00 ? 11 DNE A H   5 
HETATM 1140 H HA  . DNE A 1 12 ? 1.041  -1.120 3.758  1.00 1.00 ? 11 DNE A HA  5 
HETATM 1141 H HB2 . DNE A 1 12 ? 1.751  -2.399 5.717  1.00 1.00 ? 11 DNE A HB2 5 
HETATM 1142 H HB3 . DNE A 1 12 ? 0.303  -1.890 6.605  1.00 1.00 ? 11 DNE A HB3 5 
HETATM 1143 H HG2 . DNE A 1 12 ? -1.140 -3.091 5.002  1.00 1.00 ? 11 DNE A HG2 5 
HETATM 1144 H HG3 . DNE A 1 12 ? 0.252  -3.425 3.964  1.00 1.00 ? 11 DNE A HG3 5 
HETATM 1145 H HD2 . DNE A 1 12 ? -0.335 -5.414 5.217  1.00 1.00 ? 11 DNE A HD2 5 
HETATM 1146 H HD3 . DNE A 1 12 ? 1.258  -4.839 5.732  1.00 1.00 ? 11 DNE A HD3 5 
HETATM 1147 H HE1 . DNE A 1 12 ? 0.275  -3.868 7.777  1.00 1.00 ? 11 DNE A HE1 5 
HETATM 1148 H HE2 . DNE A 1 12 ? -1.361 -4.292 7.214  1.00 1.00 ? 11 DNE A HE2 5 
HETATM 1149 H HE3 . DNE A 1 12 ? -0.200 -5.566 7.632  1.00 1.00 ? 11 DNE A HE3 5 
HETATM 1150 N N   . NLO A 1 13 ? 1.306  1.479  4.650  1.00 1.00 ? 12 NLO A N   5 
HETATM 1151 C CA  . NLO A 1 13 ? 1.930  2.702  5.144  1.00 1.00 ? 12 NLO A CA  5 
HETATM 1152 C C   . NLO A 1 13 ? 1.212  3.149  6.419  1.00 1.00 ? 12 NLO A C   5 
HETATM 1153 O O   . NLO A 1 13 ? 1.866  3.438  7.417  1.00 1.00 ? 12 NLO A O   5 
HETATM 1154 C CB  . NLO A 1 13 ? 1.877  3.790  4.062  1.00 1.00 ? 12 NLO A CB  5 
HETATM 1155 C CG  . NLO A 1 13 ? 2.668  5.060  4.396  1.00 1.00 ? 12 NLO A CG  5 
HETATM 1156 C CD  . NLO A 1 13 ? 4.183  4.830  4.321  1.00 1.00 ? 12 NLO A CD  5 
HETATM 1157 C CE  . NLO A 1 13 ? 4.929  6.151  4.524  1.00 1.00 ? 12 NLO A CE  5 
HETATM 1158 O OXT . NLO A 1 13 ? -0.147 3.194  6.340  1.00 1.00 ? 12 NLO A OXT 5 
HETATM 1159 H H   . NLO A 1 13 ? 0.783  1.505  3.781  1.00 1.00 ? 12 NLO A H   5 
HETATM 1160 H HA  . NLO A 1 13 ? 2.971  2.481  5.382  1.00 1.00 ? 12 NLO A HA  5 
HETATM 1161 H HB2 . NLO A 1 13 ? 2.247  3.386  3.124  1.00 1.00 ? 12 NLO A HB2 5 
HETATM 1162 H HB3 . NLO A 1 13 ? 0.847  4.099  3.910  1.00 1.00 ? 12 NLO A HB3 5 
HETATM 1163 H HG2 . NLO A 1 13 ? 2.388  5.817  3.661  1.00 1.00 ? 12 NLO A HG2 5 
HETATM 1164 H HG3 . NLO A 1 13 ? 2.398  5.428  5.385  1.00 1.00 ? 12 NLO A HG3 5 
HETATM 1165 H HD2 . NLO A 1 13 ? 4.497  4.131  5.096  1.00 1.00 ? 12 NLO A HD2 5 
HETATM 1166 H HD3 . NLO A 1 13 ? 4.445  4.421  3.344  1.00 1.00 ? 12 NLO A HD3 5 
HETATM 1167 H HE1 . NLO A 1 13 ? 4.684  6.570  5.502  1.00 1.00 ? 12 NLO A HE1 5 
HETATM 1168 H HE2 . NLO A 1 13 ? 6.004  5.972  4.474  1.00 1.00 ? 12 NLO A HE2 5 
HETATM 1169 H HE3 . NLO A 1 13 ? 4.650  6.861  3.746  1.00 1.00 ? 12 NLO A HE3 5 
HETATM 1170 H HXT . NLO A 1 13 ? -0.453 3.039  5.440  1.00 1.00 ? 12 NLO A HXT 5 
# 
_database_PDB_caveat.id     1 
_database_PDB_caveat.text   
;CHIRALITY ERROR AT C-ALPHA ATOM OF DNE5A AND DNM9A. BOTH SHOULD BE D-AMINO ACID ACCORDING TO THE PUBLICATION BUT WERE BUILD AS L-AMINO ACID.
;
# 
loop_
_pdbx_poly_seq_scheme.asym_id 
_pdbx_poly_seq_scheme.entity_id 
_pdbx_poly_seq_scheme.seq_id 
_pdbx_poly_seq_scheme.mon_id 
_pdbx_poly_seq_scheme.ndb_seq_num 
_pdbx_poly_seq_scheme.pdb_seq_num 
_pdbx_poly_seq_scheme.auth_seq_num 
_pdbx_poly_seq_scheme.pdb_mon_id 
_pdbx_poly_seq_scheme.auth_mon_id 
_pdbx_poly_seq_scheme.pdb_strand_id 
_pdbx_poly_seq_scheme.pdb_ins_code 
_pdbx_poly_seq_scheme.hetero 
A 1 1  BOC 1  0  ?  ?   ?   A . n 
A 1 2  DNE 2  1  1  DNE NLE A . n 
A 1 3  NLE 3  2  2  NLE NLE A . n 
A 1 4  DNE 4  3  3  DNE NLE A . n 
A 1 5  NLE 5  4  4  NLE NLE A . n 
A 1 6  DNE 6  5  5  DNE NLE A . n 
A 1 7  NLE 7  6  6  NLE NLE A . n 
A 1 8  DNE 8  7  7  DNE NLE A . n 
A 1 9  NLE 9  8  8  NLE NLE A . n 
A 1 10 DNM 10 9  9  DNM NLE A . n 
A 1 11 NLE 11 10 10 NLE NLE A . n 
A 1 12 DNE 12 11 11 DNE NLE A . n 
A 1 13 NLO 13 12 12 NLO NLE A . n 
# 
_pdbx_molecule_features.prd_id    PRD_000106 
_pdbx_molecule_features.name      'BOC-(D-NLE-L-NLE)4-D-NLE(METHYL)-L-NLE-D-NLE-L-NLE METHYL ESTER' 
_pdbx_molecule_features.type      Polypeptide 
_pdbx_molecule_features.class     Antibiotic 
_pdbx_molecule_features.details   ? 
# 
_pdbx_molecule.instance_id   1 
_pdbx_molecule.prd_id        PRD_000106 
_pdbx_molecule.asym_id       A 
# 
loop_
_pdbx_struct_mod_residue.id 
_pdbx_struct_mod_residue.label_asym_id 
_pdbx_struct_mod_residue.label_comp_id 
_pdbx_struct_mod_residue.label_seq_id 
_pdbx_struct_mod_residue.auth_asym_id 
_pdbx_struct_mod_residue.auth_comp_id 
_pdbx_struct_mod_residue.auth_seq_id 
_pdbx_struct_mod_residue.PDB_ins_code 
_pdbx_struct_mod_residue.parent_comp_id 
_pdbx_struct_mod_residue.details 
1 A NLE 3  A NLE 2  ? LEU NORLEUCINE            
2 A NLE 5  A NLE 4  ? LEU NORLEUCINE            
3 A NLE 7  A NLE 6  ? LEU NORLEUCINE            
4 A NLE 9  A NLE 8  ? LEU NORLEUCINE            
5 A NLE 11 A NLE 10 ? LEU NORLEUCINE            
6 A NLO 13 A NLO 12 ? LEU O-METHYL-L-NORLEUCINE 
# 
_pdbx_struct_assembly.id                   1 
_pdbx_struct_assembly.details              author_defined_assembly 
_pdbx_struct_assembly.method_details       ? 
_pdbx_struct_assembly.oligomeric_details   monomeric 
_pdbx_struct_assembly.oligomeric_count     1 
# 
_pdbx_struct_assembly_gen.assembly_id       1 
_pdbx_struct_assembly_gen.oper_expression   1 
_pdbx_struct_assembly_gen.asym_id_list      A 
# 
_pdbx_struct_oper_list.id                   1 
_pdbx_struct_oper_list.type                 'identity operation' 
_pdbx_struct_oper_list.name                 1_555 
_pdbx_struct_oper_list.symmetry_operation   x,y,z 
_pdbx_struct_oper_list.matrix[1][1]         1.0000000000 
_pdbx_struct_oper_list.matrix[1][2]         0.0000000000 
_pdbx_struct_oper_list.matrix[1][3]         0.0000000000 
_pdbx_struct_oper_list.vector[1]            0.0000000000 
_pdbx_struct_oper_list.matrix[2][1]         0.0000000000 
_pdbx_struct_oper_list.matrix[2][2]         1.0000000000 
_pdbx_struct_oper_list.matrix[2][3]         0.0000000000 
_pdbx_struct_oper_list.vector[2]            0.0000000000 
_pdbx_struct_oper_list.matrix[3][1]         0.0000000000 
_pdbx_struct_oper_list.matrix[3][2]         0.0000000000 
_pdbx_struct_oper_list.matrix[3][3]         1.0000000000 
_pdbx_struct_oper_list.vector[3]            0.0000000000 
# 
loop_
_pdbx_audit_revision_history.ordinal 
_pdbx_audit_revision_history.data_content_type 
_pdbx_audit_revision_history.major_revision 
_pdbx_audit_revision_history.minor_revision 
_pdbx_audit_revision_history.revision_date 
1 'Structure model' 1 0 2003-12-02 
2 'Structure model' 1 1 2008-04-29 
3 'Structure model' 1 2 2011-07-13 
4 'Structure model' 1 3 2012-12-12 
5 'Structure model' 1 4 2022-02-09 
6 'Structure model' 2 0 2023-11-15 
# 
_pdbx_audit_revision_details.ordinal             1 
_pdbx_audit_revision_details.revision_ordinal    1 
_pdbx_audit_revision_details.data_content_type   'Structure model' 
_pdbx_audit_revision_details.provider            repository 
_pdbx_audit_revision_details.type                'Initial release' 
_pdbx_audit_revision_details.description         ? 
_pdbx_audit_revision_details.details             ? 
# 
loop_
_pdbx_audit_revision_group.ordinal 
_pdbx_audit_revision_group.revision_ordinal 
_pdbx_audit_revision_group.data_content_type 
_pdbx_audit_revision_group.group 
1 2 'Structure model' 'Version format compliance' 
2 3 'Structure model' 'Version format compliance' 
3 4 'Structure model' Other                       
4 5 'Structure model' 'Data collection'           
5 5 'Structure model' 'Database references'       
6 5 'Structure model' 'Derived calculations'      
7 6 'Structure model' 'Atomic model'              
8 6 'Structure model' 'Data collection'           
9 6 'Structure model' 'Derived calculations'      
# 
loop_
_pdbx_audit_revision_category.ordinal 
_pdbx_audit_revision_category.revision_ordinal 
_pdbx_audit_revision_category.data_content_type 
_pdbx_audit_revision_category.category 
1 5 'Structure model' database_2        
2 5 'Structure model' pdbx_nmr_software 
3 5 'Structure model' struct_conn       
4 6 'Structure model' atom_site         
5 6 'Structure model' chem_comp_atom    
6 6 'Structure model' chem_comp_bond    
7 6 'Structure model' struct_conn       
# 
loop_
_pdbx_audit_revision_item.ordinal 
_pdbx_audit_revision_item.revision_ordinal 
_pdbx_audit_revision_item.data_content_type 
_pdbx_audit_revision_item.item 
1 5 'Structure model' '_database_2.pdbx_DOI'                
2 5 'Structure model' '_database_2.pdbx_database_accession' 
3 5 'Structure model' '_pdbx_nmr_software.name'             
4 5 'Structure model' '_struct_conn.pdbx_leaving_atom_flag' 
5 6 'Structure model' '_atom_site.auth_atom_id'             
6 6 'Structure model' '_atom_site.label_atom_id'            
7 6 'Structure model' '_struct_conn.pdbx_leaving_atom_flag' 
# 
loop_
_pdbx_validate_torsion.id 
_pdbx_validate_torsion.PDB_model_num 
_pdbx_validate_torsion.auth_comp_id 
_pdbx_validate_torsion.auth_asym_id 
_pdbx_validate_torsion.auth_seq_id 
_pdbx_validate_torsion.PDB_ins_code 
_pdbx_validate_torsion.label_alt_id 
_pdbx_validate_torsion.phi 
_pdbx_validate_torsion.psi 
1 1 NLE A 6  ? ? -149.28 53.09  
2 1 DNE A 11 ? ? 111.96  -63.93 
3 2 NLE A 6  ? ? -148.93 52.85  
4 2 DNE A 11 ? ? 111.12  -64.80 
5 3 NLE A 6  ? ? -165.03 69.19  
6 4 NLE A 6  ? ? -163.06 64.51  
7 5 NLE A 6  ? ? -162.97 64.27  
# 
loop_
_pdbx_validate_chiral.id 
_pdbx_validate_chiral.PDB_model_num 
_pdbx_validate_chiral.auth_atom_id 
_pdbx_validate_chiral.label_alt_id 
_pdbx_validate_chiral.auth_asym_id 
_pdbx_validate_chiral.auth_comp_id 
_pdbx_validate_chiral.auth_seq_id 
_pdbx_validate_chiral.PDB_ins_code 
_pdbx_validate_chiral.details 
_pdbx_validate_chiral.omega 
1  1 CA ? A DNE 5 ? 'WRONG HAND' . 
2  1 CA ? A DNM 9 ? 'WRONG HAND' . 
3  2 CA ? A DNE 5 ? 'WRONG HAND' . 
4  2 CA ? A DNM 9 ? 'WRONG HAND' . 
5  3 CA ? A DNE 5 ? 'WRONG HAND' . 
6  3 CA ? A DNM 9 ? 'WRONG HAND' . 
7  4 CA ? A DNE 5 ? 'WRONG HAND' . 
8  4 CA ? A DNM 9 ? 'WRONG HAND' . 
9  5 CA ? A DNE 5 ? 'WRONG HAND' . 
10 5 CA ? A DNM 9 ? 'WRONG HAND' . 
# 
loop_
_pdbx_unobs_or_zero_occ_atoms.id 
_pdbx_unobs_or_zero_occ_atoms.PDB_model_num 
_pdbx_unobs_or_zero_occ_atoms.polymer_flag 
_pdbx_unobs_or_zero_occ_atoms.occupancy_flag 
_pdbx_unobs_or_zero_occ_atoms.auth_asym_id 
_pdbx_unobs_or_zero_occ_atoms.auth_comp_id 
_pdbx_unobs_or_zero_occ_atoms.auth_seq_id 
_pdbx_unobs_or_zero_occ_atoms.PDB_ins_code 
_pdbx_unobs_or_zero_occ_atoms.auth_atom_id 
_pdbx_unobs_or_zero_occ_atoms.label_alt_id 
_pdbx_unobs_or_zero_occ_atoms.label_asym_id 
_pdbx_unobs_or_zero_occ_atoms.label_comp_id 
_pdbx_unobs_or_zero_occ_atoms.label_seq_id 
_pdbx_unobs_or_zero_occ_atoms.label_atom_id 
1 1 Y 1 A NLO 12 ? C1 ? A NLO 13 C1 
2 2 Y 1 A NLO 12 ? C1 ? A NLO 13 C1 
3 3 Y 1 A NLO 12 ? C1 ? A NLO 13 C1 
4 4 Y 1 A NLO 12 ? C1 ? A NLO 13 C1 
5 5 Y 1 A NLO 12 ? C1 ? A NLO 13 C1 
# 
loop_
_pdbx_unobs_or_zero_occ_residues.id 
_pdbx_unobs_or_zero_occ_residues.PDB_model_num 
_pdbx_unobs_or_zero_occ_residues.polymer_flag 
_pdbx_unobs_or_zero_occ_residues.occupancy_flag 
_pdbx_unobs_or_zero_occ_residues.auth_asym_id 
_pdbx_unobs_or_zero_occ_residues.auth_comp_id 
_pdbx_unobs_or_zero_occ_residues.auth_seq_id 
_pdbx_unobs_or_zero_occ_residues.PDB_ins_code 
_pdbx_unobs_or_zero_occ_residues.label_asym_id 
_pdbx_unobs_or_zero_occ_residues.label_comp_id 
_pdbx_unobs_or_zero_occ_residues.label_seq_id 
1 1 Y 1 A BOC 0 ? A BOC 1 
2 2 Y 1 A BOC 0 ? A BOC 1 
3 3 Y 1 A BOC 0 ? A BOC 1 
4 4 Y 1 A BOC 0 ? A BOC 1 
5 5 Y 1 A BOC 0 ? A BOC 1 
# 
loop_
_chem_comp_atom.comp_id 
_chem_comp_atom.atom_id 
_chem_comp_atom.type_symbol 
_chem_comp_atom.pdbx_aromatic_flag 
_chem_comp_atom.pdbx_stereo_config 
_chem_comp_atom.pdbx_ordinal 
BOC O1  O N N 1   
BOC C   C N N 2   
BOC O2  O N N 3   
BOC CT  C N N 4   
BOC C1  C N N 5   
BOC C2  C N N 6   
BOC C3  C N N 7   
BOC O3  O N N 8   
BOC H11 H N N 9   
BOC H12 H N N 10  
BOC H13 H N N 11  
BOC H21 H N N 12  
BOC H22 H N N 13  
BOC H23 H N N 14  
BOC H31 H N N 15  
BOC H32 H N N 16  
BOC H33 H N N 17  
BOC H3  H N N 18  
DNE N   N N N 19  
DNE CA  C N R 20  
DNE C   C N N 21  
DNE O   O N N 22  
DNE CB  C N N 23  
DNE CG  C N N 24  
DNE CD  C N N 25  
DNE CE  C N N 26  
DNE OXT O N N 27  
DNE H   H N N 28  
DNE H2  H N N 29  
DNE HA  H N N 30  
DNE HB2 H N N 31  
DNE HB3 H N N 32  
DNE HG2 H N N 33  
DNE HG3 H N N 34  
DNE HD2 H N N 35  
DNE HD3 H N N 36  
DNE HE1 H N N 37  
DNE HE2 H N N 38  
DNE HE3 H N N 39  
DNE HXT H N N 40  
DNM C   C N N 41  
DNM N   N N N 42  
DNM O   O N N 43  
DNM C1  C N N 44  
DNM CA  C N R 45  
DNM CB  C N N 46  
DNM CD  C N N 47  
DNM CE  C N N 48  
DNM CG  C N N 49  
DNM OXT O N N 50  
DNM HA  H N N 51  
DNM HB  H N N 52  
DNM HBA H N N 53  
DNM H1  H N N 54  
DNM H1A H N N 55  
DNM H1B H N N 56  
DNM HD  H N N 57  
DNM HDA H N N 58  
DNM HE  H N N 59  
DNM HEA H N N 60  
DNM HEB H N N 61  
DNM HG  H N N 62  
DNM HGA H N N 63  
DNM H   H N N 64  
DNM HXT H N N 65  
NLE N   N N N 66  
NLE CA  C N S 67  
NLE C   C N N 68  
NLE O   O N N 69  
NLE OXT O N N 70  
NLE CB  C N N 71  
NLE CG  C N N 72  
NLE CD  C N N 73  
NLE CE  C N N 74  
NLE H   H N N 75  
NLE H2  H N N 76  
NLE HA  H N N 77  
NLE HXT H N N 78  
NLE HB2 H N N 79  
NLE HB3 H N N 80  
NLE HG2 H N N 81  
NLE HG3 H N N 82  
NLE HD2 H N N 83  
NLE HD3 H N N 84  
NLE HE1 H N N 85  
NLE HE2 H N N 86  
NLE HE3 H N N 87  
NLO N   N N N 88  
NLO CA  C N S 89  
NLO C   C N N 90  
NLO O   O N N 91  
NLO CB  C N N 92  
NLO CG  C N N 93  
NLO CD  C N N 94  
NLO CE  C N N 95  
NLO OXT O N N 96  
NLO C1  C N N 97  
NLO H   H N N 98  
NLO H2  H N N 99  
NLO HA  H N N 100 
NLO HB2 H N N 101 
NLO HB3 H N N 102 
NLO HG2 H N N 103 
NLO HG3 H N N 104 
NLO HD2 H N N 105 
NLO HD3 H N N 106 
NLO HE1 H N N 107 
NLO HE2 H N N 108 
NLO HE3 H N N 109 
NLO H11 H N N 110 
NLO H12 H N N 111 
NLO H13 H N N 112 
# 
loop_
_chem_comp_bond.comp_id 
_chem_comp_bond.atom_id_1 
_chem_comp_bond.atom_id_2 
_chem_comp_bond.value_order 
_chem_comp_bond.pdbx_aromatic_flag 
_chem_comp_bond.pdbx_stereo_config 
_chem_comp_bond.pdbx_ordinal 
BOC O1  C   doub N N 1   
BOC C   O2  sing N N 2   
BOC O2  CT  sing N N 3   
BOC CT  C1  sing N N 4   
BOC CT  C2  sing N N 5   
BOC CT  C3  sing N N 6   
BOC O3  C   sing N N 7   
BOC C1  H11 sing N N 8   
BOC C1  H12 sing N N 9   
BOC C1  H13 sing N N 10  
BOC C2  H21 sing N N 11  
BOC C2  H22 sing N N 12  
BOC C2  H23 sing N N 13  
BOC C3  H31 sing N N 14  
BOC C3  H32 sing N N 15  
BOC C3  H33 sing N N 16  
BOC O3  H3  sing N N 17  
DNE N   CA  sing N N 18  
DNE N   H   sing N N 19  
DNE N   H2  sing N N 20  
DNE CA  C   sing N N 21  
DNE CA  CB  sing N N 22  
DNE CA  HA  sing N N 23  
DNE C   O   doub N N 24  
DNE C   OXT sing N N 25  
DNE CB  CG  sing N N 26  
DNE CB  HB2 sing N N 27  
DNE CB  HB3 sing N N 28  
DNE CG  CD  sing N N 29  
DNE CG  HG2 sing N N 30  
DNE CG  HG3 sing N N 31  
DNE CD  CE  sing N N 32  
DNE CD  HD2 sing N N 33  
DNE CD  HD3 sing N N 34  
DNE CE  HE1 sing N N 35  
DNE CE  HE2 sing N N 36  
DNE CE  HE3 sing N N 37  
DNE OXT HXT sing N N 38  
DNM OXT C   sing N N 39  
DNM O   C   doub N N 40  
DNM C   CA  sing N N 41  
DNM CA  N   sing N N 42  
DNM C1  N   sing N N 43  
DNM N   H   sing N N 44  
DNM OXT HXT sing N N 45  
DNM H1  C1  sing N N 46  
DNM C1  H1B sing N N 47  
DNM C1  H1A sing N N 48  
DNM CB  CA  sing N N 49  
DNM CA  HA  sing N N 50  
DNM HB  CB  sing N N 51  
DNM HBA CB  sing N N 52  
DNM CB  CG  sing N N 53  
DNM CE  CD  sing N N 54  
DNM HDA CD  sing N N 55  
DNM CD  HD  sing N N 56  
DNM CD  CG  sing N N 57  
DNM HEA CE  sing N N 58  
DNM HEB CE  sing N N 59  
DNM CE  HE  sing N N 60  
DNM CG  HGA sing N N 61  
DNM CG  HG  sing N N 62  
NLE N   CA  sing N N 63  
NLE N   H   sing N N 64  
NLE N   H2  sing N N 65  
NLE CA  C   sing N N 66  
NLE CA  CB  sing N N 67  
NLE CA  HA  sing N N 68  
NLE C   O   doub N N 69  
NLE C   OXT sing N N 70  
NLE OXT HXT sing N N 71  
NLE CB  CG  sing N N 72  
NLE CB  HB2 sing N N 73  
NLE CB  HB3 sing N N 74  
NLE CG  CD  sing N N 75  
NLE CG  HG2 sing N N 76  
NLE CG  HG3 sing N N 77  
NLE CD  CE  sing N N 78  
NLE CD  HD2 sing N N 79  
NLE CD  HD3 sing N N 80  
NLE CE  HE1 sing N N 81  
NLE CE  HE2 sing N N 82  
NLE CE  HE3 sing N N 83  
NLO N   CA  sing N N 84  
NLO N   H   sing N N 85  
NLO N   H2  sing N N 86  
NLO CA  C   sing N N 87  
NLO CA  CB  sing N N 88  
NLO CA  HA  sing N N 89  
NLO C   O   doub N N 90  
NLO C   OXT sing N N 91  
NLO CB  CG  sing N N 92  
NLO CB  HB2 sing N N 93  
NLO CB  HB3 sing N N 94  
NLO CG  CD  sing N N 95  
NLO CG  HG2 sing N N 96  
NLO CG  HG3 sing N N 97  
NLO CD  CE  sing N N 98  
NLO CD  HD2 sing N N 99  
NLO CD  HD3 sing N N 100 
NLO CE  HE1 sing N N 101 
NLO CE  HE2 sing N N 102 
NLO CE  HE3 sing N N 103 
NLO OXT C1  sing N N 104 
NLO C1  H11 sing N N 105 
NLO C1  H12 sing N N 106 
NLO C1  H13 sing N N 107 
# 
